data_2LZL
#
_entry.id   2LZL
#
_cell.length_a   1.000
_cell.length_b   1.000
_cell.length_c   1.000
_cell.angle_alpha   90.00
_cell.angle_beta   90.00
_cell.angle_gamma   90.00
#
_symmetry.space_group_name_H-M   'P 1'
#
_entity_poly.entity_id   1
_entity_poly.type   'polypeptide(L)'
_entity_poly.pdbx_seq_one_letter_code
;LPAEEELVEADEAGSVYAGILSYGVGFFLFILVVAAVTLCRLR
;
_entity_poly.pdbx_strand_id   A,B
#
# COMPACT_ATOMS: atom_id res chain seq x y z
N LEU A 1 14.34 22.20 16.46
CA LEU A 1 13.57 21.56 15.42
C LEU A 1 12.32 22.37 15.07
N PRO A 2 12.53 23.51 14.40
CA PRO A 2 11.44 24.41 14.00
C PRO A 2 10.58 23.80 12.89
N ALA A 3 11.18 22.94 12.09
CA ALA A 3 10.47 22.29 10.99
C ALA A 3 9.33 21.41 11.52
N GLU A 4 8.27 21.29 10.73
CA GLU A 4 7.12 20.48 11.12
C GLU A 4 6.34 20.02 9.90
N GLU A 5 5.40 19.09 10.11
CA GLU A 5 4.59 18.56 9.03
C GLU A 5 3.35 19.42 8.81
N GLU A 6 2.68 19.22 7.67
CA GLU A 6 1.48 19.98 7.34
C GLU A 6 0.71 19.31 6.21
N LEU A 7 -0.57 19.62 6.11
CA LEU A 7 -1.43 19.04 5.07
C LEU A 7 -2.12 20.14 4.27
N VAL A 8 -2.26 19.92 2.97
CA VAL A 8 -2.90 20.89 2.09
C VAL A 8 -3.50 20.20 0.87
N GLU A 9 -4.58 20.79 0.34
CA GLU A 9 -5.24 20.23 -0.83
C GLU A 9 -4.36 20.33 -2.07
N ALA A 10 -3.93 19.18 -2.58
CA ALA A 10 -3.08 19.14 -3.76
C ALA A 10 -3.13 17.77 -4.43
N ASP A 11 -2.64 17.70 -5.67
CA ASP A 11 -2.64 16.45 -6.41
C ASP A 11 -1.22 15.90 -6.55
N GLU A 12 -1.01 14.68 -6.07
CA GLU A 12 0.30 14.06 -6.13
C GLU A 12 0.18 12.53 -6.09
N ALA A 13 1.25 11.85 -6.46
CA ALA A 13 1.27 10.40 -6.46
C ALA A 13 0.15 9.84 -7.35
N GLY A 14 -0.14 10.54 -8.43
CA GLY A 14 -1.19 10.10 -9.33
C GLY A 14 -0.93 8.70 -9.88
N SER A 15 -0.21 8.64 -11.00
CA SER A 15 0.09 7.36 -11.62
C SER A 15 1.57 7.00 -11.45
N VAL A 16 2.26 7.78 -10.62
CA VAL A 16 3.69 7.54 -10.37
C VAL A 16 3.89 6.58 -9.22
N TYR A 17 3.48 6.99 -8.02
CA TYR A 17 3.63 6.16 -6.83
C TYR A 17 2.71 4.94 -6.90
N ALA A 18 1.58 5.10 -7.60
CA ALA A 18 0.62 4.02 -7.74
C ALA A 18 1.29 2.74 -8.23
N GLY A 19 2.37 2.90 -8.99
CA GLY A 19 3.09 1.75 -9.51
C GLY A 19 3.60 0.84 -8.41
N ILE A 20 3.87 1.42 -7.24
CA ILE A 20 4.36 0.66 -6.10
C ILE A 20 3.22 -0.02 -5.36
N LEU A 21 2.03 0.54 -5.47
CA LEU A 21 0.85 -0.01 -4.81
C LEU A 21 0.50 -1.38 -5.39
N SER A 22 0.70 -1.54 -6.68
CA SER A 22 0.40 -2.80 -7.36
C SER A 22 1.01 -3.98 -6.60
N TYR A 23 2.15 -3.72 -5.96
CA TYR A 23 2.84 -4.76 -5.21
C TYR A 23 2.04 -5.17 -3.98
N GLY A 24 1.68 -4.18 -3.16
CA GLY A 24 0.92 -4.45 -1.96
C GLY A 24 -0.51 -4.90 -2.27
N VAL A 25 -1.22 -4.09 -3.05
CA VAL A 25 -2.59 -4.40 -3.42
C VAL A 25 -2.66 -5.66 -4.28
N GLY A 26 -1.89 -5.67 -5.35
CA GLY A 26 -1.88 -6.82 -6.24
C GLY A 26 -1.63 -8.12 -5.52
N PHE A 27 -0.63 -8.12 -4.63
CA PHE A 27 -0.29 -9.31 -3.86
C PHE A 27 -1.41 -9.67 -2.89
N PHE A 28 -2.10 -8.65 -2.39
CA PHE A 28 -3.20 -8.87 -1.45
C PHE A 28 -4.30 -9.70 -2.09
N LEU A 29 -4.75 -9.28 -3.27
CA LEU A 29 -5.81 -9.99 -3.99
C LEU A 29 -5.35 -11.39 -4.38
N PHE A 30 -4.18 -11.48 -4.98
CA PHE A 30 -3.62 -12.76 -5.40
C PHE A 30 -3.43 -13.69 -4.20
N ILE A 31 -3.03 -13.12 -3.08
CA ILE A 31 -2.80 -13.88 -1.86
C ILE A 31 -4.12 -14.34 -1.24
N LEU A 32 -5.14 -13.50 -1.37
CA LEU A 32 -6.47 -13.81 -0.82
C LEU A 32 -7.05 -15.06 -1.50
N VAL A 33 -6.98 -15.08 -2.83
CA VAL A 33 -7.50 -16.22 -3.59
C VAL A 33 -6.57 -17.42 -3.49
N VAL A 34 -5.27 -17.15 -3.49
CA VAL A 34 -4.27 -18.21 -3.40
C VAL A 34 -4.27 -18.86 -2.02
N ALA A 35 -4.13 -18.03 -1.00
CA ALA A 35 -4.12 -18.52 0.38
C ALA A 35 -5.44 -19.22 0.72
N ALA A 36 -6.54 -18.61 0.32
CA ALA A 36 -7.87 -19.18 0.58
C ALA A 36 -7.98 -20.59 0.02
N VAL A 37 -7.61 -20.74 -1.25
CA VAL A 37 -7.68 -22.05 -1.90
C VAL A 37 -6.70 -23.03 -1.28
N THR A 38 -5.43 -22.64 -1.22
CA THR A 38 -4.40 -23.49 -0.65
C THR A 38 -4.75 -23.90 0.77
N LEU A 39 -5.29 -22.95 1.55
CA LEU A 39 -5.68 -23.21 2.93
C LEU A 39 -6.91 -24.11 2.99
N CYS A 40 -7.91 -23.79 2.18
CA CYS A 40 -9.15 -24.56 2.13
C CYS A 40 -8.87 -26.00 1.73
N ARG A 41 -8.03 -26.17 0.71
CA ARG A 41 -7.69 -27.50 0.22
C ARG A 41 -6.88 -28.27 1.25
N LEU A 42 -6.23 -27.54 2.15
CA LEU A 42 -5.41 -28.15 3.19
C LEU A 42 -6.22 -29.20 3.95
N ARG A 43 -7.21 -28.74 4.71
CA ARG A 43 -8.05 -29.64 5.49
C ARG A 43 -8.70 -30.70 4.60
N LEU B 1 21.83 42.08 12.51
CA LEU B 1 21.65 40.64 12.55
C LEU B 1 20.53 40.19 11.61
N PRO B 2 20.80 40.25 10.30
CA PRO B 2 19.84 39.86 9.27
C PRO B 2 19.58 38.36 9.25
N ALA B 3 18.47 37.96 8.65
CA ALA B 3 18.12 36.54 8.57
C ALA B 3 18.49 35.96 7.21
N GLU B 4 19.07 34.76 7.21
CA GLU B 4 19.49 34.10 5.99
C GLU B 4 18.31 33.38 5.33
N GLU B 5 18.13 33.61 4.04
CA GLU B 5 17.03 32.98 3.30
C GLU B 5 17.11 31.45 3.42
N GLU B 6 16.13 30.88 4.09
CA GLU B 6 16.08 29.43 4.27
C GLU B 6 14.94 28.82 3.45
N LEU B 7 15.28 27.80 2.65
CA LEU B 7 14.29 27.14 1.82
C LEU B 7 13.26 26.41 2.67
N VAL B 8 12.11 26.10 2.08
CA VAL B 8 11.04 25.40 2.78
C VAL B 8 10.60 24.15 2.02
N GLU B 9 9.99 23.22 2.73
CA GLU B 9 9.52 21.98 2.13
C GLU B 9 8.09 21.67 2.56
N ALA B 10 7.24 21.34 1.60
CA ALA B 10 5.84 21.02 1.88
C ALA B 10 5.61 19.51 1.84
N ASP B 11 4.63 19.04 2.60
CA ASP B 11 4.30 17.63 2.64
C ASP B 11 3.08 17.32 1.79
N GLU B 12 3.25 16.46 0.79
CA GLU B 12 2.16 16.08 -0.10
C GLU B 12 2.29 14.63 -0.52
N ALA B 13 1.19 13.87 -0.37
CA ALA B 13 1.18 12.46 -0.75
C ALA B 13 2.32 11.71 -0.08
N GLY B 14 2.72 12.16 1.11
CA GLY B 14 3.79 11.52 1.83
C GLY B 14 3.30 10.65 2.96
N SER B 15 2.80 11.29 4.02
CA SER B 15 2.30 10.57 5.17
C SER B 15 0.78 10.42 5.11
N VAL B 16 0.19 10.90 4.01
CA VAL B 16 -1.25 10.83 3.82
C VAL B 16 -1.65 9.53 3.12
N TYR B 17 -1.22 9.38 1.87
CA TYR B 17 -1.54 8.20 1.10
C TYR B 17 -0.82 6.97 1.66
N ALA B 18 0.32 7.20 2.28
CA ALA B 18 1.11 6.11 2.87
C ALA B 18 0.25 5.25 3.78
N GLY B 19 -0.76 5.87 4.39
CA GLY B 19 -1.65 5.13 5.28
C GLY B 19 -2.33 3.97 4.59
N ILE B 20 -2.53 4.09 3.29
CA ILE B 20 -3.18 3.04 2.51
C ILE B 20 -2.18 1.94 2.13
N LEU B 21 -0.91 2.31 2.06
CA LEU B 21 0.14 1.36 1.71
C LEU B 21 0.28 0.29 2.78
N SER B 22 0.11 0.69 4.03
CA SER B 22 0.23 -0.25 5.14
C SER B 22 -0.59 -1.51 4.89
N TYR B 23 -1.69 -1.36 4.17
CA TYR B 23 -2.56 -2.48 3.85
C TYR B 23 -1.87 -3.45 2.89
N GLY B 24 -1.39 -2.93 1.77
CA GLY B 24 -0.71 -3.76 0.80
C GLY B 24 0.64 -4.27 1.29
N VAL B 25 1.48 -3.35 1.72
CA VAL B 25 2.80 -3.70 2.23
C VAL B 25 2.70 -4.52 3.51
N GLY B 26 1.97 -3.99 4.49
CA GLY B 26 1.81 -4.69 5.75
C GLY B 26 1.33 -6.12 5.56
N PHE B 27 0.33 -6.30 4.73
CA PHE B 27 -0.23 -7.63 4.46
C PHE B 27 0.80 -8.51 3.75
N PHE B 28 1.62 -7.88 2.92
CA PHE B 28 2.64 -8.61 2.17
C PHE B 28 3.63 -9.30 3.12
N LEU B 29 4.17 -8.53 4.06
CA LEU B 29 5.12 -9.06 5.02
C LEU B 29 4.47 -10.11 5.91
N PHE B 30 3.31 -9.77 6.46
CA PHE B 30 2.58 -10.69 7.33
C PHE B 30 2.20 -11.96 6.58
N ILE B 31 1.87 -11.82 5.30
CA ILE B 31 1.49 -12.95 4.47
C ILE B 31 2.70 -13.81 4.12
N LEU B 32 3.85 -13.15 3.94
CA LEU B 32 5.07 -13.86 3.60
C LEU B 32 5.48 -14.81 4.72
N VAL B 33 5.46 -14.33 5.96
CA VAL B 33 5.81 -15.14 7.11
C VAL B 33 4.70 -16.12 7.46
N VAL B 34 3.46 -15.67 7.32
CA VAL B 34 2.31 -16.52 7.62
C VAL B 34 2.17 -17.64 6.59
N ALA B 35 2.13 -17.26 5.32
CA ALA B 35 1.99 -18.24 4.25
C ALA B 35 3.17 -19.21 4.23
N ALA B 36 4.37 -18.67 4.42
CA ALA B 36 5.58 -19.49 4.42
C ALA B 36 5.49 -20.58 5.50
N VAL B 37 5.14 -20.18 6.71
CA VAL B 37 5.02 -21.11 7.82
C VAL B 37 3.88 -22.10 7.59
N THR B 38 2.68 -21.57 7.36
CA THR B 38 1.51 -22.40 7.12
C THR B 38 1.75 -23.38 5.97
N LEU B 39 2.41 -22.90 4.92
CA LEU B 39 2.70 -23.73 3.76
C LEU B 39 3.78 -24.77 4.09
N CYS B 40 4.86 -24.31 4.73
CA CYS B 40 5.95 -25.19 5.11
C CYS B 40 5.47 -26.30 6.03
N ARG B 41 4.65 -25.92 7.02
CA ARG B 41 4.12 -26.89 7.98
C ARG B 41 3.17 -27.87 7.29
N LEU B 42 2.61 -27.45 6.16
CA LEU B 42 1.68 -28.28 5.40
C LEU B 42 2.43 -29.34 4.60
N ARG B 43 3.66 -29.02 4.22
CA ARG B 43 4.49 -29.95 3.44
C ARG B 43 4.55 -31.31 4.12
N LEU A 1 14.97 23.04 17.27
CA LEU A 1 13.65 22.79 17.84
C LEU A 1 12.57 22.87 16.77
N PRO A 2 12.57 21.87 15.86
CA PRO A 2 11.60 21.80 14.77
C PRO A 2 10.20 21.47 15.26
N ALA A 3 9.22 22.24 14.80
CA ALA A 3 7.83 22.04 15.19
C ALA A 3 7.19 20.93 14.37
N GLU A 4 6.52 20.00 15.05
CA GLU A 4 5.85 18.88 14.39
C GLU A 4 4.34 19.06 14.40
N GLU A 5 3.76 19.18 13.22
CA GLU A 5 2.31 19.36 13.09
C GLU A 5 1.71 18.32 12.15
N GLU A 6 0.40 18.12 12.25
CA GLU A 6 -0.29 17.15 11.41
C GLU A 6 -1.27 17.85 10.47
N LEU A 7 -1.05 17.70 9.17
CA LEU A 7 -1.91 18.32 8.17
C LEU A 7 -2.35 17.29 7.13
N VAL A 8 -3.23 17.72 6.23
CA VAL A 8 -3.73 16.84 5.17
C VAL A 8 -3.62 17.50 3.81
N GLU A 9 -2.67 17.05 3.00
CA GLU A 9 -2.47 17.59 1.66
C GLU A 9 -1.53 16.70 0.84
N ALA A 10 -1.43 17.00 -0.45
CA ALA A 10 -0.56 16.23 -1.34
C ALA A 10 0.10 17.14 -2.36
N ASP A 11 1.43 17.03 -2.46
CA ASP A 11 2.19 17.85 -3.40
C ASP A 11 2.19 17.22 -4.79
N GLU A 12 2.74 16.02 -4.89
CA GLU A 12 2.81 15.31 -6.17
C GLU A 12 2.55 13.82 -5.97
N ALA A 13 1.44 13.33 -6.49
CA ALA A 13 1.09 11.92 -6.38
C ALA A 13 -0.15 11.60 -7.20
N GLY A 14 -0.24 10.35 -7.66
CA GLY A 14 -1.38 9.93 -8.46
C GLY A 14 -1.11 8.67 -9.25
N SER A 15 -0.46 8.82 -10.40
CA SER A 15 -0.15 7.69 -11.25
C SER A 15 1.34 7.33 -11.16
N VAL A 16 2.05 8.04 -10.29
CA VAL A 16 3.48 7.80 -10.10
C VAL A 16 3.73 6.77 -9.02
N TYR A 17 3.36 7.11 -7.78
CA TYR A 17 3.53 6.21 -6.64
C TYR A 17 2.60 5.00 -6.76
N ALA A 18 1.48 5.19 -7.43
CA ALA A 18 0.50 4.12 -7.61
C ALA A 18 1.17 2.86 -8.15
N GLY A 19 2.25 3.04 -8.90
CA GLY A 19 2.96 1.91 -9.47
C GLY A 19 3.48 0.97 -8.41
N ILE A 20 3.76 1.50 -7.22
CA ILE A 20 4.27 0.71 -6.12
C ILE A 20 3.14 0.00 -5.38
N LEU A 21 1.95 0.58 -5.45
CA LEU A 21 0.78 0.00 -4.79
C LEU A 21 0.44 -1.37 -5.38
N SER A 22 0.63 -1.51 -6.69
CA SER A 22 0.34 -2.76 -7.38
C SER A 22 0.97 -3.94 -6.64
N TYR A 23 2.11 -3.69 -6.01
CA TYR A 23 2.81 -4.73 -5.25
C TYR A 23 2.02 -5.14 -4.02
N GLY A 24 1.67 -4.17 -3.19
CA GLY A 24 0.92 -4.45 -1.99
C GLY A 24 -0.50 -4.90 -2.29
N VAL A 25 -1.23 -4.10 -3.06
CA VAL A 25 -2.61 -4.42 -3.42
C VAL A 25 -2.67 -5.68 -4.28
N GLY A 26 -1.90 -5.69 -5.36
CA GLY A 26 -1.89 -6.84 -6.25
C GLY A 26 -1.63 -8.14 -5.51
N PHE A 27 -0.64 -8.14 -4.63
CA PHE A 27 -0.29 -9.32 -3.86
C PHE A 27 -1.41 -9.69 -2.89
N PHE A 28 -2.11 -8.67 -2.39
CA PHE A 28 -3.21 -8.89 -1.46
C PHE A 28 -4.31 -9.72 -2.10
N LEU A 29 -4.75 -9.30 -3.28
CA LEU A 29 -5.81 -10.01 -3.99
C LEU A 29 -5.35 -11.41 -4.38
N PHE A 30 -4.17 -11.51 -4.98
CA PHE A 30 -3.62 -12.79 -5.40
C PHE A 30 -3.42 -13.72 -4.21
N ILE A 31 -3.03 -13.13 -3.07
CA ILE A 31 -2.80 -13.90 -1.86
C ILE A 31 -4.12 -14.36 -1.25
N LEU A 32 -5.14 -13.53 -1.37
CA LEU A 32 -6.47 -13.85 -0.83
C LEU A 32 -7.04 -15.09 -1.50
N VAL A 33 -6.97 -15.12 -2.83
CA VAL A 33 -7.48 -16.24 -3.60
C VAL A 33 -6.55 -17.45 -3.51
N VAL A 34 -5.25 -17.17 -3.50
CA VAL A 34 -4.25 -18.23 -3.41
C VAL A 34 -4.26 -18.88 -2.03
N ALA A 35 -4.12 -18.06 -1.00
CA ALA A 35 -4.10 -18.54 0.38
C ALA A 35 -5.42 -19.25 0.72
N ALA A 36 -6.53 -18.64 0.31
CA ALA A 36 -7.85 -19.22 0.57
C ALA A 36 -7.95 -20.63 0.00
N VAL A 37 -7.59 -20.78 -1.27
CA VAL A 37 -7.64 -22.08 -1.94
C VAL A 37 -6.67 -23.06 -1.30
N THR A 38 -5.39 -22.66 -1.25
CA THR A 38 -4.36 -23.51 -0.66
C THR A 38 -4.71 -23.93 0.76
N LEU A 39 -5.26 -22.99 1.52
CA LEU A 39 -5.65 -23.26 2.91
C LEU A 39 -6.87 -24.16 2.96
N CYS A 40 -7.86 -23.85 2.13
CA CYS A 40 -9.09 -24.63 2.09
C CYS A 40 -8.80 -26.08 1.67
N ARG A 41 -7.97 -26.23 0.65
CA ARG A 41 -7.60 -27.56 0.15
C ARG A 41 -6.80 -28.32 1.19
N LEU A 42 -6.17 -27.59 2.10
CA LEU A 42 -5.36 -28.21 3.16
C LEU A 42 -6.16 -29.30 3.89
N ARG A 43 -7.19 -28.87 4.61
CA ARG A 43 -8.02 -29.81 5.35
C ARG A 43 -8.53 -30.93 4.46
N LEU B 1 -3.70 44.45 14.76
CA LEU B 1 -3.95 43.49 13.69
C LEU B 1 -2.81 42.49 13.57
N PRO B 2 -3.10 41.34 12.94
CA PRO B 2 -2.10 40.27 12.75
C PRO B 2 -1.01 40.66 11.75
N ALA B 3 -0.07 39.76 11.53
CA ALA B 3 1.02 40.01 10.61
C ALA B 3 0.93 39.10 9.38
N GLU B 4 0.87 39.71 8.20
CA GLU B 4 0.77 38.95 6.95
C GLU B 4 2.13 38.40 6.55
N GLU B 5 2.15 37.14 6.14
CA GLU B 5 3.40 36.50 5.73
C GLU B 5 3.12 35.39 4.70
N GLU B 6 4.08 35.17 3.80
CA GLU B 6 3.93 34.15 2.77
C GLU B 6 4.72 32.90 3.15
N LEU B 7 4.04 31.76 3.16
CA LEU B 7 4.68 30.49 3.50
C LEU B 7 4.03 29.34 2.74
N VAL B 8 4.87 28.49 2.14
CA VAL B 8 4.37 27.34 1.39
C VAL B 8 4.57 26.05 2.16
N GLU B 9 3.54 25.21 2.17
CA GLU B 9 3.59 23.94 2.88
C GLU B 9 4.66 23.03 2.29
N ALA B 10 5.01 21.98 3.03
CA ALA B 10 6.03 21.03 2.58
C ALA B 10 5.79 19.65 3.16
N ASP B 11 6.55 18.67 2.69
CA ASP B 11 6.42 17.29 3.17
C ASP B 11 5.02 16.75 2.88
N GLU B 12 4.43 17.21 1.79
CA GLU B 12 3.09 16.77 1.40
C GLU B 12 3.17 15.45 0.65
N ALA B 13 2.02 14.77 0.55
CA ALA B 13 1.95 13.49 -0.15
C ALA B 13 3.02 12.52 0.35
N GLY B 14 3.08 12.36 1.68
CA GLY B 14 4.06 11.47 2.26
C GLY B 14 3.48 10.58 3.34
N SER B 15 2.78 11.19 4.29
CA SER B 15 2.16 10.45 5.38
C SER B 15 0.66 10.30 5.17
N VAL B 16 0.19 10.81 4.04
CA VAL B 16 -1.24 10.74 3.71
C VAL B 16 -1.55 9.47 2.93
N TYR B 17 -1.01 9.37 1.73
CA TYR B 17 -1.24 8.19 0.88
C TYR B 17 -0.55 6.97 1.45
N ALA B 18 0.57 7.18 2.14
CA ALA B 18 1.32 6.09 2.75
C ALA B 18 0.44 5.26 3.67
N GLY B 19 -0.61 5.90 4.21
CA GLY B 19 -1.51 5.21 5.11
C GLY B 19 -2.21 4.05 4.45
N ILE B 20 -2.40 4.14 3.13
CA ILE B 20 -3.07 3.08 2.39
C ILE B 20 -2.09 1.97 2.03
N LEU B 21 -0.81 2.31 1.94
CA LEU B 21 0.23 1.34 1.62
C LEU B 21 0.35 0.28 2.71
N SER B 22 0.17 0.71 3.96
CA SER B 22 0.28 -0.20 5.09
C SER B 22 -0.55 -1.46 4.85
N TYR B 23 -1.65 -1.31 4.13
CA TYR B 23 -2.53 -2.44 3.83
C TYR B 23 -1.85 -3.42 2.89
N GLY B 24 -1.37 -2.92 1.76
CA GLY B 24 -0.71 -3.77 0.79
C GLY B 24 0.63 -4.28 1.29
N VAL B 25 1.49 -3.37 1.73
CA VAL B 25 2.81 -3.73 2.23
C VAL B 25 2.70 -4.54 3.51
N GLY B 26 1.97 -4.00 4.49
CA GLY B 26 1.79 -4.70 5.76
C GLY B 26 1.32 -6.13 5.57
N PHE B 27 0.32 -6.31 4.72
CA PHE B 27 -0.23 -7.64 4.47
C PHE B 27 0.80 -8.52 3.75
N PHE B 28 1.62 -7.90 2.93
CA PHE B 28 2.65 -8.63 2.19
C PHE B 28 3.63 -9.31 3.14
N LEU B 29 4.16 -8.54 4.08
CA LEU B 29 5.11 -9.07 5.06
C LEU B 29 4.46 -10.12 5.94
N PHE B 30 3.29 -9.79 6.48
CA PHE B 30 2.56 -10.71 7.35
C PHE B 30 2.17 -11.98 6.59
N ILE B 31 1.85 -11.82 5.32
CA ILE B 31 1.47 -12.97 4.48
C ILE B 31 2.69 -13.82 4.14
N LEU B 32 3.83 -13.18 3.97
CA LEU B 32 5.06 -13.88 3.64
C LEU B 32 5.46 -14.84 4.75
N VAL B 33 5.43 -14.34 5.99
CA VAL B 33 5.78 -15.15 7.15
C VAL B 33 4.67 -16.13 7.49
N VAL B 34 3.43 -15.69 7.33
CA VAL B 34 2.28 -16.53 7.64
C VAL B 34 2.14 -17.65 6.61
N ALA B 35 2.10 -17.28 5.33
CA ALA B 35 1.97 -18.26 4.26
C ALA B 35 3.15 -19.23 4.26
N ALA B 36 4.34 -18.70 4.44
CA ALA B 36 5.55 -19.52 4.46
C ALA B 36 5.46 -20.60 5.54
N VAL B 37 5.12 -20.18 6.75
CA VAL B 37 4.99 -21.11 7.86
C VAL B 37 3.85 -22.10 7.65
N THR B 38 2.65 -21.56 7.40
CA THR B 38 1.48 -22.39 7.16
C THR B 38 1.73 -23.38 6.02
N LEU B 39 2.38 -22.91 4.97
CA LEU B 39 2.67 -23.75 3.82
C LEU B 39 3.75 -24.78 4.15
N CYS B 40 4.80 -24.34 4.82
CA CYS B 40 5.90 -25.22 5.20
C CYS B 40 5.41 -26.32 6.14
N ARG B 41 4.59 -25.93 7.11
CA ARG B 41 4.05 -26.89 8.07
C ARG B 41 3.10 -27.87 7.40
N LEU B 42 2.54 -27.46 6.26
CA LEU B 42 1.61 -28.30 5.51
C LEU B 42 2.36 -29.38 4.74
N ARG B 43 3.56 -29.05 4.28
CA ARG B 43 4.38 -29.99 3.54
C ARG B 43 5.52 -30.52 4.38
N LEU A 1 -30.22 23.33 -1.75
CA LEU A 1 -28.89 22.79 -1.47
C LEU A 1 -28.36 21.98 -2.65
N PRO A 2 -27.98 22.69 -3.72
CA PRO A 2 -27.45 22.06 -4.93
C PRO A 2 -26.07 21.46 -4.73
N ALA A 3 -25.62 20.66 -5.68
CA ALA A 3 -24.31 20.02 -5.60
C ALA A 3 -23.88 19.47 -6.95
N GLU A 4 -22.57 19.35 -7.14
CA GLU A 4 -22.03 18.84 -8.40
C GLU A 4 -20.58 18.41 -8.24
N GLU A 5 -20.05 17.72 -9.23
CA GLU A 5 -18.67 17.25 -9.19
C GLU A 5 -17.90 17.69 -10.44
N GLU A 6 -16.58 17.81 -10.31
CA GLU A 6 -15.74 18.24 -11.43
C GLU A 6 -14.38 17.55 -11.37
N LEU A 7 -13.54 17.83 -12.36
CA LEU A 7 -12.21 17.25 -12.42
C LEU A 7 -11.23 18.19 -13.12
N VAL A 8 -9.94 18.00 -12.85
CA VAL A 8 -8.90 18.83 -13.44
C VAL A 8 -7.75 17.98 -13.96
N GLU A 9 -7.07 18.48 -14.98
CA GLU A 9 -5.94 17.76 -15.57
C GLU A 9 -4.63 18.48 -15.26
N ALA A 10 -3.68 17.74 -14.69
CA ALA A 10 -2.38 18.30 -14.34
C ALA A 10 -1.40 17.20 -13.93
N ASP A 11 -0.15 17.58 -13.73
CA ASP A 11 0.89 16.63 -13.34
C ASP A 11 1.22 16.75 -11.86
N GLU A 12 1.06 15.65 -11.13
CA GLU A 12 1.34 15.64 -9.69
C GLU A 12 1.52 14.22 -9.20
N ALA A 13 1.81 14.09 -7.90
CA ALA A 13 2.01 12.77 -7.29
C ALA A 13 0.73 11.95 -7.32
N GLY A 14 0.57 11.14 -8.36
CA GLY A 14 -0.61 10.32 -8.48
C GLY A 14 -0.31 8.96 -9.08
N SER A 15 0.08 8.95 -10.35
CA SER A 15 0.38 7.71 -11.05
C SER A 15 1.82 7.26 -10.75
N VAL A 16 2.51 8.04 -9.92
CA VAL A 16 3.88 7.72 -9.55
C VAL A 16 3.92 6.82 -8.32
N TYR A 17 3.48 7.35 -7.19
CA TYR A 17 3.47 6.59 -5.94
C TYR A 17 2.47 5.43 -6.02
N ALA A 18 1.41 5.62 -6.78
CA ALA A 18 0.39 4.59 -6.94
C ALA A 18 0.96 3.35 -7.61
N GLY A 19 2.05 3.53 -8.34
CA GLY A 19 2.68 2.41 -9.02
C GLY A 19 3.24 1.38 -8.06
N ILE A 20 3.56 1.82 -6.85
CA ILE A 20 4.11 0.93 -5.83
C ILE A 20 2.99 0.17 -5.12
N LEU A 21 1.79 0.71 -5.16
CA LEU A 21 0.64 0.09 -4.51
C LEU A 21 0.30 -1.24 -5.18
N SER A 22 0.48 -1.30 -6.49
CA SER A 22 0.20 -2.52 -7.25
C SER A 22 0.84 -3.73 -6.60
N TYR A 23 2.01 -3.52 -5.99
CA TYR A 23 2.73 -4.58 -5.32
C TYR A 23 1.97 -5.08 -4.09
N GLY A 24 1.62 -4.15 -3.21
CA GLY A 24 0.90 -4.51 -2.01
C GLY A 24 -0.51 -4.97 -2.29
N VAL A 25 -1.26 -4.17 -3.04
CA VAL A 25 -2.64 -4.51 -3.39
C VAL A 25 -2.69 -5.75 -4.25
N GLY A 26 -1.92 -5.75 -5.34
CA GLY A 26 -1.90 -6.90 -6.23
C GLY A 26 -1.65 -8.21 -5.50
N PHE A 27 -0.64 -8.20 -4.62
CA PHE A 27 -0.30 -9.40 -3.85
C PHE A 27 -1.42 -9.77 -2.90
N PHE A 28 -2.13 -8.76 -2.39
CA PHE A 28 -3.22 -8.98 -1.46
C PHE A 28 -4.32 -9.82 -2.11
N LEU A 29 -4.77 -9.39 -3.28
CA LEU A 29 -5.82 -10.11 -4.00
C LEU A 29 -5.36 -11.51 -4.39
N PHE A 30 -4.17 -11.60 -4.98
CA PHE A 30 -3.62 -12.88 -5.40
C PHE A 30 -3.41 -13.79 -4.19
N ILE A 31 -3.03 -13.22 -3.07
CA ILE A 31 -2.81 -13.98 -1.84
C ILE A 31 -4.12 -14.44 -1.23
N LEU A 32 -5.15 -13.60 -1.36
CA LEU A 32 -6.46 -13.92 -0.82
C LEU A 32 -7.05 -15.16 -1.50
N VAL A 33 -6.98 -15.19 -2.82
CA VAL A 33 -7.49 -16.33 -3.59
C VAL A 33 -6.55 -17.53 -3.48
N VAL A 34 -5.25 -17.26 -3.48
CA VAL A 34 -4.26 -18.32 -3.38
C VAL A 34 -4.26 -18.96 -2.01
N ALA A 35 -4.12 -18.13 -0.97
CA ALA A 35 -4.12 -18.62 0.40
C ALA A 35 -5.42 -19.32 0.75
N ALA A 36 -6.54 -18.71 0.34
CA ALA A 36 -7.85 -19.28 0.60
C ALA A 36 -7.96 -20.70 0.04
N VAL A 37 -7.60 -20.85 -1.23
CA VAL A 37 -7.66 -22.16 -1.88
C VAL A 37 -6.67 -23.13 -1.25
N THR A 38 -5.41 -22.74 -1.19
CA THR A 38 -4.36 -23.59 -0.61
C THR A 38 -4.73 -24.00 0.81
N LEU A 39 -5.27 -23.05 1.57
CA LEU A 39 -5.66 -23.31 2.96
C LEU A 39 -6.88 -24.21 3.02
N CYS A 40 -7.89 -23.89 2.21
CA CYS A 40 -9.11 -24.67 2.16
C CYS A 40 -8.84 -26.11 1.76
N ARG A 41 -8.00 -26.27 0.74
CA ARG A 41 -7.65 -27.61 0.25
C ARG A 41 -6.83 -28.38 1.28
N LEU A 42 -6.18 -27.63 2.18
CA LEU A 42 -5.37 -28.24 3.23
C LEU A 42 -6.16 -29.30 3.98
N ARG A 43 -7.40 -28.97 4.35
CA ARG A 43 -8.26 -29.90 5.07
C ARG A 43 -8.88 -30.91 4.12
N LEU B 1 -18.92 31.39 1.50
CA LEU B 1 -18.91 30.01 1.02
C LEU B 1 -19.51 29.07 2.06
N PRO B 2 -19.94 27.89 1.60
CA PRO B 2 -20.54 26.87 2.48
C PRO B 2 -19.52 26.24 3.43
N ALA B 3 -18.26 26.24 3.01
CA ALA B 3 -17.19 25.67 3.82
C ALA B 3 -16.24 26.75 4.31
N GLU B 4 -15.34 26.38 5.21
CA GLU B 4 -14.37 27.32 5.77
C GLU B 4 -12.98 27.04 5.23
N GLU B 5 -12.11 28.05 5.31
CA GLU B 5 -10.73 27.91 4.83
C GLU B 5 -9.81 27.47 5.96
N GLU B 6 -9.00 26.45 5.69
CA GLU B 6 -8.06 25.93 6.68
C GLU B 6 -6.64 26.33 6.34
N LEU B 7 -5.92 26.87 7.32
CA LEU B 7 -4.54 27.29 7.13
C LEU B 7 -3.61 26.08 7.07
N VAL B 8 -2.80 26.00 6.02
CA VAL B 8 -1.86 24.91 5.85
C VAL B 8 -0.50 25.41 5.37
N GLU B 9 0.56 24.89 5.97
CA GLU B 9 1.92 25.29 5.59
C GLU B 9 2.46 24.40 4.48
N ALA B 10 2.55 23.10 4.76
CA ALA B 10 3.06 22.14 3.79
C ALA B 10 2.08 20.99 3.59
N ASP B 11 1.66 20.78 2.36
CA ASP B 11 0.72 19.71 2.04
C ASP B 11 1.02 19.12 0.66
N GLU B 12 1.24 17.81 0.62
CA GLU B 12 1.54 17.12 -0.64
C GLU B 12 1.56 15.61 -0.44
N ALA B 13 1.43 14.87 -1.54
CA ALA B 13 1.44 13.41 -1.48
C ALA B 13 2.68 12.90 -0.75
N GLY B 14 2.50 12.50 0.51
CA GLY B 14 3.61 12.00 1.29
C GLY B 14 3.16 11.04 2.37
N SER B 15 2.48 11.57 3.39
CA SER B 15 2.01 10.74 4.49
C SER B 15 0.52 10.44 4.35
N VAL B 16 -0.06 10.91 3.25
CA VAL B 16 -1.48 10.69 2.99
C VAL B 16 -1.70 9.41 2.20
N TYR B 17 -1.21 9.38 0.97
CA TYR B 17 -1.35 8.21 0.11
C TYR B 17 -0.55 7.04 0.66
N ALA B 18 0.56 7.34 1.32
CA ALA B 18 1.40 6.31 1.91
C ALA B 18 0.66 5.53 2.99
N GLY B 19 -0.37 6.13 3.55
CA GLY B 19 -1.15 5.48 4.59
C GLY B 19 -1.88 4.27 4.08
N ILE B 20 -2.17 4.24 2.78
CA ILE B 20 -2.88 3.13 2.17
C ILE B 20 -1.92 1.98 1.84
N LEU B 21 -0.65 2.31 1.72
CA LEU B 21 0.37 1.30 1.41
C LEU B 21 0.51 0.30 2.55
N SER B 22 0.36 0.79 3.78
CA SER B 22 0.48 -0.07 4.95
C SER B 22 -0.38 -1.33 4.79
N TYR B 23 -1.51 -1.18 4.11
CA TYR B 23 -2.42 -2.29 3.88
C TYR B 23 -1.78 -3.34 2.96
N GLY B 24 -1.32 -2.89 1.80
CA GLY B 24 -0.70 -3.79 0.85
C GLY B 24 0.63 -4.33 1.34
N VAL B 25 1.52 -3.43 1.74
CA VAL B 25 2.84 -3.81 2.24
C VAL B 25 2.72 -4.63 3.52
N GLY B 26 2.00 -4.09 4.50
CA GLY B 26 1.82 -4.77 5.76
C GLY B 26 1.34 -6.20 5.58
N PHE B 27 0.32 -6.39 4.74
CA PHE B 27 -0.22 -7.71 4.49
C PHE B 27 0.79 -8.59 3.79
N PHE B 28 1.63 -7.98 2.95
CA PHE B 28 2.66 -8.71 2.21
C PHE B 28 3.63 -9.40 3.18
N LEU B 29 4.17 -8.63 4.11
CA LEU B 29 5.11 -9.16 5.08
C LEU B 29 4.45 -10.21 5.97
N PHE B 30 3.29 -9.87 6.51
CA PHE B 30 2.55 -10.80 7.37
C PHE B 30 2.17 -12.07 6.61
N ILE B 31 1.85 -11.91 5.33
CA ILE B 31 1.47 -13.05 4.50
C ILE B 31 2.68 -13.90 4.15
N LEU B 32 3.83 -13.26 3.97
CA LEU B 32 5.06 -13.96 3.64
C LEU B 32 5.46 -14.92 4.76
N VAL B 33 5.42 -14.43 6.00
CA VAL B 33 5.78 -15.24 7.15
C VAL B 33 4.66 -16.22 7.49
N VAL B 34 3.42 -15.77 7.35
CA VAL B 34 2.27 -16.62 7.65
C VAL B 34 2.13 -17.73 6.61
N ALA B 35 2.09 -17.37 5.34
CA ALA B 35 1.97 -18.34 4.26
C ALA B 35 3.14 -19.31 4.26
N ALA B 36 4.34 -18.77 4.44
CA ALA B 36 5.54 -19.60 4.46
C ALA B 36 5.45 -20.68 5.52
N VAL B 37 5.10 -20.29 6.74
CA VAL B 37 4.97 -21.23 7.85
C VAL B 37 3.83 -22.21 7.61
N THR B 38 2.64 -21.67 7.37
CA THR B 38 1.46 -22.50 7.12
C THR B 38 1.71 -23.48 5.98
N LEU B 39 2.37 -23.00 4.93
CA LEU B 39 2.67 -23.83 3.77
C LEU B 39 3.74 -24.86 4.10
N CYS B 40 4.81 -24.41 4.75
CA CYS B 40 5.90 -25.30 5.13
C CYS B 40 5.40 -26.41 6.05
N ARG B 41 4.59 -26.04 7.03
CA ARG B 41 4.05 -27.00 7.98
C ARG B 41 3.09 -27.97 7.29
N LEU B 42 2.55 -27.54 6.16
CA LEU B 42 1.61 -28.37 5.40
C LEU B 42 2.35 -29.44 4.60
N ARG B 43 3.54 -29.08 4.11
CA ARG B 43 4.35 -30.00 3.33
C ARG B 43 4.84 -31.16 4.19
N LEU A 1 -3.58 20.98 24.95
CA LEU A 1 -4.78 20.48 24.30
C LEU A 1 -4.71 20.68 22.78
N PRO A 2 -3.84 19.91 22.12
CA PRO A 2 -3.66 19.98 20.67
C PRO A 2 -4.86 19.45 19.90
N ALA A 3 -4.80 19.56 18.58
CA ALA A 3 -5.89 19.09 17.74
C ALA A 3 -5.36 18.28 16.55
N GLU A 4 -6.25 17.53 15.91
CA GLU A 4 -5.87 16.72 14.75
C GLU A 4 -6.91 16.81 13.65
N GLU A 5 -6.46 17.10 12.44
CA GLU A 5 -7.36 17.22 11.30
C GLU A 5 -6.75 16.56 10.06
N GLU A 6 -7.62 16.15 9.14
CA GLU A 6 -7.17 15.51 7.91
C GLU A 6 -7.98 15.99 6.71
N LEU A 7 -7.55 15.60 5.51
CA LEU A 7 -8.24 16.00 4.28
C LEU A 7 -7.72 15.19 3.09
N VAL A 8 -8.59 15.02 2.10
CA VAL A 8 -8.23 14.27 0.90
C VAL A 8 -8.61 15.03 -0.36
N GLU A 9 -7.67 15.08 -1.31
CA GLU A 9 -7.90 15.79 -2.57
C GLU A 9 -6.82 15.45 -3.59
N ALA A 10 -7.04 15.85 -4.84
CA ALA A 10 -6.09 15.58 -5.91
C ALA A 10 -4.78 16.33 -5.68
N ASP A 11 -3.68 15.60 -5.69
CA ASP A 11 -2.36 16.20 -5.48
C ASP A 11 -1.28 15.42 -6.25
N GLU A 12 -0.04 15.87 -6.12
CA GLU A 12 1.08 15.23 -6.80
C GLU A 12 1.16 13.75 -6.42
N ALA A 13 2.09 13.04 -7.04
CA ALA A 13 2.27 11.62 -6.78
C ALA A 13 1.03 10.82 -7.15
N GLY A 14 0.62 10.94 -8.41
CA GLY A 14 -0.55 10.23 -8.89
C GLY A 14 -0.22 8.84 -9.40
N SER A 15 0.23 8.76 -10.64
CA SER A 15 0.58 7.47 -11.24
C SER A 15 2.02 7.08 -10.89
N VAL A 16 2.66 7.89 -10.07
CA VAL A 16 4.03 7.64 -9.66
C VAL A 16 4.07 6.75 -8.42
N TYR A 17 3.57 7.28 -7.31
CA TYR A 17 3.54 6.55 -6.06
C TYR A 17 2.56 5.39 -6.12
N ALA A 18 1.50 5.56 -6.89
CA ALA A 18 0.48 4.54 -7.06
C ALA A 18 1.06 3.27 -7.69
N GLY A 19 2.15 3.44 -8.43
CA GLY A 19 2.79 2.31 -9.07
C GLY A 19 3.32 1.30 -8.08
N ILE A 20 3.63 1.76 -6.87
CA ILE A 20 4.15 0.89 -5.84
C ILE A 20 3.03 0.14 -5.12
N LEU A 21 1.83 0.71 -5.17
CA LEU A 21 0.67 0.09 -4.54
C LEU A 21 0.32 -1.24 -5.20
N SER A 22 0.50 -1.30 -6.51
CA SER A 22 0.20 -2.53 -7.26
C SER A 22 0.85 -3.73 -6.60
N TYR A 23 2.02 -3.52 -6.00
CA TYR A 23 2.74 -4.60 -5.33
C TYR A 23 1.97 -5.08 -4.09
N GLY A 24 1.63 -4.15 -3.22
CA GLY A 24 0.91 -4.50 -2.01
C GLY A 24 -0.50 -4.95 -2.30
N VAL A 25 -1.25 -4.14 -3.03
CA VAL A 25 -2.63 -4.47 -3.37
C VAL A 25 -2.69 -5.73 -4.24
N GLY A 26 -1.93 -5.73 -5.33
CA GLY A 26 -1.92 -6.88 -6.22
C GLY A 26 -1.67 -8.17 -5.49
N PHE A 27 -0.66 -8.18 -4.62
CA PHE A 27 -0.31 -9.38 -3.86
C PHE A 27 -1.43 -9.75 -2.90
N PHE A 28 -2.13 -8.73 -2.39
CA PHE A 28 -3.22 -8.96 -1.46
C PHE A 28 -4.33 -9.78 -2.09
N LEU A 29 -4.78 -9.36 -3.27
CA LEU A 29 -5.83 -10.06 -3.99
C LEU A 29 -5.38 -11.46 -4.38
N PHE A 30 -4.20 -11.56 -4.97
CA PHE A 30 -3.66 -12.84 -5.39
C PHE A 30 -3.45 -13.77 -4.19
N ILE A 31 -3.06 -13.18 -3.06
CA ILE A 31 -2.83 -13.95 -1.85
C ILE A 31 -4.13 -14.41 -1.22
N LEU A 32 -5.17 -13.57 -1.35
CA LEU A 32 -6.48 -13.89 -0.80
C LEU A 32 -7.06 -15.12 -1.47
N VAL A 33 -7.00 -15.15 -2.80
CA VAL A 33 -7.52 -16.28 -3.56
C VAL A 33 -6.60 -17.48 -3.47
N VAL A 34 -5.30 -17.23 -3.47
CA VAL A 34 -4.31 -18.29 -3.38
C VAL A 34 -4.30 -18.92 -1.99
N ALA A 35 -4.15 -18.10 -0.96
CA ALA A 35 -4.14 -18.57 0.41
C ALA A 35 -5.45 -19.27 0.76
N ALA A 36 -6.56 -18.68 0.33
CA ALA A 36 -7.88 -19.24 0.60
C ALA A 36 -8.00 -20.66 0.04
N VAL A 37 -7.65 -20.82 -1.23
CA VAL A 37 -7.72 -22.13 -1.88
C VAL A 37 -6.77 -23.12 -1.22
N THR A 38 -5.50 -22.75 -1.13
CA THR A 38 -4.49 -23.61 -0.51
C THR A 38 -4.89 -23.99 0.92
N LEU A 39 -5.31 -22.99 1.69
CA LEU A 39 -5.71 -23.21 3.07
C LEU A 39 -6.95 -24.11 3.13
N CYS A 40 -7.85 -23.95 2.17
CA CYS A 40 -9.07 -24.74 2.12
C CYS A 40 -8.76 -26.20 1.74
N ARG A 41 -7.90 -26.37 0.74
CA ARG A 41 -7.53 -27.70 0.28
C ARG A 41 -6.36 -28.25 1.10
N LEU A 42 -5.97 -27.51 2.12
CA LEU A 42 -4.86 -27.91 2.99
C LEU A 42 -5.32 -28.93 4.02
N ARG A 43 -6.53 -28.73 4.54
CA ARG A 43 -7.09 -29.63 5.54
C ARG A 43 -7.76 -30.83 4.88
N LEU B 1 -0.23 31.83 17.36
CA LEU B 1 1.15 31.65 16.90
C LEU B 1 1.22 31.61 15.38
N PRO B 2 1.01 32.79 14.75
CA PRO B 2 1.04 32.91 13.30
C PRO B 2 2.45 32.74 12.74
N ALA B 3 2.60 31.89 11.73
CA ALA B 3 3.89 31.64 11.12
C ALA B 3 4.34 32.84 10.27
N GLU B 4 5.63 32.89 9.96
CA GLU B 4 6.18 33.99 9.17
C GLU B 4 6.23 33.61 7.69
N GLU B 5 6.04 34.61 6.83
CA GLU B 5 6.07 34.39 5.39
C GLU B 5 7.50 34.10 4.92
N GLU B 6 7.74 32.84 4.56
CA GLU B 6 9.06 32.43 4.09
C GLU B 6 8.95 31.30 3.06
N LEU B 7 9.92 31.23 2.16
CA LEU B 7 9.94 30.19 1.13
C LEU B 7 10.19 28.82 1.74
N VAL B 8 9.18 27.96 1.66
CA VAL B 8 9.29 26.60 2.20
C VAL B 8 8.73 25.58 1.22
N GLU B 9 9.43 24.45 1.09
CA GLU B 9 9.00 23.39 0.20
C GLU B 9 8.19 22.33 0.95
N ALA B 10 6.97 22.09 0.47
CA ALA B 10 6.09 21.11 1.09
C ALA B 10 5.12 20.52 0.08
N ASP B 11 4.97 19.20 0.09
CA ASP B 11 4.07 18.51 -0.83
C ASP B 11 3.01 17.72 -0.07
N GLU B 12 1.78 17.77 -0.56
CA GLU B 12 0.68 17.05 0.08
C GLU B 12 0.94 15.55 0.10
N ALA B 13 1.15 14.97 -1.07
CA ALA B 13 1.42 13.55 -1.19
C ALA B 13 2.63 13.14 -0.35
N GLY B 14 2.37 12.52 0.79
CA GLY B 14 3.46 12.10 1.66
C GLY B 14 3.01 11.09 2.70
N SER B 15 2.24 11.56 3.68
CA SER B 15 1.74 10.70 4.74
C SER B 15 0.25 10.40 4.55
N VAL B 16 -0.30 10.88 3.44
CA VAL B 16 -1.71 10.65 3.13
C VAL B 16 -1.90 9.38 2.32
N TYR B 17 -1.37 9.37 1.10
CA TYR B 17 -1.48 8.22 0.23
C TYR B 17 -0.66 7.04 0.76
N ALA B 18 0.44 7.36 1.44
CA ALA B 18 1.30 6.33 2.01
C ALA B 18 0.57 5.52 3.07
N GLY B 19 -0.47 6.10 3.65
CA GLY B 19 -1.24 5.42 4.67
C GLY B 19 -1.96 4.20 4.14
N ILE B 20 -2.23 4.19 2.83
CA ILE B 20 -2.91 3.07 2.21
C ILE B 20 -1.93 1.94 1.88
N LEU B 21 -0.66 2.30 1.76
CA LEU B 21 0.38 1.31 1.45
C LEU B 21 0.51 0.30 2.58
N SER B 22 0.37 0.76 3.81
CA SER B 22 0.48 -0.10 4.98
C SER B 22 -0.36 -1.35 4.81
N TYR B 23 -1.49 -1.21 4.12
CA TYR B 23 -2.40 -2.32 3.89
C TYR B 23 -1.76 -3.36 2.96
N GLY B 24 -1.30 -2.90 1.80
CA GLY B 24 -0.68 -3.78 0.84
C GLY B 24 0.65 -4.32 1.33
N VAL B 25 1.54 -3.42 1.73
CA VAL B 25 2.87 -3.81 2.22
C VAL B 25 2.76 -4.61 3.51
N GLY B 26 2.04 -4.08 4.48
CA GLY B 26 1.87 -4.76 5.75
C GLY B 26 1.38 -6.19 5.58
N PHE B 27 0.37 -6.37 4.74
CA PHE B 27 -0.19 -7.70 4.49
C PHE B 27 0.82 -8.58 3.77
N PHE B 28 1.65 -7.96 2.93
CA PHE B 28 2.67 -8.71 2.19
C PHE B 28 3.65 -9.39 3.13
N LEU B 29 4.20 -8.62 4.07
CA LEU B 29 5.15 -9.16 5.03
C LEU B 29 4.49 -10.21 5.92
N PHE B 30 3.33 -9.87 6.47
CA PHE B 30 2.60 -10.79 7.34
C PHE B 30 2.22 -12.05 6.59
N ILE B 31 1.87 -11.90 5.31
CA ILE B 31 1.48 -13.03 4.48
C ILE B 31 2.69 -13.90 4.13
N LEU B 32 3.84 -13.25 3.94
CA LEU B 32 5.07 -13.96 3.60
C LEU B 32 5.47 -14.92 4.72
N VAL B 33 5.45 -14.43 5.95
CA VAL B 33 5.81 -15.24 7.11
C VAL B 33 4.69 -16.22 7.46
N VAL B 34 3.45 -15.77 7.31
CA VAL B 34 2.29 -16.61 7.61
C VAL B 34 2.14 -17.73 6.59
N ALA B 35 2.10 -17.35 5.32
CA ALA B 35 1.96 -18.32 4.23
C ALA B 35 3.13 -19.30 4.22
N ALA B 36 4.34 -18.78 4.41
CA ALA B 36 5.53 -19.60 4.41
C ALA B 36 5.45 -20.68 5.48
N VAL B 37 5.11 -20.27 6.71
CA VAL B 37 4.99 -21.21 7.82
C VAL B 37 3.85 -22.19 7.59
N THR B 38 2.67 -21.66 7.35
CA THR B 38 1.49 -22.49 7.11
C THR B 38 1.73 -23.47 5.96
N LEU B 39 2.38 -22.99 4.91
CA LEU B 39 2.67 -23.83 3.74
C LEU B 39 3.74 -24.85 4.07
N CYS B 40 4.78 -24.42 4.79
CA CYS B 40 5.87 -25.31 5.17
C CYS B 40 5.37 -26.41 6.09
N ARG B 41 4.55 -26.04 7.06
CA ARG B 41 4.01 -27.00 8.01
C ARG B 41 3.06 -27.98 7.32
N LEU B 42 2.52 -27.58 6.18
CA LEU B 42 1.61 -28.41 5.42
C LEU B 42 2.36 -29.54 4.72
N ARG B 43 3.64 -29.30 4.44
CA ARG B 43 4.47 -30.30 3.78
C ARG B 43 4.49 -31.60 4.56
N LEU A 1 -0.61 19.09 26.08
CA LEU A 1 -1.19 17.84 25.57
C LEU A 1 -0.83 17.65 24.09
N PRO A 2 -0.92 16.40 23.62
CA PRO A 2 -0.61 16.06 22.23
C PRO A 2 -1.65 16.61 21.26
N ALA A 3 -1.43 16.37 19.97
CA ALA A 3 -2.36 16.83 18.94
C ALA A 3 -3.02 15.65 18.23
N GLU A 4 -3.91 15.96 17.29
CA GLU A 4 -4.63 14.93 16.55
C GLU A 4 -4.25 14.97 15.07
N GLU A 5 -4.79 14.03 14.30
CA GLU A 5 -4.50 13.96 12.86
C GLU A 5 -5.30 15.03 12.11
N GLU A 6 -5.10 15.08 10.79
CA GLU A 6 -5.80 16.05 9.95
C GLU A 6 -5.78 15.60 8.49
N LEU A 7 -6.78 16.05 7.74
CA LEU A 7 -6.88 15.70 6.32
C LEU A 7 -7.40 16.88 5.51
N VAL A 8 -6.78 17.11 4.35
CA VAL A 8 -7.19 18.21 3.48
C VAL A 8 -7.17 17.78 2.02
N GLU A 9 -8.14 18.27 1.25
CA GLU A 9 -8.24 17.93 -0.15
C GLU A 9 -6.97 18.33 -0.91
N ALA A 10 -6.37 17.38 -1.59
CA ALA A 10 -5.14 17.63 -2.35
C ALA A 10 -4.96 16.60 -3.46
N ASP A 11 -4.06 16.90 -4.39
CA ASP A 11 -3.80 16.00 -5.51
C ASP A 11 -2.31 15.64 -5.58
N GLU A 12 -1.95 14.49 -5.05
CA GLU A 12 -0.57 14.03 -5.04
C GLU A 12 -0.49 12.52 -5.26
N ALA A 13 0.58 12.08 -5.91
CA ALA A 13 0.78 10.66 -6.18
C ALA A 13 -0.40 10.08 -6.98
N GLY A 14 -0.56 10.55 -8.21
CA GLY A 14 -1.64 10.07 -9.04
C GLY A 14 -1.35 8.71 -9.64
N SER A 15 -0.69 8.70 -10.79
CA SER A 15 -0.35 7.45 -11.47
C SER A 15 1.15 7.15 -11.35
N VAL A 16 1.83 7.92 -10.50
CA VAL A 16 3.25 7.73 -10.30
C VAL A 16 3.52 6.75 -9.17
N TYR A 17 3.15 7.11 -7.95
CA TYR A 17 3.35 6.26 -6.79
C TYR A 17 2.45 5.02 -6.87
N ALA A 18 1.32 5.15 -7.56
CA ALA A 18 0.39 4.05 -7.71
C ALA A 18 1.11 2.78 -8.20
N GLY A 19 2.17 2.98 -8.97
CA GLY A 19 2.93 1.86 -9.50
C GLY A 19 3.47 0.96 -8.41
N ILE A 20 3.72 1.54 -7.24
CA ILE A 20 4.25 0.79 -6.10
C ILE A 20 3.13 0.07 -5.36
N LEU A 21 1.92 0.61 -5.45
CA LEU A 21 0.76 0.02 -4.79
C LEU A 21 0.43 -1.36 -5.38
N SER A 22 0.63 -1.49 -6.68
CA SER A 22 0.35 -2.75 -7.37
C SER A 22 0.99 -3.92 -6.64
N TYR A 23 2.12 -3.67 -5.99
CA TYR A 23 2.84 -4.71 -5.25
C TYR A 23 2.03 -5.12 -4.01
N GLY A 24 1.67 -4.15 -3.19
CA GLY A 24 0.92 -4.44 -1.99
C GLY A 24 -0.50 -4.90 -2.30
N VAL A 25 -1.22 -4.10 -3.07
CA VAL A 25 -2.60 -4.43 -3.45
C VAL A 25 -2.65 -5.68 -4.30
N GLY A 26 -1.88 -5.69 -5.38
CA GLY A 26 -1.86 -6.85 -6.27
C GLY A 26 -1.60 -8.14 -5.52
N PHE A 27 -0.61 -8.13 -4.64
CA PHE A 27 -0.26 -9.32 -3.87
C PHE A 27 -1.38 -9.69 -2.90
N PHE A 28 -2.09 -8.68 -2.41
CA PHE A 28 -3.19 -8.89 -1.48
C PHE A 28 -4.30 -9.73 -2.12
N LEU A 29 -4.73 -9.32 -3.31
CA LEU A 29 -5.77 -10.03 -4.03
C LEU A 29 -5.31 -11.43 -4.42
N PHE A 30 -4.13 -11.51 -5.00
CA PHE A 30 -3.57 -12.79 -5.42
C PHE A 30 -3.37 -13.72 -4.22
N ILE A 31 -2.99 -13.13 -3.09
CA ILE A 31 -2.76 -13.90 -1.87
C ILE A 31 -4.08 -14.36 -1.26
N LEU A 32 -5.12 -13.54 -1.39
CA LEU A 32 -6.43 -13.86 -0.86
C LEU A 32 -7.00 -15.10 -1.54
N VAL A 33 -6.92 -15.13 -2.86
CA VAL A 33 -7.43 -16.26 -3.63
C VAL A 33 -6.50 -17.46 -3.54
N VAL A 34 -5.19 -17.19 -3.52
CA VAL A 34 -4.19 -18.25 -3.43
C VAL A 34 -4.21 -18.89 -2.04
N ALA A 35 -4.07 -18.06 -1.01
CA ALA A 35 -4.06 -18.55 0.37
C ALA A 35 -5.38 -19.26 0.70
N ALA A 36 -6.49 -18.65 0.28
CA ALA A 36 -7.80 -19.23 0.54
C ALA A 36 -7.91 -20.64 -0.02
N VAL A 37 -7.54 -20.80 -1.29
CA VAL A 37 -7.59 -22.10 -1.96
C VAL A 37 -6.62 -23.07 -1.32
N THR A 38 -5.35 -22.68 -1.25
CA THR A 38 -4.31 -23.52 -0.66
C THR A 38 -4.67 -23.93 0.76
N LEU A 39 -5.22 -22.99 1.52
CA LEU A 39 -5.62 -23.25 2.89
C LEU A 39 -6.84 -24.16 2.95
N CYS A 40 -7.81 -23.87 2.10
CA CYS A 40 -9.04 -24.67 2.04
C CYS A 40 -8.75 -26.10 1.63
N ARG A 41 -7.90 -26.26 0.62
CA ARG A 41 -7.53 -27.58 0.14
C ARG A 41 -6.73 -28.35 1.18
N LEU A 42 -6.12 -27.62 2.11
CA LEU A 42 -5.34 -28.23 3.17
C LEU A 42 -6.12 -29.32 3.88
N ARG A 43 -7.35 -29.00 4.29
CA ARG A 43 -8.20 -29.95 4.98
C ARG A 43 -8.60 -31.09 4.04
N LEU B 1 -6.67 40.53 -17.20
CA LEU B 1 -5.51 41.22 -16.65
C LEU B 1 -4.23 40.44 -16.93
N PRO B 2 -3.08 41.13 -16.84
CA PRO B 2 -1.77 40.52 -17.09
C PRO B 2 -1.38 39.53 -16.00
N ALA B 3 -1.88 39.76 -14.78
CA ALA B 3 -1.58 38.88 -13.66
C ALA B 3 -2.77 38.78 -12.71
N GLU B 4 -3.01 37.58 -12.18
CA GLU B 4 -4.11 37.37 -11.25
C GLU B 4 -3.66 36.55 -10.04
N GLU B 5 -4.18 36.89 -8.88
CA GLU B 5 -3.83 36.20 -7.64
C GLU B 5 -4.47 34.82 -7.60
N GLU B 6 -3.64 33.79 -7.75
CA GLU B 6 -4.13 32.41 -7.73
C GLU B 6 -3.58 31.65 -6.52
N LEU B 7 -4.44 30.90 -5.86
CA LEU B 7 -4.04 30.12 -4.68
C LEU B 7 -4.15 28.62 -4.96
N VAL B 8 -3.44 27.83 -4.18
CA VAL B 8 -3.45 26.37 -4.33
C VAL B 8 -3.04 25.68 -3.04
N GLU B 9 -3.80 24.67 -2.65
CA GLU B 9 -3.51 23.91 -1.44
C GLU B 9 -2.14 23.25 -1.52
N ALA B 10 -1.69 22.69 -0.40
CA ALA B 10 -0.40 22.02 -0.34
C ALA B 10 -0.56 20.51 -0.39
N ASP B 11 -0.38 19.93 -1.57
CA ASP B 11 -0.51 18.49 -1.74
C ASP B 11 0.74 17.77 -1.25
N GLU B 12 0.53 16.67 -0.54
CA GLU B 12 1.65 15.89 -0.01
C GLU B 12 1.26 14.42 0.16
N ALA B 13 1.92 13.55 -0.60
CA ALA B 13 1.65 12.12 -0.53
C ALA B 13 2.70 11.39 0.29
N GLY B 14 3.14 12.03 1.37
CA GLY B 14 4.15 11.42 2.23
C GLY B 14 3.55 10.54 3.29
N SER B 15 3.00 11.15 4.33
CA SER B 15 2.38 10.42 5.43
C SER B 15 0.87 10.31 5.24
N VAL B 16 0.39 10.82 4.12
CA VAL B 16 -1.03 10.78 3.81
C VAL B 16 -1.40 9.51 3.04
N TYR B 17 -0.87 9.39 1.82
CA TYR B 17 -1.15 8.22 1.00
C TYR B 17 -0.49 6.98 1.57
N ALA B 18 0.64 7.16 2.25
CA ALA B 18 1.36 6.05 2.86
C ALA B 18 0.45 5.23 3.76
N GLY B 19 -0.58 5.88 4.31
CA GLY B 19 -1.51 5.19 5.19
C GLY B 19 -2.21 4.04 4.49
N ILE B 20 -2.38 4.16 3.18
CA ILE B 20 -3.04 3.12 2.40
C ILE B 20 -2.07 2.00 2.04
N LEU B 21 -0.78 2.34 1.97
CA LEU B 21 0.25 1.35 1.63
C LEU B 21 0.37 0.30 2.73
N SER B 22 0.18 0.72 3.98
CA SER B 22 0.28 -0.18 5.12
C SER B 22 -0.55 -1.44 4.88
N TYR B 23 -1.65 -1.29 4.14
CA TYR B 23 -2.53 -2.41 3.84
C TYR B 23 -1.85 -3.40 2.90
N GLY B 24 -1.37 -2.90 1.78
CA GLY B 24 -0.69 -3.75 0.81
C GLY B 24 0.64 -4.26 1.32
N VAL B 25 1.49 -3.34 1.75
CA VAL B 25 2.81 -3.71 2.26
C VAL B 25 2.70 -4.53 3.54
N GLY B 26 1.96 -3.99 4.52
CA GLY B 26 1.79 -4.68 5.78
C GLY B 26 1.31 -6.11 5.59
N PHE B 27 0.31 -6.29 4.75
CA PHE B 27 -0.24 -7.62 4.48
C PHE B 27 0.79 -8.50 3.78
N PHE B 28 1.62 -7.89 2.96
CA PHE B 28 2.64 -8.62 2.22
C PHE B 28 3.62 -9.29 3.18
N LEU B 29 4.15 -8.52 4.11
CA LEU B 29 5.10 -9.05 5.09
C LEU B 29 4.45 -10.11 5.97
N PHE B 30 3.28 -9.78 6.51
CA PHE B 30 2.54 -10.70 7.37
C PHE B 30 2.17 -11.97 6.61
N ILE B 31 1.85 -11.82 5.34
CA ILE B 31 1.47 -12.95 4.49
C ILE B 31 2.69 -13.81 4.15
N LEU B 32 3.84 -13.15 3.98
CA LEU B 32 5.06 -13.86 3.66
C LEU B 32 5.46 -14.82 4.78
N VAL B 33 5.43 -14.32 6.02
CA VAL B 33 5.77 -15.13 7.17
C VAL B 33 4.67 -16.12 7.51
N VAL B 34 3.43 -15.68 7.35
CA VAL B 34 2.27 -16.52 7.64
C VAL B 34 2.14 -17.64 6.60
N ALA B 35 2.11 -17.27 5.33
CA ALA B 35 1.98 -18.24 4.26
C ALA B 35 3.16 -19.21 4.25
N ALA B 36 4.36 -18.67 4.47
CA ALA B 36 5.56 -19.50 4.50
C ALA B 36 5.46 -20.58 5.55
N VAL B 37 5.12 -20.18 6.77
CA VAL B 37 4.99 -21.12 7.89
C VAL B 37 3.87 -22.13 7.62
N THR B 38 2.67 -21.61 7.36
CA THR B 38 1.52 -22.47 7.08
C THR B 38 1.80 -23.43 5.94
N LEU B 39 2.37 -22.91 4.86
CA LEU B 39 2.69 -23.72 3.70
C LEU B 39 3.75 -24.78 4.04
N CYS B 40 4.67 -24.41 4.92
CA CYS B 40 5.73 -25.32 5.34
C CYS B 40 5.18 -26.42 6.24
N ARG B 41 4.34 -26.04 7.19
CA ARG B 41 3.75 -26.99 8.12
C ARG B 41 2.46 -27.58 7.54
N LEU B 42 2.19 -27.28 6.27
CA LEU B 42 1.00 -27.77 5.60
C LEU B 42 1.18 -29.23 5.18
N ARG B 43 2.41 -29.58 4.82
CA ARG B 43 2.71 -30.94 4.39
C ARG B 43 2.65 -31.91 5.57
N LEU A 1 18.68 18.34 19.00
CA LEU A 1 18.76 19.07 17.73
C LEU A 1 17.65 18.63 16.78
N PRO A 2 16.40 18.97 17.14
CA PRO A 2 15.23 18.64 16.32
C PRO A 2 15.18 19.41 15.01
N ALA A 3 14.54 18.83 14.00
CA ALA A 3 14.41 19.47 12.70
C ALA A 3 12.94 19.67 12.33
N GLU A 4 12.69 20.63 11.44
CA GLU A 4 11.34 20.92 11.00
C GLU A 4 11.20 20.70 9.49
N GLU A 5 9.96 20.62 9.02
CA GLU A 5 9.69 20.41 7.61
C GLU A 5 8.35 21.05 7.20
N GLU A 6 8.21 21.34 5.91
CA GLU A 6 6.99 21.95 5.41
C GLU A 6 6.28 21.01 4.44
N LEU A 7 4.97 21.19 4.30
CA LEU A 7 4.17 20.35 3.41
C LEU A 7 2.96 21.12 2.88
N VAL A 8 2.62 20.89 1.62
CA VAL A 8 1.48 21.56 1.00
C VAL A 8 0.76 20.63 0.03
N GLU A 9 -0.56 20.77 -0.05
CA GLU A 9 -1.36 19.94 -0.95
C GLU A 9 -1.15 20.35 -2.41
N ALA A 10 -1.05 19.35 -3.27
CA ALA A 10 -0.84 19.60 -4.70
C ALA A 10 -1.17 18.36 -5.53
N ASP A 11 -1.09 18.50 -6.85
CA ASP A 11 -1.38 17.39 -7.75
C ASP A 11 -0.14 16.50 -7.92
N GLU A 12 -0.17 15.33 -7.30
CA GLU A 12 0.94 14.40 -7.38
C GLU A 12 0.52 13.00 -6.94
N ALA A 13 1.41 12.03 -7.09
CA ALA A 13 1.13 10.65 -6.71
C ALA A 13 0.00 10.07 -7.55
N GLY A 14 0.01 10.38 -8.84
CA GLY A 14 -1.02 9.89 -9.73
C GLY A 14 -0.72 8.49 -10.25
N SER A 15 0.12 8.41 -11.28
CA SER A 15 0.48 7.13 -11.86
C SER A 15 1.94 6.79 -11.55
N VAL A 16 2.56 7.59 -10.71
CA VAL A 16 3.95 7.37 -10.32
C VAL A 16 4.05 6.48 -9.09
N TYR A 17 3.55 6.98 -7.96
CA TYR A 17 3.58 6.23 -6.71
C TYR A 17 2.67 5.01 -6.78
N ALA A 18 1.59 5.13 -7.55
CA ALA A 18 0.64 4.04 -7.70
C ALA A 18 1.35 2.76 -8.15
N GLY A 19 2.43 2.92 -8.90
CA GLY A 19 3.18 1.78 -9.40
C GLY A 19 3.66 0.88 -8.27
N ILE A 20 3.87 1.46 -7.09
CA ILE A 20 4.33 0.71 -5.94
C ILE A 20 3.17 0.01 -5.23
N LEU A 21 1.98 0.58 -5.37
CA LEU A 21 0.78 0.01 -4.76
C LEU A 21 0.45 -1.34 -5.35
N SER A 22 0.67 -1.47 -6.67
CA SER A 22 0.38 -2.73 -7.36
C SER A 22 1.01 -3.91 -6.63
N TYR A 23 2.14 -3.66 -5.97
CA TYR A 23 2.84 -4.71 -5.24
C TYR A 23 2.04 -5.13 -4.00
N GLY A 24 1.68 -4.16 -3.18
CA GLY A 24 0.92 -4.45 -1.98
C GLY A 24 -0.50 -4.90 -2.29
N VAL A 25 -1.22 -4.10 -3.07
CA VAL A 25 -2.59 -4.42 -3.44
C VAL A 25 -2.65 -5.67 -4.30
N GLY A 26 -1.87 -5.67 -5.38
CA GLY A 26 -1.85 -6.83 -6.27
C GLY A 26 -1.60 -8.12 -5.53
N PHE A 27 -0.61 -8.12 -4.64
CA PHE A 27 -0.27 -9.31 -3.88
C PHE A 27 -1.39 -9.68 -2.91
N PHE A 28 -2.10 -8.67 -2.42
CA PHE A 28 -3.20 -8.88 -1.49
C PHE A 28 -4.30 -9.71 -2.14
N LEU A 29 -4.74 -9.30 -3.31
CA LEU A 29 -5.79 -10.00 -4.05
C LEU A 29 -5.34 -11.41 -4.42
N PHE A 30 -4.15 -11.50 -5.01
CA PHE A 30 -3.60 -12.79 -5.42
C PHE A 30 -3.41 -13.71 -4.22
N ILE A 31 -3.02 -13.12 -3.09
CA ILE A 31 -2.80 -13.88 -1.87
C ILE A 31 -4.12 -14.33 -1.26
N LEU A 32 -5.14 -13.49 -1.37
CA LEU A 32 -6.46 -13.80 -0.83
C LEU A 32 -7.04 -15.05 -1.50
N VAL A 33 -6.97 -15.08 -2.83
CA VAL A 33 -7.49 -16.22 -3.59
C VAL A 33 -6.56 -17.42 -3.48
N VAL A 34 -5.25 -17.16 -3.50
CA VAL A 34 -4.26 -18.22 -3.41
C VAL A 34 -4.27 -18.86 -2.02
N ALA A 35 -4.13 -18.03 -1.00
CA ALA A 35 -4.12 -18.52 0.38
C ALA A 35 -5.45 -19.20 0.73
N ALA A 36 -6.55 -18.61 0.28
CA ALA A 36 -7.88 -19.16 0.54
C ALA A 36 -7.98 -20.59 0.03
N VAL A 37 -7.60 -20.80 -1.23
CA VAL A 37 -7.64 -22.12 -1.84
C VAL A 37 -6.70 -23.09 -1.14
N THR A 38 -5.43 -22.70 -1.07
CA THR A 38 -4.41 -23.53 -0.43
C THR A 38 -4.80 -23.87 1.00
N LEU A 39 -5.35 -22.90 1.71
CA LEU A 39 -5.77 -23.09 3.10
C LEU A 39 -7.00 -23.97 3.17
N CYS A 40 -7.98 -23.70 2.29
CA CYS A 40 -9.20 -24.46 2.26
C CYS A 40 -8.94 -25.93 1.93
N ARG A 41 -8.06 -26.15 0.94
CA ARG A 41 -7.71 -27.50 0.52
C ARG A 41 -6.96 -28.23 1.62
N LEU A 42 -6.34 -27.46 2.52
CA LEU A 42 -5.57 -28.04 3.62
C LEU A 42 -6.49 -28.38 4.79
N ARG A 43 -6.98 -27.36 5.47
CA ARG A 43 -7.86 -27.54 6.61
C ARG A 43 -9.17 -28.22 6.18
N LEU B 1 -10.15 36.31 -14.73
CA LEU B 1 -9.15 35.93 -13.73
C LEU B 1 -7.97 36.89 -13.74
N PRO B 2 -7.23 36.92 -12.63
CA PRO B 2 -6.05 37.78 -12.49
C PRO B 2 -4.90 37.35 -13.38
N ALA B 3 -4.97 36.12 -13.88
CA ALA B 3 -3.93 35.59 -14.75
C ALA B 3 -2.61 35.45 -14.00
N GLU B 4 -2.68 35.13 -12.73
CA GLU B 4 -1.49 34.98 -11.90
C GLU B 4 -1.29 33.51 -11.50
N GLU B 5 -0.06 33.18 -11.11
CA GLU B 5 0.27 31.81 -10.69
C GLU B 5 1.27 31.82 -9.54
N GLU B 6 1.11 30.87 -8.63
CA GLU B 6 2.00 30.76 -7.47
C GLU B 6 2.14 29.31 -7.03
N LEU B 7 3.34 28.95 -6.57
CA LEU B 7 3.61 27.59 -6.12
C LEU B 7 4.48 27.60 -4.87
N VAL B 8 4.13 26.75 -3.90
CA VAL B 8 4.89 26.66 -2.66
C VAL B 8 5.70 25.37 -2.60
N GLU B 9 7.01 25.51 -2.49
CA GLU B 9 7.89 24.35 -2.42
C GLU B 9 7.43 23.37 -1.33
N ALA B 10 6.90 22.23 -1.77
CA ALA B 10 6.43 21.20 -0.84
C ALA B 10 6.19 19.88 -1.55
N ASP B 11 5.98 18.83 -0.78
CA ASP B 11 5.74 17.50 -1.34
C ASP B 11 4.34 17.00 -0.98
N GLU B 12 3.95 15.88 -1.57
CA GLU B 12 2.64 15.29 -1.31
C GLU B 12 2.74 13.79 -1.11
N ALA B 13 1.64 13.16 -0.71
CA ALA B 13 1.61 11.73 -0.49
C ALA B 13 2.61 11.31 0.57
N GLY B 14 2.80 12.16 1.58
CA GLY B 14 3.75 11.86 2.64
C GLY B 14 3.20 10.84 3.63
N SER B 15 2.40 11.31 4.58
CA SER B 15 1.81 10.43 5.58
C SER B 15 0.32 10.24 5.34
N VAL B 16 -0.16 10.77 4.22
CA VAL B 16 -1.57 10.66 3.87
C VAL B 16 -1.84 9.40 3.05
N TYR B 17 -1.27 9.36 1.85
CA TYR B 17 -1.44 8.22 0.96
C TYR B 17 -0.74 6.98 1.53
N ALA B 18 0.35 7.20 2.24
CA ALA B 18 1.11 6.11 2.84
C ALA B 18 0.21 5.24 3.71
N GLY B 19 -0.82 5.85 4.30
CA GLY B 19 -1.73 5.12 5.15
C GLY B 19 -2.38 3.95 4.44
N ILE B 20 -2.52 4.07 3.13
CA ILE B 20 -3.14 3.01 2.32
C ILE B 20 -2.13 1.92 1.99
N LEU B 21 -0.86 2.30 1.94
CA LEU B 21 0.21 1.35 1.61
C LEU B 21 0.34 0.31 2.71
N SER B 22 0.15 0.72 3.96
CA SER B 22 0.25 -0.18 5.10
C SER B 22 -0.58 -1.45 4.86
N TYR B 23 -1.68 -1.29 4.13
CA TYR B 23 -2.55 -2.42 3.83
C TYR B 23 -1.87 -3.41 2.89
N GLY B 24 -1.39 -2.91 1.76
CA GLY B 24 -0.71 -3.76 0.80
C GLY B 24 0.63 -4.27 1.30
N VAL B 25 1.47 -3.34 1.73
CA VAL B 25 2.79 -3.71 2.24
C VAL B 25 2.69 -4.52 3.53
N GLY B 26 1.95 -3.98 4.50
CA GLY B 26 1.78 -4.67 5.76
C GLY B 26 1.31 -6.09 5.59
N PHE B 27 0.30 -6.28 4.73
CA PHE B 27 -0.25 -7.62 4.47
C PHE B 27 0.78 -8.49 3.77
N PHE B 28 1.61 -7.88 2.95
CA PHE B 28 2.63 -8.61 2.21
C PHE B 28 3.62 -9.30 3.17
N LEU B 29 4.15 -8.52 4.10
CA LEU B 29 5.09 -9.04 5.08
C LEU B 29 4.44 -10.10 5.96
N PHE B 30 3.28 -9.77 6.50
CA PHE B 30 2.54 -10.69 7.36
C PHE B 30 2.16 -11.96 6.60
N ILE B 31 1.84 -11.81 5.32
CA ILE B 31 1.46 -12.94 4.48
C ILE B 31 2.68 -13.79 4.14
N LEU B 32 3.82 -13.15 3.96
CA LEU B 32 5.05 -13.85 3.63
C LEU B 32 5.45 -14.81 4.75
N VAL B 33 5.43 -14.32 5.98
CA VAL B 33 5.78 -15.13 7.14
C VAL B 33 4.67 -16.11 7.48
N VAL B 34 3.43 -15.68 7.33
CA VAL B 34 2.28 -16.52 7.63
C VAL B 34 2.15 -17.64 6.59
N ALA B 35 2.11 -17.26 5.32
CA ALA B 35 1.98 -18.23 4.23
C ALA B 35 3.17 -19.19 4.22
N ALA B 36 4.36 -18.65 4.48
CA ALA B 36 5.57 -19.46 4.50
C ALA B 36 5.48 -20.58 5.54
N VAL B 37 5.12 -20.20 6.76
CA VAL B 37 4.99 -21.18 7.85
C VAL B 37 3.92 -22.22 7.53
N THR B 38 2.72 -21.76 7.21
CA THR B 38 1.62 -22.65 6.88
C THR B 38 1.97 -23.54 5.70
N LEU B 39 2.49 -22.94 4.64
CA LEU B 39 2.87 -23.69 3.45
C LEU B 39 3.98 -24.69 3.76
N CYS B 40 4.91 -24.28 4.61
CA CYS B 40 6.03 -25.14 4.99
C CYS B 40 5.55 -26.31 5.84
N ARG B 41 4.68 -26.02 6.80
CA ARG B 41 4.14 -27.04 7.69
C ARG B 41 2.93 -27.73 7.06
N LEU B 42 2.63 -27.36 5.82
CA LEU B 42 1.50 -27.93 5.10
C LEU B 42 1.89 -29.24 4.43
N ARG B 43 3.10 -29.28 3.86
CA ARG B 43 3.60 -30.47 3.19
C ARG B 43 4.65 -31.18 4.04
N LEU A 1 -16.78 23.66 17.32
CA LEU A 1 -16.10 22.43 16.91
C LEU A 1 -16.15 22.25 15.40
N PRO A 2 -15.36 23.06 14.68
CA PRO A 2 -15.30 23.01 13.21
C PRO A 2 -14.63 21.73 12.71
N ALA A 3 -14.44 21.65 11.39
CA ALA A 3 -13.81 20.48 10.79
C ALA A 3 -13.37 20.79 9.36
N GLU A 4 -12.36 20.07 8.89
CA GLU A 4 -11.85 20.25 7.54
C GLU A 4 -11.23 18.96 7.00
N GLU A 5 -10.79 19.00 5.75
CA GLU A 5 -10.18 17.83 5.12
C GLU A 5 -8.67 18.00 5.01
N GLU A 6 -8.00 16.96 4.49
CA GLU A 6 -6.55 16.99 4.35
C GLU A 6 -6.16 17.55 2.98
N LEU A 7 -6.47 16.81 1.93
CA LEU A 7 -6.14 17.24 0.58
C LEU A 7 -7.19 16.74 -0.42
N VAL A 8 -7.63 17.63 -1.30
CA VAL A 8 -8.64 17.27 -2.30
C VAL A 8 -8.06 17.38 -3.71
N GLU A 9 -7.07 18.25 -3.87
CA GLU A 9 -6.44 18.45 -5.17
C GLU A 9 -5.46 17.31 -5.48
N ALA A 10 -4.98 17.27 -6.72
CA ALA A 10 -4.04 16.24 -7.14
C ALA A 10 -2.64 16.54 -6.66
N ASP A 11 -1.71 15.64 -6.94
CA ASP A 11 -0.32 15.80 -6.53
C ASP A 11 0.63 15.13 -7.52
N GLU A 12 1.92 15.37 -7.36
CA GLU A 12 2.93 14.80 -8.24
C GLU A 12 3.04 13.29 -8.02
N ALA A 13 2.57 12.83 -6.86
CA ALA A 13 2.60 11.41 -6.53
C ALA A 13 1.32 10.71 -6.94
N GLY A 14 0.82 11.04 -8.13
CA GLY A 14 -0.40 10.43 -8.61
C GLY A 14 -0.18 9.05 -9.19
N SER A 15 0.22 8.99 -10.46
CA SER A 15 0.47 7.72 -11.13
C SER A 15 1.88 7.23 -10.86
N VAL A 16 2.63 7.99 -10.06
CA VAL A 16 3.99 7.64 -9.73
C VAL A 16 4.05 6.74 -8.51
N TYR A 17 3.61 7.27 -7.37
CA TYR A 17 3.61 6.50 -6.12
C TYR A 17 2.60 5.35 -6.19
N ALA A 18 1.54 5.56 -6.95
CA ALA A 18 0.50 4.54 -7.11
C ALA A 18 1.06 3.28 -7.74
N GLY A 19 2.17 3.42 -8.46
CA GLY A 19 2.79 2.28 -9.11
C GLY A 19 3.33 1.27 -8.12
N ILE A 20 3.63 1.74 -6.91
CA ILE A 20 4.15 0.86 -5.87
C ILE A 20 3.03 0.12 -5.16
N LEU A 21 1.82 0.67 -5.23
CA LEU A 21 0.66 0.06 -4.59
C LEU A 21 0.33 -1.28 -5.24
N SER A 22 0.52 -1.35 -6.56
CA SER A 22 0.23 -2.59 -7.30
C SER A 22 0.88 -3.79 -6.62
N TYR A 23 2.03 -3.57 -5.99
CA TYR A 23 2.75 -4.63 -5.30
C TYR A 23 1.97 -5.10 -4.08
N GLY A 24 1.62 -4.16 -3.21
CA GLY A 24 0.88 -4.49 -2.00
C GLY A 24 -0.52 -4.95 -2.31
N VAL A 25 -1.26 -4.15 -3.06
CA VAL A 25 -2.64 -4.49 -3.41
C VAL A 25 -2.69 -5.74 -4.28
N GLY A 26 -1.92 -5.74 -5.36
CA GLY A 26 -1.90 -6.88 -6.25
C GLY A 26 -1.65 -8.19 -5.52
N PHE A 27 -0.65 -8.19 -4.64
CA PHE A 27 -0.30 -9.38 -3.87
C PHE A 27 -1.43 -9.75 -2.91
N PHE A 28 -2.13 -8.74 -2.41
CA PHE A 28 -3.22 -8.96 -1.48
C PHE A 28 -4.33 -9.79 -2.12
N LEU A 29 -4.77 -9.37 -3.30
CA LEU A 29 -5.82 -10.08 -4.02
C LEU A 29 -5.37 -11.49 -4.41
N PHE A 30 -4.18 -11.58 -4.99
CA PHE A 30 -3.63 -12.87 -5.41
C PHE A 30 -3.42 -13.78 -4.19
N ILE A 31 -3.04 -13.20 -3.07
CA ILE A 31 -2.81 -13.95 -1.85
C ILE A 31 -4.13 -14.41 -1.23
N LEU A 32 -5.15 -13.58 -1.35
CA LEU A 32 -6.46 -13.89 -0.81
C LEU A 32 -7.05 -15.14 -1.48
N VAL A 33 -6.98 -15.17 -2.81
CA VAL A 33 -7.50 -16.31 -3.57
C VAL A 33 -6.56 -17.51 -3.46
N VAL A 34 -5.26 -17.24 -3.47
CA VAL A 34 -4.27 -18.30 -3.38
C VAL A 34 -4.26 -18.93 -1.99
N ALA A 35 -4.12 -18.10 -0.96
CA ALA A 35 -4.11 -18.59 0.42
C ALA A 35 -5.42 -19.27 0.76
N ALA A 36 -6.52 -18.68 0.33
CA ALA A 36 -7.85 -19.24 0.59
C ALA A 36 -7.95 -20.67 0.06
N VAL A 37 -7.60 -20.85 -1.20
CA VAL A 37 -7.66 -22.17 -1.83
C VAL A 37 -6.70 -23.14 -1.16
N THR A 38 -5.43 -22.76 -1.08
CA THR A 38 -4.41 -23.60 -0.46
C THR A 38 -4.79 -23.96 0.97
N LEU A 39 -5.33 -22.98 1.70
CA LEU A 39 -5.74 -23.20 3.09
C LEU A 39 -6.99 -24.08 3.16
N CYS A 40 -7.88 -23.91 2.18
CA CYS A 40 -9.12 -24.69 2.13
C CYS A 40 -8.83 -26.14 1.76
N ARG A 41 -7.92 -26.34 0.81
CA ARG A 41 -7.55 -27.67 0.37
C ARG A 41 -6.84 -28.44 1.48
N LEU A 42 -6.25 -27.69 2.41
CA LEU A 42 -5.53 -28.31 3.53
C LEU A 42 -6.49 -29.05 4.46
N ARG A 43 -7.68 -28.49 4.63
CA ARG A 43 -8.69 -29.09 5.50
C ARG A 43 -9.74 -29.82 4.67
N LEU B 1 -16.02 34.43 6.82
CA LEU B 1 -14.68 34.82 6.43
C LEU B 1 -13.82 33.59 6.17
N PRO B 2 -14.08 32.91 5.04
CA PRO B 2 -13.33 31.72 4.64
C PRO B 2 -11.90 32.03 4.23
N ALA B 3 -10.95 31.33 4.84
CA ALA B 3 -9.54 31.53 4.52
C ALA B 3 -8.85 30.21 4.18
N GLU B 4 -7.62 30.30 3.70
CA GLU B 4 -6.86 29.11 3.33
C GLU B 4 -5.59 29.00 4.17
N GLU B 5 -5.21 27.77 4.49
CA GLU B 5 -4.01 27.53 5.29
C GLU B 5 -3.36 26.20 4.91
N GLU B 6 -2.04 26.21 4.78
CA GLU B 6 -1.30 25.00 4.43
C GLU B 6 -1.03 24.13 5.65
N LEU B 7 -1.27 22.84 5.52
CA LEU B 7 -1.06 21.91 6.62
C LEU B 7 0.42 21.83 6.98
N VAL B 8 0.72 21.99 8.27
CA VAL B 8 2.09 21.94 8.76
C VAL B 8 2.60 20.51 8.80
N GLU B 9 1.67 19.56 8.97
CA GLU B 9 2.03 18.15 9.04
C GLU B 9 2.23 17.57 7.65
N ALA B 10 1.16 17.56 6.85
CA ALA B 10 1.23 17.04 5.49
C ALA B 10 0.41 17.90 4.53
N ASP B 11 1.10 18.51 3.57
CA ASP B 11 0.44 19.37 2.59
C ASP B 11 0.45 18.71 1.21
N GLU B 12 1.43 17.86 0.97
CA GLU B 12 1.56 17.16 -0.30
C GLU B 12 1.63 15.65 -0.10
N ALA B 13 1.59 14.91 -1.21
CA ALA B 13 1.65 13.45 -1.15
C ALA B 13 2.83 12.99 -0.33
N GLY B 14 2.56 12.52 0.89
CA GLY B 14 3.62 12.05 1.76
C GLY B 14 3.13 11.04 2.78
N SER B 15 2.38 11.52 3.76
CA SER B 15 1.86 10.65 4.82
C SER B 15 0.37 10.39 4.61
N VAL B 16 -0.16 10.88 3.49
CA VAL B 16 -1.56 10.70 3.16
C VAL B 16 -1.79 9.42 2.36
N TYR B 17 -1.24 9.39 1.16
CA TYR B 17 -1.38 8.22 0.29
C TYR B 17 -0.60 7.03 0.84
N ALA B 18 0.50 7.32 1.53
CA ALA B 18 1.33 6.27 2.12
C ALA B 18 0.55 5.47 3.16
N GLY B 19 -0.49 6.09 3.72
CA GLY B 19 -1.30 5.41 4.72
C GLY B 19 -2.01 4.20 4.16
N ILE B 20 -2.26 4.21 2.86
CA ILE B 20 -2.95 3.09 2.20
C ILE B 20 -1.97 1.97 1.88
N LEU B 21 -0.70 2.30 1.78
CA LEU B 21 0.34 1.32 1.48
C LEU B 21 0.46 0.30 2.60
N SER B 22 0.30 0.77 3.83
CA SER B 22 0.40 -0.10 5.00
C SER B 22 -0.44 -1.36 4.82
N TYR B 23 -1.56 -1.21 4.12
CA TYR B 23 -2.46 -2.34 3.87
C TYR B 23 -1.81 -3.36 2.95
N GLY B 24 -1.35 -2.89 1.79
CA GLY B 24 -0.71 -3.78 0.84
C GLY B 24 0.62 -4.31 1.33
N VAL B 25 1.50 -3.40 1.74
CA VAL B 25 2.82 -3.78 2.24
C VAL B 25 2.71 -4.58 3.53
N GLY B 26 1.98 -4.04 4.50
CA GLY B 26 1.80 -4.73 5.76
C GLY B 26 1.32 -6.16 5.59
N PHE B 27 0.32 -6.34 4.76
CA PHE B 27 -0.24 -7.66 4.50
C PHE B 27 0.78 -8.56 3.80
N PHE B 28 1.62 -7.95 2.97
CA PHE B 28 2.64 -8.69 2.23
C PHE B 28 3.62 -9.36 3.19
N LEU B 29 4.16 -8.58 4.12
CA LEU B 29 5.10 -9.11 5.11
C LEU B 29 4.45 -10.17 5.98
N PHE B 30 3.28 -9.84 6.52
CA PHE B 30 2.55 -10.77 7.38
C PHE B 30 2.17 -12.03 6.62
N ILE B 31 1.85 -11.87 5.34
CA ILE B 31 1.47 -13.00 4.50
C ILE B 31 2.67 -13.86 4.15
N LEU B 32 3.82 -13.22 3.98
CA LEU B 32 5.06 -13.92 3.65
C LEU B 32 5.46 -14.87 4.76
N VAL B 33 5.42 -14.38 5.99
CA VAL B 33 5.78 -15.20 7.15
C VAL B 33 4.67 -16.18 7.49
N VAL B 34 3.42 -15.74 7.35
CA VAL B 34 2.27 -16.59 7.64
C VAL B 34 2.14 -17.70 6.61
N ALA B 35 2.10 -17.32 5.33
CA ALA B 35 1.98 -18.29 4.25
C ALA B 35 3.15 -19.25 4.24
N ALA B 36 4.35 -18.72 4.49
CA ALA B 36 5.56 -19.54 4.50
C ALA B 36 5.46 -20.65 5.55
N VAL B 37 5.10 -20.27 6.77
CA VAL B 37 4.97 -21.24 7.86
C VAL B 37 3.90 -22.27 7.54
N THR B 38 2.69 -21.79 7.25
CA THR B 38 1.58 -22.66 6.93
C THR B 38 1.90 -23.58 5.76
N LEU B 39 2.46 -23.00 4.70
CA LEU B 39 2.82 -23.75 3.51
C LEU B 39 3.92 -24.77 3.83
N CYS B 40 4.82 -24.40 4.73
CA CYS B 40 5.92 -25.27 5.12
C CYS B 40 5.41 -26.42 5.98
N ARG B 41 4.55 -26.12 6.94
CA ARG B 41 3.99 -27.13 7.83
C ARG B 41 2.73 -27.75 7.23
N LEU B 42 2.45 -27.40 5.98
CA LEU B 42 1.28 -27.93 5.29
C LEU B 42 1.51 -29.36 4.82
N ARG B 43 2.73 -29.64 4.37
CA ARG B 43 3.08 -30.97 3.90
C ARG B 43 3.10 -31.96 5.05
N LEU A 1 12.06 18.26 23.02
CA LEU A 1 11.85 17.48 21.81
C LEU A 1 10.36 17.39 21.47
N PRO A 2 9.80 18.50 20.98
CA PRO A 2 8.38 18.58 20.60
C PRO A 2 8.07 17.75 19.36
N ALA A 3 6.78 17.64 19.03
CA ALA A 3 6.35 16.88 17.86
C ALA A 3 4.89 17.16 17.55
N GLU A 4 4.51 16.97 16.28
CA GLU A 4 3.14 17.20 15.85
C GLU A 4 2.91 16.64 14.45
N GLU A 5 1.67 16.74 13.97
CA GLU A 5 1.33 16.26 12.64
C GLU A 5 0.08 16.96 12.11
N GLU A 6 -0.13 16.87 10.80
CA GLU A 6 -1.28 17.50 10.17
C GLU A 6 -1.67 16.76 8.88
N LEU A 7 -2.80 17.15 8.31
CA LEU A 7 -3.28 16.52 7.08
C LEU A 7 -4.21 17.47 6.32
N VAL A 8 -4.04 17.52 5.00
CA VAL A 8 -4.85 18.38 4.16
C VAL A 8 -4.88 17.87 2.72
N GLU A 9 -5.98 18.16 2.02
CA GLU A 9 -6.14 17.73 0.64
C GLU A 9 -5.31 18.61 -0.30
N ALA A 10 -4.56 17.97 -1.20
CA ALA A 10 -3.73 18.68 -2.15
C ALA A 10 -3.17 17.75 -3.21
N ASP A 11 -2.59 18.31 -4.26
CA ASP A 11 -2.02 17.52 -5.35
C ASP A 11 -0.93 16.59 -4.82
N GLU A 12 -0.94 15.35 -5.28
CA GLU A 12 0.04 14.36 -4.85
C GLU A 12 0.21 13.27 -5.90
N ALA A 13 1.34 12.57 -5.85
CA ALA A 13 1.63 11.50 -6.79
C ALA A 13 0.48 10.50 -6.85
N GLY A 14 -0.33 10.60 -7.90
CA GLY A 14 -1.45 9.70 -8.06
C GLY A 14 -1.14 8.51 -8.94
N SER A 15 -0.59 8.78 -10.12
CA SER A 15 -0.24 7.73 -11.08
C SER A 15 1.24 7.40 -11.00
N VAL A 16 1.95 8.10 -10.11
CA VAL A 16 3.38 7.89 -9.94
C VAL A 16 3.66 6.83 -8.88
N TYR A 17 3.30 7.13 -7.64
CA TYR A 17 3.50 6.21 -6.54
C TYR A 17 2.59 4.99 -6.67
N ALA A 18 1.46 5.18 -7.33
CA ALA A 18 0.49 4.11 -7.53
C ALA A 18 1.17 2.86 -8.10
N GLY A 19 2.25 3.07 -8.86
CA GLY A 19 2.96 1.96 -9.46
C GLY A 19 3.50 1.00 -8.41
N ILE A 20 3.78 1.51 -7.22
CA ILE A 20 4.31 0.69 -6.15
C ILE A 20 3.18 -0.03 -5.40
N LEU A 21 2.00 0.56 -5.43
CA LEU A 21 0.83 -0.02 -4.76
C LEU A 21 0.49 -1.38 -5.36
N SER A 22 0.69 -1.52 -6.66
CA SER A 22 0.40 -2.77 -7.35
C SER A 22 1.02 -3.96 -6.61
N TYR A 23 2.16 -3.71 -5.96
CA TYR A 23 2.84 -4.75 -5.22
C TYR A 23 2.05 -5.17 -3.99
N GLY A 24 1.69 -4.19 -3.16
CA GLY A 24 0.93 -4.47 -1.96
C GLY A 24 -0.49 -4.91 -2.26
N VAL A 25 -1.21 -4.11 -3.05
CA VAL A 25 -2.59 -4.43 -3.41
C VAL A 25 -2.64 -5.69 -4.28
N GLY A 26 -1.87 -5.69 -5.36
CA GLY A 26 -1.86 -6.83 -6.25
C GLY A 26 -1.61 -8.14 -5.52
N PHE A 27 -0.61 -8.14 -4.63
CA PHE A 27 -0.27 -9.33 -3.86
C PHE A 27 -1.39 -9.69 -2.89
N PHE A 28 -2.09 -8.67 -2.39
CA PHE A 28 -3.20 -8.89 -1.47
C PHE A 28 -4.29 -9.73 -2.11
N LEU A 29 -4.74 -9.30 -3.29
CA LEU A 29 -5.79 -10.02 -4.01
C LEU A 29 -5.33 -11.42 -4.40
N PHE A 30 -4.15 -11.51 -4.99
CA PHE A 30 -3.60 -12.79 -5.41
C PHE A 30 -3.40 -13.72 -4.21
N ILE A 31 -3.01 -13.13 -3.08
CA ILE A 31 -2.79 -13.90 -1.86
C ILE A 31 -4.11 -14.36 -1.25
N LEU A 32 -5.13 -13.52 -1.38
CA LEU A 32 -6.46 -13.83 -0.84
C LEU A 32 -7.03 -15.07 -1.51
N VAL A 33 -6.96 -15.11 -2.83
CA VAL A 33 -7.48 -16.24 -3.60
C VAL A 33 -6.55 -17.44 -3.51
N VAL A 34 -5.24 -17.17 -3.50
CA VAL A 34 -4.25 -18.23 -3.41
C VAL A 34 -4.26 -18.88 -2.02
N ALA A 35 -4.11 -18.05 -0.99
CA ALA A 35 -4.10 -18.54 0.38
C ALA A 35 -5.42 -19.23 0.72
N ALA A 36 -6.52 -18.64 0.31
CA ALA A 36 -7.85 -19.19 0.57
C ALA A 36 -7.96 -20.61 0.01
N VAL A 37 -7.60 -20.78 -1.25
CA VAL A 37 -7.66 -22.07 -1.91
C VAL A 37 -6.70 -23.06 -1.26
N THR A 38 -5.42 -22.67 -1.20
CA THR A 38 -4.39 -23.52 -0.60
C THR A 38 -4.76 -23.91 0.83
N LEU A 39 -5.30 -22.97 1.57
CA LEU A 39 -5.70 -23.21 2.96
C LEU A 39 -6.94 -24.11 3.02
N CYS A 40 -7.88 -23.85 2.12
CA CYS A 40 -9.11 -24.64 2.07
C CYS A 40 -8.83 -26.09 1.70
N ARG A 41 -8.13 -26.28 0.59
CA ARG A 41 -7.78 -27.63 0.13
C ARG A 41 -6.80 -28.29 1.09
N LEU A 42 -6.22 -27.50 1.98
CA LEU A 42 -5.27 -28.01 2.95
C LEU A 42 -5.98 -28.68 4.12
N ARG A 43 -6.59 -27.86 4.97
CA ARG A 43 -7.32 -28.37 6.13
C ARG A 43 -6.44 -29.32 6.95
N LEU B 1 -14.80 32.55 -6.54
CA LEU B 1 -13.39 32.91 -6.66
C LEU B 1 -12.75 33.09 -5.28
N PRO B 2 -12.57 31.97 -4.55
CA PRO B 2 -11.97 31.99 -3.22
C PRO B 2 -10.48 32.32 -3.26
N ALA B 3 -9.94 32.67 -2.10
CA ALA B 3 -8.52 33.01 -2.00
C ALA B 3 -7.70 31.81 -1.51
N GLU B 4 -6.84 31.30 -2.38
CA GLU B 4 -6.00 30.15 -2.03
C GLU B 4 -4.62 30.61 -1.58
N GLU B 5 -4.10 29.97 -0.54
CA GLU B 5 -2.79 30.31 -0.01
C GLU B 5 -1.70 30.04 -1.05
N GLU B 6 -0.75 30.97 -1.16
CA GLU B 6 0.34 30.84 -2.12
C GLU B 6 1.68 30.75 -1.40
N LEU B 7 1.74 31.32 -0.20
CA LEU B 7 2.97 31.29 0.59
C LEU B 7 3.51 29.88 0.73
N VAL B 8 2.63 28.94 1.03
CA VAL B 8 3.01 27.54 1.18
C VAL B 8 1.97 26.61 0.58
N GLU B 9 2.44 25.53 -0.06
CA GLU B 9 1.54 24.57 -0.68
C GLU B 9 2.22 23.20 -0.80
N ALA B 10 1.42 22.14 -0.79
CA ALA B 10 1.94 20.79 -0.91
C ALA B 10 1.96 20.33 -2.36
N ASP B 11 2.97 19.54 -2.71
CA ASP B 11 3.11 19.04 -4.07
C ASP B 11 2.97 17.52 -4.10
N GLU B 12 3.40 16.87 -3.02
CA GLU B 12 3.33 15.42 -2.93
C GLU B 12 2.72 14.99 -1.59
N ALA B 13 2.05 13.85 -1.60
CA ALA B 13 1.41 13.32 -0.39
C ALA B 13 2.40 13.27 0.77
N GLY B 14 3.41 12.41 0.64
CA GLY B 14 4.41 12.29 1.69
C GLY B 14 4.03 11.24 2.72
N SER B 15 3.03 11.57 3.54
CA SER B 15 2.58 10.66 4.59
C SER B 15 1.05 10.55 4.58
N VAL B 16 0.43 10.97 3.48
CA VAL B 16 -1.01 10.92 3.35
C VAL B 16 -1.47 9.59 2.75
N TYR B 17 -1.10 9.35 1.50
CA TYR B 17 -1.46 8.11 0.82
C TYR B 17 -0.74 6.92 1.43
N ALA B 18 0.43 7.17 2.01
CA ALA B 18 1.22 6.11 2.63
C ALA B 18 0.38 5.30 3.61
N GLY B 19 -0.62 5.95 4.20
CA GLY B 19 -1.48 5.27 5.15
C GLY B 19 -2.20 4.07 4.54
N ILE B 20 -2.44 4.14 3.23
CA ILE B 20 -3.12 3.06 2.54
C ILE B 20 -2.13 1.95 2.16
N LEU B 21 -0.86 2.31 2.01
CA LEU B 21 0.17 1.34 1.66
C LEU B 21 0.31 0.28 2.74
N SER B 22 0.14 0.69 3.99
CA SER B 22 0.25 -0.23 5.12
C SER B 22 -0.57 -1.50 4.87
N TYR B 23 -1.67 -1.34 4.14
CA TYR B 23 -2.55 -2.47 3.85
C TYR B 23 -1.86 -3.45 2.89
N GLY B 24 -1.37 -2.93 1.77
CA GLY B 24 -0.71 -3.77 0.79
C GLY B 24 0.63 -4.28 1.29
N VAL B 25 1.49 -3.37 1.73
CA VAL B 25 2.81 -3.73 2.23
C VAL B 25 2.71 -4.54 3.51
N GLY B 26 1.98 -4.00 4.49
CA GLY B 26 1.80 -4.70 5.75
C GLY B 26 1.33 -6.13 5.57
N PHE B 27 0.33 -6.31 4.72
CA PHE B 27 -0.22 -7.64 4.47
C PHE B 27 0.80 -8.52 3.75
N PHE B 28 1.63 -7.90 2.92
CA PHE B 28 2.65 -8.64 2.18
C PHE B 28 3.64 -9.31 3.13
N LEU B 29 4.17 -8.54 4.07
CA LEU B 29 5.12 -9.07 5.04
C LEU B 29 4.47 -10.12 5.92
N PHE B 30 3.31 -9.79 6.48
CA PHE B 30 2.57 -10.71 7.34
C PHE B 30 2.19 -11.98 6.58
N ILE B 31 1.86 -11.83 5.31
CA ILE B 31 1.48 -12.97 4.47
C ILE B 31 2.69 -13.83 4.13
N LEU B 32 3.84 -13.17 3.96
CA LEU B 32 5.07 -13.87 3.63
C LEU B 32 5.47 -14.84 4.74
N VAL B 33 5.44 -14.34 5.97
CA VAL B 33 5.80 -15.15 7.13
C VAL B 33 4.69 -16.13 7.48
N VAL B 34 3.45 -15.69 7.32
CA VAL B 34 2.29 -16.53 7.63
C VAL B 34 2.15 -17.66 6.60
N ALA B 35 2.11 -17.28 5.32
CA ALA B 35 1.98 -18.26 4.25
C ALA B 35 3.16 -19.22 4.25
N ALA B 36 4.35 -18.69 4.43
CA ALA B 36 5.57 -19.51 4.45
C ALA B 36 5.47 -20.59 5.51
N VAL B 37 5.14 -20.19 6.73
CA VAL B 37 5.02 -21.13 7.85
C VAL B 37 3.89 -22.12 7.60
N THR B 38 2.69 -21.61 7.34
CA THR B 38 1.53 -22.44 7.10
C THR B 38 1.78 -23.42 5.95
N LEU B 39 2.44 -22.93 4.90
CA LEU B 39 2.75 -23.75 3.73
C LEU B 39 3.84 -24.77 4.07
N CYS B 40 4.79 -24.36 4.89
CA CYS B 40 5.89 -25.25 5.29
C CYS B 40 5.39 -26.35 6.20
N ARG B 41 4.51 -25.99 7.15
CA ARG B 41 3.96 -26.96 8.09
C ARG B 41 3.07 -27.96 7.37
N LEU B 42 2.56 -27.58 6.20
CA LEU B 42 1.70 -28.46 5.42
C LEU B 42 2.34 -29.82 5.23
N ARG B 43 3.59 -29.82 4.76
CA ARG B 43 4.32 -31.07 4.53
C ARG B 43 4.28 -31.95 5.76
N LEU A 1 17.04 22.76 -23.33
CA LEU A 1 16.31 21.65 -22.72
C LEU A 1 15.19 22.18 -21.82
N PRO A 2 14.18 21.33 -21.58
CA PRO A 2 13.03 21.69 -20.75
C PRO A 2 13.41 21.80 -19.27
N ALA A 3 13.26 23.00 -18.72
CA ALA A 3 13.59 23.25 -17.32
C ALA A 3 12.59 24.20 -16.68
N GLU A 4 12.21 23.93 -15.44
CA GLU A 4 11.26 24.77 -14.73
C GLU A 4 11.23 24.41 -13.24
N GLU A 5 10.76 25.34 -12.43
CA GLU A 5 10.68 25.13 -10.99
C GLU A 5 9.25 24.77 -10.57
N GLU A 6 9.07 24.53 -9.28
CA GLU A 6 7.75 24.16 -8.75
C GLU A 6 7.35 25.09 -7.60
N LEU A 7 6.10 25.52 -7.61
CA LEU A 7 5.59 26.41 -6.57
C LEU A 7 4.86 25.61 -5.49
N VAL A 8 4.38 26.33 -4.47
CA VAL A 8 3.64 25.69 -3.37
C VAL A 8 2.16 25.57 -3.70
N GLU A 9 1.65 24.34 -3.66
CA GLU A 9 0.25 24.09 -3.95
C GLU A 9 -0.23 22.81 -3.26
N ALA A 10 -1.55 22.66 -3.16
CA ALA A 10 -2.13 21.47 -2.54
C ALA A 10 -2.42 20.39 -3.58
N ASP A 11 -1.66 19.30 -3.51
CA ASP A 11 -1.84 18.19 -4.44
C ASP A 11 -0.96 17.01 -4.04
N GLU A 12 -1.09 15.91 -4.80
CA GLU A 12 -0.32 14.71 -4.51
C GLU A 12 -0.26 13.81 -5.75
N ALA A 13 0.66 12.84 -5.73
CA ALA A 13 0.82 11.92 -6.83
C ALA A 13 -0.39 11.00 -6.96
N GLY A 14 -0.84 10.79 -8.20
CA GLY A 14 -1.99 9.93 -8.43
C GLY A 14 -1.64 8.70 -9.23
N SER A 15 -0.70 8.84 -10.15
CA SER A 15 -0.27 7.73 -11.00
C SER A 15 1.21 7.43 -10.80
N VAL A 16 1.85 8.21 -9.93
CA VAL A 16 3.27 8.03 -9.64
C VAL A 16 3.47 7.07 -8.48
N TYR A 17 3.03 7.47 -7.30
CA TYR A 17 3.18 6.63 -6.11
C TYR A 17 2.25 5.43 -6.18
N ALA A 18 1.12 5.59 -6.86
CA ALA A 18 0.16 4.51 -7.00
C ALA A 18 0.78 3.29 -7.66
N GLY A 19 1.86 3.51 -8.42
CA GLY A 19 2.53 2.42 -9.09
C GLY A 19 3.13 1.43 -8.12
N ILE A 20 3.45 1.89 -6.92
CA ILE A 20 4.04 1.04 -5.89
C ILE A 20 2.96 0.24 -5.16
N LEU A 21 1.74 0.74 -5.20
CA LEU A 21 0.62 0.08 -4.54
C LEU A 21 0.31 -1.26 -5.20
N SER A 22 0.51 -1.33 -6.52
CA SER A 22 0.25 -2.55 -7.27
C SER A 22 0.91 -3.75 -6.60
N TYR A 23 2.06 -3.51 -5.97
CA TYR A 23 2.79 -4.57 -5.28
C TYR A 23 2.03 -5.06 -4.07
N GLY A 24 1.65 -4.14 -3.19
CA GLY A 24 0.91 -4.50 -1.99
C GLY A 24 -0.49 -4.99 -2.30
N VAL A 25 -1.24 -4.18 -3.05
CA VAL A 25 -2.60 -4.52 -3.42
C VAL A 25 -2.64 -5.78 -4.28
N GLY A 26 -1.84 -5.78 -5.34
CA GLY A 26 -1.80 -6.92 -6.24
C GLY A 26 -1.55 -8.22 -5.51
N PHE A 27 -0.56 -8.22 -4.63
CA PHE A 27 -0.23 -9.41 -3.86
C PHE A 27 -1.36 -9.80 -2.91
N PHE A 28 -2.08 -8.79 -2.42
CA PHE A 28 -3.20 -9.01 -1.52
C PHE A 28 -4.28 -9.85 -2.18
N LEU A 29 -4.70 -9.43 -3.37
CA LEU A 29 -5.73 -10.15 -4.11
C LEU A 29 -5.27 -11.55 -4.48
N PHE A 30 -4.07 -11.64 -5.05
CA PHE A 30 -3.51 -12.92 -5.45
C PHE A 30 -3.33 -13.84 -4.24
N ILE A 31 -2.96 -13.25 -3.10
CA ILE A 31 -2.75 -14.01 -1.88
C ILE A 31 -4.08 -14.46 -1.28
N LEU A 32 -5.10 -13.63 -1.43
CA LEU A 32 -6.42 -13.95 -0.91
C LEU A 32 -6.99 -15.20 -1.59
N VAL A 33 -6.90 -15.24 -2.91
CA VAL A 33 -7.40 -16.37 -3.68
C VAL A 33 -6.46 -17.57 -3.56
N VAL A 34 -5.16 -17.30 -3.55
CA VAL A 34 -4.16 -18.36 -3.43
C VAL A 34 -4.19 -18.99 -2.04
N ALA A 35 -4.07 -18.16 -1.01
CA ALA A 35 -4.09 -18.64 0.36
C ALA A 35 -5.40 -19.34 0.69
N ALA A 36 -6.51 -18.74 0.25
CA ALA A 36 -7.83 -19.31 0.49
C ALA A 36 -7.92 -20.73 -0.06
N VAL A 37 -7.53 -20.90 -1.31
CA VAL A 37 -7.57 -22.21 -1.95
C VAL A 37 -6.60 -23.18 -1.28
N THR A 38 -5.34 -22.79 -1.20
CA THR A 38 -4.32 -23.63 -0.59
C THR A 38 -4.71 -24.01 0.84
N LEU A 39 -5.27 -23.06 1.58
CA LEU A 39 -5.68 -23.30 2.94
C LEU A 39 -6.91 -24.19 2.99
N CYS A 40 -7.88 -23.91 2.13
CA CYS A 40 -9.11 -24.70 2.07
C CYS A 40 -8.81 -26.14 1.69
N ARG A 41 -7.93 -26.32 0.70
CA ARG A 41 -7.57 -27.66 0.24
C ARG A 41 -6.81 -28.42 1.33
N LEU A 42 -6.19 -27.67 2.24
CA LEU A 42 -5.43 -28.27 3.33
C LEU A 42 -6.36 -28.82 4.40
N ARG A 43 -7.47 -28.14 4.63
CA ARG A 43 -8.44 -28.56 5.63
C ARG A 43 -9.48 -29.50 5.02
N LEU B 1 -1.42 38.11 -3.56
CA LEU B 1 0.00 37.89 -3.76
C LEU B 1 0.36 38.01 -5.24
N PRO B 2 0.33 39.25 -5.76
CA PRO B 2 0.65 39.52 -7.15
C PRO B 2 2.15 39.34 -7.45
N ALA B 3 2.45 38.52 -8.45
CA ALA B 3 3.83 38.26 -8.83
C ALA B 3 3.89 37.56 -10.18
N GLU B 4 5.06 37.61 -10.82
CA GLU B 4 5.26 36.98 -12.12
C GLU B 4 5.66 35.52 -11.96
N GLU B 5 4.79 34.62 -12.41
CA GLU B 5 5.05 33.19 -12.32
C GLU B 5 4.70 32.48 -13.62
N GLU B 6 5.20 31.26 -13.79
CA GLU B 6 4.94 30.48 -14.99
C GLU B 6 4.24 29.17 -14.65
N LEU B 7 3.92 28.40 -15.67
CA LEU B 7 3.25 27.12 -15.48
C LEU B 7 4.10 26.17 -14.64
N VAL B 8 3.62 25.88 -13.44
CA VAL B 8 4.34 24.98 -12.54
C VAL B 8 3.42 23.88 -12.00
N GLU B 9 3.97 22.68 -11.85
CA GLU B 9 3.19 21.55 -11.35
C GLU B 9 3.89 20.91 -10.15
N ALA B 10 3.23 20.97 -8.99
CA ALA B 10 3.79 20.39 -7.78
C ALA B 10 2.76 19.50 -7.08
N ASP B 11 3.19 18.29 -6.72
CA ASP B 11 2.30 17.35 -6.04
C ASP B 11 3.11 16.22 -5.41
N GLU B 12 2.91 16.02 -4.11
CA GLU B 12 3.63 14.98 -3.38
C GLU B 12 2.92 14.65 -2.07
N ALA B 13 2.22 13.52 -2.04
CA ALA B 13 1.51 13.09 -0.85
C ALA B 13 2.45 12.97 0.35
N GLY B 14 3.41 12.06 0.26
CA GLY B 14 4.35 11.86 1.35
C GLY B 14 3.84 10.90 2.40
N SER B 15 3.11 11.44 3.37
CA SER B 15 2.57 10.63 4.45
C SER B 15 1.05 10.49 4.31
N VAL B 16 0.52 10.98 3.20
CA VAL B 16 -0.91 10.90 2.94
C VAL B 16 -1.28 9.61 2.22
N TYR B 17 -0.80 9.46 0.99
CA TYR B 17 -1.07 8.28 0.20
C TYR B 17 -0.32 7.06 0.75
N ALA B 18 0.82 7.31 1.38
CA ALA B 18 1.63 6.25 1.95
C ALA B 18 0.85 5.49 3.03
N GLY B 19 -0.16 6.15 3.59
CA GLY B 19 -0.96 5.53 4.63
C GLY B 19 -1.74 4.34 4.12
N ILE B 20 -2.03 4.34 2.82
CA ILE B 20 -2.78 3.24 2.21
C ILE B 20 -1.87 2.06 1.89
N LEU B 21 -0.57 2.35 1.76
CA LEU B 21 0.40 1.31 1.45
C LEU B 21 0.50 0.30 2.59
N SER B 22 0.35 0.79 3.82
CA SER B 22 0.43 -0.07 4.99
C SER B 22 -0.43 -1.32 4.82
N TYR B 23 -1.54 -1.16 4.12
CA TYR B 23 -2.46 -2.27 3.88
C TYR B 23 -1.82 -3.32 2.97
N GLY B 24 -1.34 -2.88 1.81
CA GLY B 24 -0.71 -3.79 0.87
C GLY B 24 0.61 -4.33 1.39
N VAL B 25 1.51 -3.43 1.79
CA VAL B 25 2.81 -3.82 2.30
C VAL B 25 2.67 -4.63 3.59
N GLY B 26 1.93 -4.09 4.55
CA GLY B 26 1.73 -4.78 5.81
C GLY B 26 1.25 -6.21 5.62
N PHE B 27 0.25 -6.39 4.78
CA PHE B 27 -0.29 -7.72 4.51
C PHE B 27 0.74 -8.60 3.83
N PHE B 28 1.59 -7.99 3.02
CA PHE B 28 2.63 -8.72 2.30
C PHE B 28 3.58 -9.41 3.27
N LEU B 29 4.11 -8.63 4.21
CA LEU B 29 5.04 -9.15 5.21
C LEU B 29 4.36 -10.21 6.08
N PHE B 30 3.19 -9.89 6.59
CA PHE B 30 2.44 -10.81 7.44
C PHE B 30 2.07 -12.08 6.67
N ILE B 31 1.77 -11.92 5.39
CA ILE B 31 1.41 -13.05 4.54
C ILE B 31 2.63 -13.90 4.21
N LEU B 32 3.78 -13.26 4.06
CA LEU B 32 5.02 -13.95 3.74
C LEU B 32 5.40 -14.91 4.86
N VAL B 33 5.34 -14.42 6.10
CA VAL B 33 5.68 -15.23 7.26
C VAL B 33 4.57 -16.23 7.59
N VAL B 34 3.32 -15.79 7.42
CA VAL B 34 2.17 -16.64 7.69
C VAL B 34 2.06 -17.75 6.66
N ALA B 35 2.04 -17.38 5.38
CA ALA B 35 1.93 -18.34 4.30
C ALA B 35 3.11 -19.31 4.31
N ALA B 36 4.31 -18.77 4.53
CA ALA B 36 5.51 -19.59 4.56
C ALA B 36 5.41 -20.68 5.61
N VAL B 37 5.02 -20.30 6.83
CA VAL B 37 4.88 -21.25 7.92
C VAL B 37 3.75 -22.24 7.64
N THR B 38 2.56 -21.71 7.39
CA THR B 38 1.40 -22.54 7.10
C THR B 38 1.68 -23.51 5.96
N LEU B 39 2.36 -23.01 4.92
CA LEU B 39 2.69 -23.82 3.76
C LEU B 39 3.76 -24.86 4.11
N CYS B 40 4.80 -24.41 4.82
CA CYS B 40 5.89 -25.29 5.21
C CYS B 40 5.38 -26.42 6.11
N ARG B 41 4.52 -26.07 7.06
CA ARG B 41 3.96 -27.05 7.98
C ARG B 41 3.05 -28.02 7.25
N LEU B 42 2.53 -27.60 6.10
CA LEU B 42 1.65 -28.44 5.30
C LEU B 42 2.44 -29.50 4.54
N ARG B 43 3.61 -29.11 4.03
CA ARG B 43 4.46 -30.03 3.28
C ARG B 43 4.87 -31.20 4.14
N LEU A 1 19.64 19.02 16.93
CA LEU A 1 19.54 19.14 15.49
C LEU A 1 18.11 19.45 15.06
N PRO A 2 17.96 20.00 13.84
CA PRO A 2 16.65 20.36 13.30
C PRO A 2 15.81 19.14 12.96
N ALA A 3 14.55 19.37 12.59
CA ALA A 3 13.64 18.28 12.23
C ALA A 3 12.79 18.66 11.03
N GLU A 4 12.16 17.65 10.42
CA GLU A 4 11.33 17.87 9.25
C GLU A 4 9.84 17.83 9.63
N GLU A 5 8.98 18.09 8.65
CA GLU A 5 7.54 18.08 8.88
C GLU A 5 6.78 17.89 7.57
N GLU A 6 5.47 17.67 7.69
CA GLU A 6 4.63 17.47 6.51
C GLU A 6 3.90 18.76 6.14
N LEU A 7 3.72 18.97 4.84
CA LEU A 7 3.04 20.16 4.35
C LEU A 7 1.91 19.79 3.40
N VAL A 8 1.06 20.77 3.08
CA VAL A 8 -0.05 20.55 2.18
C VAL A 8 0.30 20.95 0.76
N GLU A 9 -0.27 20.24 -0.22
CA GLU A 9 -0.01 20.53 -1.62
C GLU A 9 -1.22 20.17 -2.48
N ALA A 10 -1.34 20.82 -3.64
CA ALA A 10 -2.45 20.57 -4.55
C ALA A 10 -2.14 19.40 -5.48
N ASP A 11 -0.98 19.44 -6.10
CA ASP A 11 -0.57 18.37 -7.02
C ASP A 11 -0.50 17.03 -6.30
N GLU A 12 -0.29 15.96 -7.06
CA GLU A 12 -0.20 14.62 -6.49
C GLU A 12 0.44 13.66 -7.47
N ALA A 13 0.99 12.56 -6.95
CA ALA A 13 1.63 11.55 -7.78
C ALA A 13 0.72 11.12 -8.92
N GLY A 14 -0.42 10.54 -8.56
CA GLY A 14 -1.36 10.08 -9.57
C GLY A 14 -1.04 8.67 -10.07
N SER A 15 -0.15 8.58 -11.04
CA SER A 15 0.23 7.29 -11.61
C SER A 15 1.69 6.99 -11.31
N VAL A 16 2.29 7.79 -10.44
CA VAL A 16 3.69 7.60 -10.06
C VAL A 16 3.81 6.68 -8.85
N TYR A 17 3.30 7.14 -7.72
CA TYR A 17 3.35 6.37 -6.48
C TYR A 17 2.44 5.15 -6.56
N ALA A 18 1.35 5.28 -7.32
CA ALA A 18 0.40 4.20 -7.48
C ALA A 18 1.08 2.95 -8.04
N GLY A 19 2.17 3.15 -8.77
CA GLY A 19 2.90 2.04 -9.35
C GLY A 19 3.43 1.08 -8.31
N ILE A 20 3.70 1.61 -7.12
CA ILE A 20 4.22 0.79 -6.02
C ILE A 20 3.10 0.06 -5.30
N LEU A 21 1.89 0.61 -5.39
CA LEU A 21 0.72 0.02 -4.74
C LEU A 21 0.40 -1.35 -5.34
N SER A 22 0.61 -1.47 -6.66
CA SER A 22 0.34 -2.72 -7.36
C SER A 22 0.96 -3.90 -6.62
N TYR A 23 2.10 -3.65 -5.98
CA TYR A 23 2.81 -4.69 -5.24
C TYR A 23 2.01 -5.12 -4.01
N GLY A 24 1.64 -4.16 -3.18
CA GLY A 24 0.89 -4.46 -1.99
C GLY A 24 -0.53 -4.91 -2.29
N VAL A 25 -1.25 -4.11 -3.07
CA VAL A 25 -2.62 -4.45 -3.44
C VAL A 25 -2.67 -5.70 -4.30
N GLY A 26 -1.90 -5.70 -5.38
CA GLY A 26 -1.87 -6.85 -6.27
C GLY A 26 -1.62 -8.15 -5.53
N PHE A 27 -0.63 -8.14 -4.64
CA PHE A 27 -0.28 -9.33 -3.87
C PHE A 27 -1.41 -9.70 -2.91
N PHE A 28 -2.11 -8.69 -2.42
CA PHE A 28 -3.22 -8.91 -1.50
C PHE A 28 -4.32 -9.75 -2.14
N LEU A 29 -4.75 -9.33 -3.33
CA LEU A 29 -5.79 -10.04 -4.05
C LEU A 29 -5.33 -11.45 -4.43
N PHE A 30 -4.15 -11.53 -5.02
CA PHE A 30 -3.59 -12.81 -5.43
C PHE A 30 -3.39 -13.73 -4.24
N ILE A 31 -3.01 -13.14 -3.10
CA ILE A 31 -2.79 -13.91 -1.88
C ILE A 31 -4.11 -14.37 -1.27
N LEU A 32 -5.14 -13.55 -1.41
CA LEU A 32 -6.46 -13.86 -0.87
C LEU A 32 -7.03 -15.11 -1.55
N VAL A 33 -6.95 -15.14 -2.88
CA VAL A 33 -7.46 -16.27 -3.64
C VAL A 33 -6.53 -17.47 -3.54
N VAL A 34 -5.24 -17.20 -3.52
CA VAL A 34 -4.23 -18.26 -3.43
C VAL A 34 -4.24 -18.90 -2.05
N ALA A 35 -4.11 -18.07 -1.01
CA ALA A 35 -4.10 -18.56 0.36
C ALA A 35 -5.42 -19.24 0.71
N ALA A 36 -6.52 -18.67 0.25
CA ALA A 36 -7.84 -19.23 0.50
C ALA A 36 -7.94 -20.66 -0.05
N VAL A 37 -7.58 -20.83 -1.32
CA VAL A 37 -7.63 -22.14 -1.96
C VAL A 37 -6.70 -23.12 -1.26
N THR A 38 -5.43 -22.75 -1.14
CA THR A 38 -4.43 -23.60 -0.50
C THR A 38 -4.86 -23.96 0.92
N LEU A 39 -5.29 -22.95 1.68
CA LEU A 39 -5.72 -23.16 3.06
C LEU A 39 -6.96 -24.06 3.11
N CYS A 40 -7.83 -23.90 2.13
CA CYS A 40 -9.05 -24.70 2.06
C CYS A 40 -8.74 -26.15 1.71
N ARG A 41 -7.87 -26.35 0.72
CA ARG A 41 -7.49 -27.68 0.29
C ARG A 41 -6.33 -28.21 1.13
N LEU A 42 -5.97 -27.46 2.16
CA LEU A 42 -4.87 -27.86 3.03
C LEU A 42 -5.34 -28.88 4.06
N ARG A 43 -6.58 -28.75 4.49
CA ARG A 43 -7.16 -29.66 5.48
C ARG A 43 -7.86 -30.84 4.79
N LEU B 1 10.55 35.37 3.47
CA LEU B 1 11.98 35.60 3.68
C LEU B 1 12.55 36.51 2.60
N PRO B 2 13.70 37.14 2.89
CA PRO B 2 14.38 38.04 1.97
C PRO B 2 14.98 37.30 0.78
N ALA B 3 15.65 36.18 1.05
CA ALA B 3 16.27 35.38 0.01
C ALA B 3 15.28 34.39 -0.58
N GLU B 4 15.29 34.27 -1.91
CA GLU B 4 14.39 33.36 -2.60
C GLU B 4 15.07 32.02 -2.87
N GLU B 5 14.29 30.94 -2.82
CA GLU B 5 14.82 29.61 -3.05
C GLU B 5 13.77 28.72 -3.72
N GLU B 6 14.22 27.89 -4.66
CA GLU B 6 13.34 26.99 -5.38
C GLU B 6 13.55 25.54 -4.95
N LEU B 7 12.64 24.66 -5.35
CA LEU B 7 12.73 23.25 -5.01
C LEU B 7 12.69 22.38 -6.26
N VAL B 8 13.51 21.33 -6.27
CA VAL B 8 13.57 20.43 -7.41
C VAL B 8 12.53 19.32 -7.28
N GLU B 9 12.15 19.02 -6.05
CA GLU B 9 11.16 17.98 -5.79
C GLU B 9 9.76 18.43 -6.23
N ALA B 10 8.93 17.46 -6.60
CA ALA B 10 7.57 17.75 -7.05
C ALA B 10 6.57 17.57 -5.91
N ASP B 11 5.40 18.19 -6.06
CA ASP B 11 4.36 18.09 -5.05
C ASP B 11 3.62 16.76 -5.15
N GLU B 12 3.79 15.93 -4.12
CA GLU B 12 3.15 14.62 -4.09
C GLU B 12 2.96 14.14 -2.65
N ALA B 13 1.78 13.61 -2.36
CA ALA B 13 1.48 13.11 -1.02
C ALA B 13 2.43 11.98 -0.63
N GLY B 14 3.15 12.17 0.47
CA GLY B 14 4.08 11.17 0.93
C GLY B 14 3.60 10.45 2.18
N SER B 15 3.27 11.23 3.21
CA SER B 15 2.80 10.67 4.46
C SER B 15 1.27 10.59 4.49
N VAL B 16 0.64 10.99 3.39
CA VAL B 16 -0.81 10.97 3.28
C VAL B 16 -1.29 9.63 2.71
N TYR B 17 -0.95 9.36 1.46
CA TYR B 17 -1.34 8.13 0.80
C TYR B 17 -0.64 6.92 1.42
N ALA B 18 0.53 7.18 2.02
CA ALA B 18 1.31 6.12 2.65
C ALA B 18 0.45 5.31 3.61
N GLY B 19 -0.55 5.96 4.20
CA GLY B 19 -1.43 5.29 5.14
C GLY B 19 -2.14 4.11 4.51
N ILE B 20 -2.37 4.17 3.21
CA ILE B 20 -3.05 3.09 2.49
C ILE B 20 -2.08 1.97 2.13
N LEU B 21 -0.80 2.32 1.99
CA LEU B 21 0.22 1.34 1.66
C LEU B 21 0.34 0.28 2.76
N SER B 22 0.16 0.71 4.00
CA SER B 22 0.26 -0.21 5.14
C SER B 22 -0.58 -1.46 4.89
N TYR B 23 -1.68 -1.30 4.17
CA TYR B 23 -2.55 -2.43 3.86
C TYR B 23 -1.88 -3.41 2.92
N GLY B 24 -1.39 -2.90 1.78
CA GLY B 24 -0.72 -3.76 0.82
C GLY B 24 0.62 -4.27 1.32
N VAL B 25 1.47 -3.36 1.76
CA VAL B 25 2.79 -3.72 2.26
C VAL B 25 2.67 -4.54 3.54
N GLY B 26 1.94 -4.01 4.52
CA GLY B 26 1.76 -4.71 5.78
C GLY B 26 1.29 -6.13 5.60
N PHE B 27 0.29 -6.31 4.74
CA PHE B 27 -0.26 -7.64 4.48
C PHE B 27 0.77 -8.52 3.77
N PHE B 28 1.60 -7.91 2.94
CA PHE B 28 2.62 -8.63 2.20
C PHE B 28 3.60 -9.32 3.16
N LEU B 29 4.13 -8.55 4.10
CA LEU B 29 5.08 -9.07 5.08
C LEU B 29 4.42 -10.13 5.96
N PHE B 30 3.25 -9.80 6.50
CA PHE B 30 2.51 -10.72 7.35
C PHE B 30 2.15 -11.99 6.60
N ILE B 31 1.83 -11.83 5.32
CA ILE B 31 1.45 -12.97 4.48
C ILE B 31 2.66 -13.82 4.14
N LEU B 32 3.81 -13.18 3.97
CA LEU B 32 5.04 -13.88 3.65
C LEU B 32 5.44 -14.84 4.77
N VAL B 33 5.39 -14.35 5.99
CA VAL B 33 5.75 -15.16 7.16
C VAL B 33 4.64 -16.14 7.50
N VAL B 34 3.40 -15.69 7.35
CA VAL B 34 2.25 -16.54 7.63
C VAL B 34 2.10 -17.66 6.61
N ALA B 35 2.07 -17.29 5.33
CA ALA B 35 1.95 -18.26 4.25
C ALA B 35 3.13 -19.23 4.25
N ALA B 36 4.33 -18.69 4.45
CA ALA B 36 5.54 -19.51 4.48
C ALA B 36 5.44 -20.60 5.54
N VAL B 37 5.09 -20.21 6.76
CA VAL B 37 4.96 -21.15 7.85
C VAL B 37 3.84 -22.15 7.59
N THR B 38 2.64 -21.64 7.32
CA THR B 38 1.48 -22.48 7.05
C THR B 38 1.76 -23.43 5.90
N LEU B 39 2.42 -22.93 4.86
CA LEU B 39 2.74 -23.75 3.69
C LEU B 39 3.83 -24.76 4.03
N CYS B 40 4.80 -24.35 4.83
CA CYS B 40 5.91 -25.22 5.21
C CYS B 40 5.40 -26.35 6.12
N ARG B 41 4.53 -26.00 7.07
CA ARG B 41 3.98 -26.97 8.00
C ARG B 41 3.08 -27.97 7.27
N LEU B 42 2.59 -27.57 6.10
CA LEU B 42 1.73 -28.43 5.30
C LEU B 42 2.35 -29.81 5.11
N ARG B 43 3.43 -29.86 4.34
CA ARG B 43 4.12 -31.12 4.08
C ARG B 43 4.57 -31.77 5.39
N LEU A 1 -7.55 21.06 -25.85
CA LEU A 1 -6.55 22.12 -25.91
C LEU A 1 -5.15 21.56 -25.82
N PRO A 2 -4.16 22.34 -26.28
CA PRO A 2 -2.75 21.93 -26.26
C PRO A 2 -2.18 21.88 -24.85
N ALA A 3 -1.88 20.67 -24.38
CA ALA A 3 -1.32 20.49 -23.04
C ALA A 3 -0.18 19.47 -23.05
N GLU A 4 1.04 19.97 -22.95
CA GLU A 4 2.22 19.11 -22.94
C GLU A 4 3.20 19.52 -21.85
N GLU A 5 3.85 18.54 -21.23
CA GLU A 5 4.81 18.80 -20.18
C GLU A 5 6.03 17.91 -20.32
N GLU A 6 7.22 18.48 -20.08
CA GLU A 6 8.46 17.75 -20.20
C GLU A 6 8.47 16.54 -19.25
N LEU A 7 9.55 15.77 -19.29
CA LEU A 7 9.68 14.59 -18.44
C LEU A 7 11.10 14.46 -17.91
N VAL A 8 11.22 14.37 -16.59
CA VAL A 8 12.53 14.23 -15.95
C VAL A 8 12.46 13.28 -14.76
N GLU A 9 13.59 12.63 -14.48
CA GLU A 9 13.66 11.69 -13.36
C GLU A 9 13.73 12.43 -12.02
N ALA A 10 12.66 12.33 -11.24
CA ALA A 10 12.60 12.98 -9.94
C ALA A 10 11.45 12.43 -9.11
N ASP A 11 11.51 12.67 -7.80
CA ASP A 11 10.48 12.20 -6.89
C ASP A 11 9.39 13.25 -6.70
N GLU A 12 8.23 13.01 -7.29
CA GLU A 12 7.11 13.94 -7.19
C GLU A 12 5.79 13.23 -7.45
N ALA A 13 4.70 13.98 -7.37
CA ALA A 13 3.37 13.42 -7.60
C ALA A 13 3.11 13.18 -9.09
N GLY A 14 2.06 12.42 -9.39
CA GLY A 14 1.74 12.13 -10.78
C GLY A 14 1.59 10.64 -11.04
N SER A 15 0.72 10.00 -10.27
CA SER A 15 0.49 8.56 -10.41
C SER A 15 1.80 7.79 -10.38
N VAL A 16 2.80 8.36 -9.70
CA VAL A 16 4.11 7.73 -9.59
C VAL A 16 4.18 6.81 -8.37
N TYR A 17 3.74 7.32 -7.23
CA TYR A 17 3.75 6.54 -5.99
C TYR A 17 2.71 5.44 -6.03
N ALA A 18 1.63 5.68 -6.76
CA ALA A 18 0.55 4.70 -6.87
C ALA A 18 1.04 3.43 -7.57
N GLY A 19 2.12 3.56 -8.33
CA GLY A 19 2.68 2.42 -9.02
C GLY A 19 3.23 1.37 -8.08
N ILE A 20 3.59 1.79 -6.88
CA ILE A 20 4.14 0.88 -5.87
C ILE A 20 3.03 0.13 -5.14
N LEU A 21 1.83 0.69 -5.18
CA LEU A 21 0.68 0.07 -4.52
C LEU A 21 0.33 -1.26 -5.17
N SER A 22 0.50 -1.33 -6.50
CA SER A 22 0.19 -2.54 -7.24
C SER A 22 0.84 -3.76 -6.58
N TYR A 23 2.01 -3.55 -5.98
CA TYR A 23 2.73 -4.62 -5.31
C TYR A 23 1.97 -5.11 -4.09
N GLY A 24 1.62 -4.18 -3.20
CA GLY A 24 0.89 -4.53 -2.00
C GLY A 24 -0.52 -4.99 -2.29
N VAL A 25 -1.27 -4.17 -3.03
CA VAL A 25 -2.64 -4.50 -3.38
C VAL A 25 -2.72 -5.76 -4.23
N GLY A 26 -1.95 -5.76 -5.33
CA GLY A 26 -1.94 -6.91 -6.22
C GLY A 26 -1.68 -8.21 -5.49
N PHE A 27 -0.66 -8.22 -4.63
CA PHE A 27 -0.32 -9.41 -3.87
C PHE A 27 -1.44 -9.77 -2.90
N PHE A 28 -2.13 -8.76 -2.39
CA PHE A 28 -3.22 -8.97 -1.44
C PHE A 28 -4.33 -9.81 -2.08
N LEU A 29 -4.78 -9.39 -3.25
CA LEU A 29 -5.84 -10.09 -3.97
C LEU A 29 -5.39 -11.50 -4.35
N PHE A 30 -4.21 -11.59 -4.95
CA PHE A 30 -3.67 -12.88 -5.37
C PHE A 30 -3.46 -13.80 -4.17
N ILE A 31 -3.06 -13.21 -3.05
CA ILE A 31 -2.83 -13.98 -1.83
C ILE A 31 -4.15 -14.43 -1.20
N LEU A 32 -5.17 -13.60 -1.33
CA LEU A 32 -6.48 -13.91 -0.78
C LEU A 32 -7.07 -15.16 -1.46
N VAL A 33 -7.01 -15.19 -2.79
CA VAL A 33 -7.53 -16.32 -3.54
C VAL A 33 -6.60 -17.52 -3.45
N VAL A 34 -5.30 -17.26 -3.45
CA VAL A 34 -4.30 -18.32 -3.36
C VAL A 34 -4.30 -18.96 -1.97
N ALA A 35 -4.15 -18.13 -0.94
CA ALA A 35 -4.14 -18.61 0.43
C ALA A 35 -5.45 -19.32 0.78
N ALA A 36 -6.57 -18.71 0.38
CA ALA A 36 -7.88 -19.27 0.65
C ALA A 36 -7.99 -20.68 0.09
N VAL A 37 -7.64 -20.84 -1.19
CA VAL A 37 -7.71 -22.14 -1.84
C VAL A 37 -6.72 -23.13 -1.22
N THR A 38 -5.45 -22.73 -1.17
CA THR A 38 -4.41 -23.57 -0.61
C THR A 38 -4.75 -23.99 0.81
N LEU A 39 -5.30 -23.04 1.58
CA LEU A 39 -5.67 -23.32 2.98
C LEU A 39 -6.89 -24.22 3.04
N CYS A 40 -7.90 -23.89 2.23
CA CYS A 40 -9.13 -24.67 2.20
C CYS A 40 -8.86 -26.11 1.79
N ARG A 41 -8.03 -26.27 0.76
CA ARG A 41 -7.69 -27.60 0.25
C ARG A 41 -6.87 -28.37 1.29
N LEU A 42 -6.21 -27.64 2.18
CA LEU A 42 -5.39 -28.26 3.22
C LEU A 42 -6.26 -28.82 4.34
N ARG A 43 -7.44 -28.22 4.53
CA ARG A 43 -8.36 -28.66 5.57
C ARG A 43 -8.89 -30.06 5.25
N LEU B 1 -21.46 39.86 -4.50
CA LEU B 1 -21.08 40.30 -3.16
C LEU B 1 -19.59 40.07 -2.92
N PRO B 2 -18.75 40.89 -3.56
CA PRO B 2 -17.29 40.80 -3.43
C PRO B 2 -16.80 41.23 -2.04
N ALA B 3 -15.91 40.44 -1.47
CA ALA B 3 -15.36 40.74 -0.15
C ALA B 3 -13.86 40.50 -0.11
N GLU B 4 -13.21 41.01 0.94
CA GLU B 4 -11.78 40.84 1.10
C GLU B 4 -11.46 39.62 1.97
N GLU B 5 -10.97 38.55 1.35
CA GLU B 5 -10.64 37.33 2.07
C GLU B 5 -9.49 36.60 1.39
N GLU B 6 -8.61 36.00 2.19
CA GLU B 6 -7.47 35.27 1.66
C GLU B 6 -7.65 33.77 1.87
N LEU B 7 -7.50 33.01 0.79
CA LEU B 7 -7.65 31.56 0.85
C LEU B 7 -6.64 30.87 -0.06
N VAL B 8 -5.64 30.23 0.54
CA VAL B 8 -4.61 29.53 -0.22
C VAL B 8 -4.08 28.32 0.54
N GLU B 9 -3.97 27.19 -0.14
CA GLU B 9 -3.48 25.97 0.48
C GLU B 9 -2.91 25.01 -0.56
N ALA B 10 -1.89 24.26 -0.19
CA ALA B 10 -1.26 23.30 -1.09
C ALA B 10 -1.49 21.87 -0.63
N ASP B 11 -1.19 20.91 -1.50
CA ASP B 11 -1.37 19.51 -1.17
C ASP B 11 -0.27 18.66 -1.83
N GLU B 12 0.59 18.08 -1.00
CA GLU B 12 1.69 17.25 -1.49
C GLU B 12 1.60 15.85 -0.90
N ALA B 13 1.16 14.89 -1.73
CA ALA B 13 1.05 13.51 -1.29
C ALA B 13 2.34 13.02 -0.66
N GLY B 14 2.35 12.94 0.67
CA GLY B 14 3.54 12.48 1.38
C GLY B 14 3.21 11.46 2.45
N SER B 15 2.21 11.76 3.27
CA SER B 15 1.82 10.85 4.34
C SER B 15 0.32 10.55 4.26
N VAL B 16 -0.32 11.00 3.18
CA VAL B 16 -1.74 10.78 2.99
C VAL B 16 -2.00 9.48 2.24
N TYR B 17 -1.56 9.43 0.99
CA TYR B 17 -1.73 8.24 0.16
C TYR B 17 -0.85 7.10 0.65
N ALA B 18 0.29 7.44 1.23
CA ALA B 18 1.23 6.45 1.74
C ALA B 18 0.59 5.63 2.86
N GLY B 19 -0.43 6.20 3.50
CA GLY B 19 -1.10 5.50 4.57
C GLY B 19 -1.86 4.27 4.10
N ILE B 20 -2.18 4.25 2.80
CA ILE B 20 -2.90 3.12 2.22
C ILE B 20 -1.95 1.97 1.87
N LEU B 21 -0.67 2.30 1.73
CA LEU B 21 0.34 1.29 1.40
C LEU B 21 0.49 0.30 2.54
N SER B 22 0.36 0.77 3.77
CA SER B 22 0.49 -0.09 4.95
C SER B 22 -0.35 -1.35 4.79
N TYR B 23 -1.49 -1.21 4.11
CA TYR B 23 -2.40 -2.33 3.90
C TYR B 23 -1.76 -3.37 2.98
N GLY B 24 -1.31 -2.92 1.82
CA GLY B 24 -0.68 -3.83 0.87
C GLY B 24 0.65 -4.35 1.36
N VAL B 25 1.54 -3.44 1.75
CA VAL B 25 2.86 -3.81 2.24
C VAL B 25 2.75 -4.64 3.52
N GLY B 26 2.04 -4.10 4.50
CA GLY B 26 1.88 -4.79 5.77
C GLY B 26 1.40 -6.21 5.58
N PHE B 27 0.36 -6.39 4.77
CA PHE B 27 -0.19 -7.71 4.51
C PHE B 27 0.82 -8.60 3.79
N PHE B 28 1.65 -7.99 2.95
CA PHE B 28 2.66 -8.72 2.19
C PHE B 28 3.64 -9.40 3.14
N LEU B 29 4.20 -8.64 4.07
CA LEU B 29 5.15 -9.18 5.04
C LEU B 29 4.50 -10.23 5.92
N PHE B 30 3.34 -9.89 6.48
CA PHE B 30 2.61 -10.81 7.34
C PHE B 30 2.22 -12.08 6.59
N ILE B 31 1.88 -11.93 5.32
CA ILE B 31 1.49 -13.06 4.48
C ILE B 31 2.70 -13.92 4.13
N LEU B 32 3.85 -13.27 3.95
CA LEU B 32 5.08 -13.98 3.61
C LEU B 32 5.49 -14.94 4.72
N VAL B 33 5.46 -14.45 5.95
CA VAL B 33 5.83 -15.26 7.11
C VAL B 33 4.71 -16.24 7.46
N VAL B 34 3.47 -15.79 7.31
CA VAL B 34 2.32 -16.64 7.62
C VAL B 34 2.17 -17.76 6.60
N ALA B 35 2.12 -17.38 5.32
CA ALA B 35 1.99 -18.35 4.24
C ALA B 35 3.15 -19.33 4.23
N ALA B 36 4.36 -18.80 4.40
CA ALA B 36 5.56 -19.62 4.41
C ALA B 36 5.48 -20.70 5.47
N VAL B 37 5.14 -20.30 6.69
CA VAL B 37 5.02 -21.24 7.81
C VAL B 37 3.87 -22.22 7.59
N THR B 38 2.69 -21.67 7.36
CA THR B 38 1.50 -22.50 7.12
C THR B 38 1.73 -23.48 5.98
N LEU B 39 2.39 -23.01 4.92
CA LEU B 39 2.67 -23.84 3.76
C LEU B 39 3.74 -24.88 4.08
N CYS B 40 4.81 -24.44 4.73
CA CYS B 40 5.90 -25.32 5.10
C CYS B 40 5.42 -26.42 6.04
N ARG B 41 4.62 -26.05 7.02
CA ARG B 41 4.07 -27.01 7.98
C ARG B 41 3.11 -27.98 7.30
N LEU B 42 2.55 -27.55 6.18
CA LEU B 42 1.61 -28.38 5.44
C LEU B 42 2.19 -29.77 5.17
N ARG B 43 3.47 -29.80 4.79
CA ARG B 43 4.15 -31.06 4.51
C ARG B 43 4.23 -31.92 5.77
N LEU A 1 -26.24 14.38 -31.82
CA LEU A 1 -24.80 14.11 -31.81
C LEU A 1 -24.27 14.00 -30.39
N PRO A 2 -24.64 12.90 -29.70
CA PRO A 2 -24.21 12.65 -28.32
C PRO A 2 -22.73 12.34 -28.22
N ALA A 3 -21.90 13.37 -28.27
CA ALA A 3 -20.45 13.20 -28.19
C ALA A 3 -20.04 12.63 -26.85
N GLU A 4 -18.86 12.04 -26.79
CA GLU A 4 -18.36 11.45 -25.55
C GLU A 4 -17.12 12.20 -25.07
N GLU A 5 -16.64 11.81 -23.89
CA GLU A 5 -15.46 12.45 -23.30
C GLU A 5 -14.28 11.49 -23.27
N GLU A 6 -13.08 12.03 -23.49
CA GLU A 6 -11.87 11.22 -23.49
C GLU A 6 -10.93 11.66 -22.38
N LEU A 7 -10.45 10.68 -21.60
CA LEU A 7 -9.54 10.96 -20.49
C LEU A 7 -8.11 10.61 -20.88
N VAL A 8 -7.16 11.12 -20.09
CA VAL A 8 -5.74 10.85 -20.35
C VAL A 8 -4.94 10.89 -19.05
N GLU A 9 -3.91 10.05 -18.97
CA GLU A 9 -3.06 10.00 -17.79
C GLU A 9 -1.76 10.77 -18.01
N ALA A 10 -1.45 11.67 -17.08
CA ALA A 10 -0.24 12.48 -17.16
C ALA A 10 0.71 12.16 -16.02
N ASP A 11 1.89 12.78 -16.05
CA ASP A 11 2.89 12.57 -15.02
C ASP A 11 2.51 13.31 -13.74
N GLU A 12 2.05 12.55 -12.74
CA GLU A 12 1.66 13.14 -11.46
C GLU A 12 1.76 12.12 -10.34
N ALA A 13 1.89 12.61 -9.11
CA ALA A 13 1.99 11.74 -7.95
C ALA A 13 0.84 10.73 -7.91
N GLY A 14 -0.30 11.11 -8.49
CA GLY A 14 -1.45 10.23 -8.51
C GLY A 14 -1.21 8.96 -9.30
N SER A 15 -0.18 8.98 -10.15
CA SER A 15 0.16 7.84 -10.97
C SER A 15 1.59 7.39 -10.72
N VAL A 16 2.30 8.13 -9.88
CA VAL A 16 3.69 7.81 -9.56
C VAL A 16 3.77 6.89 -8.35
N TYR A 17 3.35 7.40 -7.20
CA TYR A 17 3.37 6.62 -5.96
C TYR A 17 2.40 5.45 -6.03
N ALA A 18 1.31 5.63 -6.78
CA ALA A 18 0.31 4.60 -6.93
C ALA A 18 0.90 3.36 -7.61
N GLY A 19 1.98 3.55 -8.35
CA GLY A 19 2.63 2.45 -9.03
C GLY A 19 3.19 1.43 -8.07
N ILE A 20 3.51 1.87 -6.86
CA ILE A 20 4.08 0.98 -5.84
C ILE A 20 2.98 0.21 -5.12
N LEU A 21 1.77 0.73 -5.17
CA LEU A 21 0.63 0.09 -4.52
C LEU A 21 0.31 -1.24 -5.19
N SER A 22 0.49 -1.30 -6.50
CA SER A 22 0.22 -2.51 -7.26
C SER A 22 0.87 -3.73 -6.60
N TYR A 23 2.03 -3.50 -5.99
CA TYR A 23 2.75 -4.57 -5.31
C TYR A 23 1.99 -5.07 -4.10
N GLY A 24 1.63 -4.14 -3.21
CA GLY A 24 0.90 -4.51 -2.01
C GLY A 24 -0.50 -4.98 -2.31
N VAL A 25 -1.25 -4.17 -3.06
CA VAL A 25 -2.63 -4.51 -3.42
C VAL A 25 -2.67 -5.77 -4.28
N GLY A 26 -1.89 -5.77 -5.36
CA GLY A 26 -1.85 -6.91 -6.24
C GLY A 26 -1.61 -8.22 -5.51
N PHE A 27 -0.60 -8.22 -4.64
CA PHE A 27 -0.27 -9.40 -3.86
C PHE A 27 -1.39 -9.79 -2.91
N PHE A 28 -2.11 -8.78 -2.42
CA PHE A 28 -3.21 -9.00 -1.50
C PHE A 28 -4.30 -9.84 -2.15
N LEU A 29 -4.74 -9.41 -3.34
CA LEU A 29 -5.78 -10.13 -4.06
C LEU A 29 -5.32 -11.54 -4.44
N PHE A 30 -4.12 -11.63 -5.02
CA PHE A 30 -3.56 -12.91 -5.42
C PHE A 30 -3.37 -13.82 -4.22
N ILE A 31 -3.00 -13.23 -3.09
CA ILE A 31 -2.78 -13.99 -1.86
C ILE A 31 -4.10 -14.44 -1.25
N LEU A 32 -5.13 -13.62 -1.39
CA LEU A 32 -6.44 -13.93 -0.86
C LEU A 32 -7.02 -15.18 -1.53
N VAL A 33 -6.94 -15.23 -2.86
CA VAL A 33 -7.44 -16.36 -3.62
C VAL A 33 -6.50 -17.55 -3.51
N VAL A 34 -5.21 -17.29 -3.51
CA VAL A 34 -4.21 -18.34 -3.40
C VAL A 34 -4.22 -18.97 -2.01
N ALA A 35 -4.09 -18.14 -0.98
CA ALA A 35 -4.09 -18.62 0.39
C ALA A 35 -5.40 -19.31 0.73
N ALA A 36 -6.52 -18.72 0.29
CA ALA A 36 -7.83 -19.29 0.54
C ALA A 36 -7.94 -20.72 0.01
N VAL A 37 -7.55 -20.90 -1.25
CA VAL A 37 -7.60 -22.21 -1.88
C VAL A 37 -6.65 -23.18 -1.19
N THR A 38 -5.38 -22.80 -1.10
CA THR A 38 -4.38 -23.64 -0.46
C THR A 38 -4.77 -24.00 0.97
N LEU A 39 -5.32 -23.02 1.68
CA LEU A 39 -5.75 -23.23 3.07
C LEU A 39 -6.99 -24.11 3.12
N CYS A 40 -7.88 -23.94 2.14
CA CYS A 40 -9.11 -24.72 2.08
C CYS A 40 -8.81 -26.17 1.73
N ARG A 41 -7.90 -26.37 0.78
CA ARG A 41 -7.53 -27.71 0.34
C ARG A 41 -6.82 -28.46 1.47
N LEU A 42 -6.25 -27.72 2.41
CA LEU A 42 -5.53 -28.33 3.53
C LEU A 42 -6.50 -29.05 4.46
N ARG A 43 -7.70 -28.49 4.60
CA ARG A 43 -8.72 -29.08 5.47
C ARG A 43 -9.80 -29.77 4.64
N LEU B 1 -14.65 30.24 -13.24
CA LEU B 1 -14.90 29.10 -12.36
C LEU B 1 -14.99 29.55 -10.91
N PRO B 2 -16.06 30.28 -10.58
CA PRO B 2 -16.30 30.78 -9.22
C PRO B 2 -16.64 29.66 -8.25
N ALA B 3 -15.64 29.20 -7.50
CA ALA B 3 -15.83 28.13 -6.54
C ALA B 3 -15.22 28.50 -5.18
N GLU B 4 -16.08 28.69 -4.19
CA GLU B 4 -15.62 29.05 -2.85
C GLU B 4 -14.89 27.89 -2.20
N GLU B 5 -13.65 28.13 -1.80
CA GLU B 5 -12.83 27.10 -1.16
C GLU B 5 -12.05 27.67 0.01
N GLU B 6 -12.32 27.19 1.22
CA GLU B 6 -11.64 27.65 2.41
C GLU B 6 -10.14 27.37 2.33
N LEU B 7 -9.39 27.96 3.26
CA LEU B 7 -7.94 27.76 3.29
C LEU B 7 -7.57 26.54 4.12
N VAL B 8 -7.16 25.48 3.45
CA VAL B 8 -6.76 24.25 4.13
C VAL B 8 -5.51 23.65 3.49
N GLU B 9 -4.61 23.16 4.34
CA GLU B 9 -3.37 22.56 3.86
C GLU B 9 -3.65 21.40 2.92
N ALA B 10 -2.96 21.38 1.78
CA ALA B 10 -3.14 20.32 0.80
C ALA B 10 -1.83 19.56 0.56
N ASP B 11 -1.95 18.25 0.39
CA ASP B 11 -0.78 17.41 0.14
C ASP B 11 -1.04 16.41 -0.97
N GLU B 12 -0.43 16.65 -2.13
CA GLU B 12 -0.61 15.77 -3.28
C GLU B 12 -0.18 14.33 -2.94
N ALA B 13 0.93 14.22 -2.23
CA ALA B 13 1.46 12.91 -1.84
C ALA B 13 2.52 13.04 -0.75
N GLY B 14 2.86 11.92 -0.12
CA GLY B 14 3.86 11.94 0.93
C GLY B 14 3.50 11.04 2.09
N SER B 15 2.80 11.59 3.07
CA SER B 15 2.39 10.83 4.24
C SER B 15 0.90 10.52 4.20
N VAL B 16 0.23 10.98 3.15
CA VAL B 16 -1.19 10.76 2.99
C VAL B 16 -1.47 9.47 2.23
N TYR B 17 -1.06 9.42 0.96
CA TYR B 17 -1.26 8.25 0.14
C TYR B 17 -0.48 7.05 0.69
N ALA B 18 0.63 7.33 1.34
CA ALA B 18 1.46 6.28 1.92
C ALA B 18 0.70 5.50 2.99
N GLY B 19 -0.32 6.14 3.57
CA GLY B 19 -1.10 5.50 4.59
C GLY B 19 -1.87 4.29 4.07
N ILE B 20 -2.14 4.28 2.77
CA ILE B 20 -2.86 3.18 2.15
C ILE B 20 -1.92 2.03 1.83
N LEU B 21 -0.64 2.33 1.70
CA LEU B 21 0.37 1.31 1.40
C LEU B 21 0.49 0.32 2.53
N SER B 22 0.34 0.80 3.77
CA SER B 22 0.45 -0.05 4.95
C SER B 22 -0.41 -1.31 4.78
N TYR B 23 -1.53 -1.16 4.09
CA TYR B 23 -2.45 -2.28 3.87
C TYR B 23 -1.80 -3.32 2.95
N GLY B 24 -1.33 -2.87 1.80
CA GLY B 24 -0.71 -3.79 0.85
C GLY B 24 0.62 -4.33 1.35
N VAL B 25 1.51 -3.41 1.75
CA VAL B 25 2.82 -3.81 2.26
C VAL B 25 2.70 -4.61 3.55
N GLY B 26 1.96 -4.07 4.51
CA GLY B 26 1.77 -4.75 5.78
C GLY B 26 1.30 -6.18 5.60
N PHE B 27 0.29 -6.37 4.76
CA PHE B 27 -0.26 -7.70 4.50
C PHE B 27 0.76 -8.59 3.81
N PHE B 28 1.61 -7.97 2.98
CA PHE B 28 2.64 -8.71 2.26
C PHE B 28 3.60 -9.39 3.22
N LEU B 29 4.14 -8.62 4.16
CA LEU B 29 5.08 -9.14 5.14
C LEU B 29 4.41 -10.20 6.02
N PHE B 30 3.24 -9.86 6.54
CA PHE B 30 2.50 -10.79 7.41
C PHE B 30 2.13 -12.06 6.64
N ILE B 31 1.81 -11.90 5.36
CA ILE B 31 1.43 -13.03 4.52
C ILE B 31 2.65 -13.89 4.18
N LEU B 32 3.80 -13.24 4.02
CA LEU B 32 5.04 -13.94 3.69
C LEU B 32 5.43 -14.90 4.81
N VAL B 33 5.39 -14.41 6.05
CA VAL B 33 5.74 -15.23 7.21
C VAL B 33 4.62 -16.21 7.54
N VAL B 34 3.38 -15.76 7.39
CA VAL B 34 2.22 -16.61 7.68
C VAL B 34 2.10 -17.73 6.64
N ALA B 35 2.07 -17.35 5.37
CA ALA B 35 1.95 -18.32 4.28
C ALA B 35 3.13 -19.29 4.28
N ALA B 36 4.32 -18.75 4.53
CA ALA B 36 5.53 -19.57 4.56
C ALA B 36 5.43 -20.68 5.60
N VAL B 37 5.06 -20.30 6.83
CA VAL B 37 4.92 -21.26 7.90
C VAL B 37 3.85 -22.29 7.59
N THR B 38 2.65 -21.82 7.28
CA THR B 38 1.53 -22.70 6.96
C THR B 38 1.87 -23.60 5.79
N LEU B 39 2.43 -23.03 4.74
CA LEU B 39 2.80 -23.79 3.55
C LEU B 39 3.90 -24.80 3.88
N CYS B 40 4.79 -24.42 4.79
CA CYS B 40 5.88 -25.31 5.19
C CYS B 40 5.37 -26.46 6.04
N ARG B 41 4.50 -26.14 6.99
CA ARG B 41 3.94 -27.16 7.88
C ARG B 41 2.68 -27.78 7.26
N LEU B 42 2.41 -27.43 6.01
CA LEU B 42 1.24 -27.95 5.31
C LEU B 42 1.48 -29.39 4.85
N ARG B 43 2.72 -29.69 4.48
CA ARG B 43 3.09 -31.02 4.02
C ARG B 43 2.67 -32.08 5.05
N LEU A 1 -15.96 19.05 -31.80
CA LEU A 1 -15.67 19.30 -30.40
C LEU A 1 -15.04 18.07 -29.74
N PRO A 2 -13.78 17.80 -30.09
CA PRO A 2 -13.04 16.66 -29.54
C PRO A 2 -12.70 16.84 -28.07
N ALA A 3 -12.17 15.77 -27.46
CA ALA A 3 -11.81 15.82 -26.04
C ALA A 3 -10.56 14.99 -25.78
N GLU A 4 -9.91 15.26 -24.65
CA GLU A 4 -8.69 14.54 -24.29
C GLU A 4 -8.50 14.53 -22.77
N GLU A 5 -7.48 13.82 -22.31
CA GLU A 5 -7.20 13.73 -20.88
C GLU A 5 -6.05 14.66 -20.50
N GLU A 6 -5.93 14.94 -19.20
CA GLU A 6 -4.87 15.81 -18.70
C GLU A 6 -3.85 15.02 -17.89
N LEU A 7 -2.65 15.58 -17.75
CA LEU A 7 -1.59 14.94 -17.00
C LEU A 7 -0.54 15.95 -16.54
N VAL A 8 0.27 15.57 -15.57
CA VAL A 8 1.31 16.44 -15.04
C VAL A 8 2.69 15.83 -15.24
N GLU A 9 3.68 16.68 -15.49
CA GLU A 9 5.05 16.22 -15.70
C GLU A 9 5.90 16.45 -14.45
N ALA A 10 5.66 17.57 -13.78
CA ALA A 10 6.40 17.91 -12.57
C ALA A 10 6.32 16.78 -11.54
N ASP A 11 7.17 16.86 -10.52
CA ASP A 11 7.18 15.84 -9.48
C ASP A 11 5.95 15.96 -8.58
N GLU A 12 5.08 14.94 -8.65
CA GLU A 12 3.87 14.93 -7.85
C GLU A 12 3.26 13.53 -7.81
N ALA A 13 2.38 13.30 -6.83
CA ALA A 13 1.72 12.02 -6.68
C ALA A 13 0.80 11.73 -7.87
N GLY A 14 0.14 10.57 -7.82
CA GLY A 14 -0.77 10.20 -8.90
C GLY A 14 -0.46 8.83 -9.46
N SER A 15 0.21 8.80 -10.62
CA SER A 15 0.56 7.55 -11.27
C SER A 15 1.99 7.15 -10.95
N VAL A 16 2.63 7.93 -10.09
CA VAL A 16 4.02 7.66 -9.69
C VAL A 16 4.07 6.77 -8.46
N TYR A 17 3.58 7.27 -7.34
CA TYR A 17 3.57 6.53 -6.09
C TYR A 17 2.57 5.37 -6.16
N ALA A 18 1.50 5.58 -6.92
CA ALA A 18 0.47 4.55 -7.07
C ALA A 18 1.03 3.29 -7.71
N GLY A 19 2.13 3.45 -8.44
CA GLY A 19 2.75 2.31 -9.09
C GLY A 19 3.29 1.29 -8.10
N ILE A 20 3.60 1.76 -6.90
CA ILE A 20 4.13 0.88 -5.85
C ILE A 20 3.01 0.13 -5.15
N LEU A 21 1.81 0.69 -5.21
CA LEU A 21 0.64 0.08 -4.57
C LEU A 21 0.31 -1.26 -5.22
N SER A 22 0.48 -1.33 -6.54
CA SER A 22 0.19 -2.55 -7.28
C SER A 22 0.84 -3.76 -6.61
N TYR A 23 2.00 -3.54 -6.00
CA TYR A 23 2.72 -4.61 -5.33
C TYR A 23 1.96 -5.09 -4.09
N GLY A 24 1.62 -4.15 -3.22
CA GLY A 24 0.89 -4.49 -2.01
C GLY A 24 -0.52 -4.95 -2.30
N VAL A 25 -1.27 -4.15 -3.04
CA VAL A 25 -2.65 -4.47 -3.38
C VAL A 25 -2.71 -5.73 -4.25
N GLY A 26 -1.94 -5.73 -5.33
CA GLY A 26 -1.93 -6.87 -6.23
C GLY A 26 -1.67 -8.18 -5.50
N PHE A 27 -0.67 -8.18 -4.63
CA PHE A 27 -0.32 -9.37 -3.87
C PHE A 27 -1.44 -9.74 -2.90
N PHE A 28 -2.14 -8.73 -2.39
CA PHE A 28 -3.23 -8.96 -1.46
C PHE A 28 -4.34 -9.78 -2.10
N LEU A 29 -4.79 -9.36 -3.28
CA LEU A 29 -5.85 -10.06 -4.00
C LEU A 29 -5.39 -11.47 -4.39
N PHE A 30 -4.20 -11.56 -4.98
CA PHE A 30 -3.66 -12.86 -5.40
C PHE A 30 -3.45 -13.77 -4.20
N ILE A 31 -3.06 -13.19 -3.07
CA ILE A 31 -2.83 -13.95 -1.85
C ILE A 31 -4.14 -14.41 -1.23
N LEU A 32 -5.17 -13.57 -1.36
CA LEU A 32 -6.48 -13.89 -0.80
C LEU A 32 -7.07 -15.12 -1.47
N VAL A 33 -7.01 -15.16 -2.80
CA VAL A 33 -7.53 -16.28 -3.56
C VAL A 33 -6.60 -17.49 -3.47
N VAL A 34 -5.30 -17.23 -3.47
CA VAL A 34 -4.31 -18.29 -3.38
C VAL A 34 -4.30 -18.92 -1.99
N ALA A 35 -4.15 -18.10 -0.96
CA ALA A 35 -4.14 -18.57 0.41
C ALA A 35 -5.45 -19.27 0.76
N ALA A 36 -6.55 -18.69 0.33
CA ALA A 36 -7.87 -19.25 0.60
C ALA A 36 -7.99 -20.67 0.05
N VAL A 37 -7.63 -20.83 -1.22
CA VAL A 37 -7.70 -22.14 -1.87
C VAL A 37 -6.74 -23.12 -1.22
N THR A 38 -5.47 -22.74 -1.14
CA THR A 38 -4.45 -23.59 -0.54
C THR A 38 -4.82 -23.98 0.88
N LEU A 39 -5.26 -23.00 1.67
CA LEU A 39 -5.66 -23.23 3.04
C LEU A 39 -6.87 -24.15 3.12
N CYS A 40 -7.78 -24.00 2.16
CA CYS A 40 -8.98 -24.82 2.10
C CYS A 40 -8.65 -26.26 1.72
N ARG A 41 -7.80 -26.41 0.72
CA ARG A 41 -7.40 -27.74 0.25
C ARG A 41 -6.22 -28.26 1.05
N LEU A 42 -5.84 -27.52 2.08
CA LEU A 42 -4.72 -27.91 2.94
C LEU A 42 -5.15 -28.95 3.97
N ARG A 43 -6.38 -28.81 4.46
CA ARG A 43 -6.92 -29.74 5.45
C ARG A 43 -7.33 -31.05 4.79
N LEU B 1 -22.83 23.35 -23.90
CA LEU B 1 -21.68 22.76 -23.22
C LEU B 1 -20.41 23.56 -23.48
N PRO B 2 -20.32 24.74 -22.84
CA PRO B 2 -19.16 25.61 -22.97
C PRO B 2 -17.91 25.04 -22.31
N ALA B 3 -16.78 25.14 -23.00
CA ALA B 3 -15.52 24.63 -22.47
C ALA B 3 -15.13 25.37 -21.19
N GLU B 4 -15.27 24.70 -20.06
CA GLU B 4 -14.92 25.30 -18.78
C GLU B 4 -14.07 24.35 -17.95
N GLU B 5 -13.04 24.90 -17.30
CA GLU B 5 -12.14 24.09 -16.48
C GLU B 5 -11.79 24.83 -15.19
N GLU B 6 -12.13 24.23 -14.05
CA GLU B 6 -11.85 24.82 -12.75
C GLU B 6 -11.55 23.75 -11.71
N LEU B 7 -10.27 23.60 -11.37
CA LEU B 7 -9.86 22.60 -10.39
C LEU B 7 -8.96 23.23 -9.33
N VAL B 8 -9.37 23.11 -8.07
CA VAL B 8 -8.59 23.65 -6.97
C VAL B 8 -7.27 22.91 -6.78
N GLU B 9 -6.23 23.65 -6.44
CA GLU B 9 -4.91 23.05 -6.23
C GLU B 9 -4.90 22.16 -4.99
N ALA B 10 -4.76 20.86 -5.20
CA ALA B 10 -4.74 19.91 -4.10
C ALA B 10 -3.66 18.84 -4.32
N ASP B 11 -2.57 18.94 -3.57
CA ASP B 11 -1.48 17.99 -3.69
C ASP B 11 -1.77 16.72 -2.89
N GLU B 12 -2.17 16.91 -1.62
CA GLU B 12 -2.47 15.79 -0.76
C GLU B 12 -1.32 14.78 -0.72
N ALA B 13 -0.10 15.30 -0.73
CA ALA B 13 1.09 14.45 -0.71
C ALA B 13 1.76 14.48 0.66
N GLY B 14 0.96 14.75 1.70
CA GLY B 14 1.50 14.80 3.05
C GLY B 14 1.38 13.47 3.77
N SER B 15 2.13 12.47 3.30
CA SER B 15 2.11 11.14 3.89
C SER B 15 0.67 10.64 4.04
N VAL B 16 -0.20 11.09 3.14
CA VAL B 16 -1.60 10.69 3.17
C VAL B 16 -1.81 9.41 2.37
N TYR B 17 -1.26 9.38 1.16
CA TYR B 17 -1.39 8.23 0.29
C TYR B 17 -0.59 7.04 0.82
N ALA B 18 0.51 7.34 1.51
CA ALA B 18 1.36 6.30 2.07
C ALA B 18 0.61 5.50 3.14
N GLY B 19 -0.43 6.10 3.70
CA GLY B 19 -1.21 5.42 4.72
C GLY B 19 -1.94 4.21 4.19
N ILE B 20 -2.22 4.20 2.89
CA ILE B 20 -2.92 3.09 2.26
C ILE B 20 -1.95 1.96 1.92
N LEU B 21 -0.67 2.31 1.80
CA LEU B 21 0.36 1.32 1.48
C LEU B 21 0.49 0.30 2.60
N SER B 22 0.35 0.76 3.84
CA SER B 22 0.46 -0.12 5.00
C SER B 22 -0.38 -1.37 4.82
N TYR B 23 -1.51 -1.22 4.14
CA TYR B 23 -2.42 -2.34 3.89
C TYR B 23 -1.77 -3.36 2.96
N GLY B 24 -1.32 -2.89 1.81
CA GLY B 24 -0.69 -3.78 0.84
C GLY B 24 0.65 -4.31 1.33
N VAL B 25 1.53 -3.41 1.73
CA VAL B 25 2.86 -3.79 2.22
C VAL B 25 2.75 -4.61 3.51
N GLY B 26 2.03 -4.07 4.48
CA GLY B 26 1.86 -4.76 5.75
C GLY B 26 1.38 -6.18 5.57
N PHE B 27 0.36 -6.37 4.74
CA PHE B 27 -0.20 -7.69 4.48
C PHE B 27 0.81 -8.58 3.78
N PHE B 28 1.65 -7.96 2.94
CA PHE B 28 2.66 -8.70 2.19
C PHE B 28 3.64 -9.38 3.13
N LEU B 29 4.19 -8.62 4.07
CA LEU B 29 5.14 -9.15 5.04
C LEU B 29 4.48 -10.21 5.93
N PHE B 30 3.32 -9.87 6.47
CA PHE B 30 2.59 -10.78 7.34
C PHE B 30 2.20 -12.05 6.59
N ILE B 31 1.86 -11.90 5.31
CA ILE B 31 1.47 -13.02 4.47
C ILE B 31 2.68 -13.89 4.13
N LEU B 32 3.83 -13.25 3.94
CA LEU B 32 5.06 -13.96 3.60
C LEU B 32 5.46 -14.92 4.72
N VAL B 33 5.43 -14.43 5.96
CA VAL B 33 5.79 -15.24 7.12
C VAL B 33 4.67 -16.22 7.47
N VAL B 34 3.43 -15.77 7.32
CA VAL B 34 2.27 -16.60 7.62
C VAL B 34 2.13 -17.72 6.60
N ALA B 35 2.08 -17.35 5.33
CA ALA B 35 1.94 -18.32 4.24
C ALA B 35 3.11 -19.29 4.23
N ALA B 36 4.32 -18.77 4.42
CA ALA B 36 5.52 -19.60 4.43
C ALA B 36 5.43 -20.69 5.49
N VAL B 37 5.08 -20.28 6.71
CA VAL B 37 4.96 -21.21 7.83
C VAL B 37 3.82 -22.18 7.60
N THR B 38 2.62 -21.64 7.36
CA THR B 38 1.44 -22.46 7.13
C THR B 38 1.67 -23.44 5.98
N LEU B 39 2.33 -22.97 4.94
CA LEU B 39 2.61 -23.82 3.77
C LEU B 39 3.67 -24.86 4.11
N CYS B 40 4.74 -24.42 4.76
CA CYS B 40 5.83 -25.31 5.14
C CYS B 40 5.33 -26.41 6.08
N ARG B 41 4.53 -26.02 7.06
CA ARG B 41 3.99 -26.98 8.02
C ARG B 41 3.01 -27.94 7.35
N LEU B 42 2.46 -27.52 6.21
CA LEU B 42 1.51 -28.34 5.47
C LEU B 42 2.09 -29.73 5.20
N ARG B 43 3.22 -29.77 4.50
CA ARG B 43 3.87 -31.04 4.17
C ARG B 43 4.11 -31.85 5.44
N LEU A 1 1.10 16.30 25.12
CA LEU A 1 1.47 17.49 24.37
C LEU A 1 0.37 17.88 23.38
N PRO A 2 0.39 19.15 22.93
CA PRO A 2 -0.59 19.68 21.98
C PRO A 2 -0.42 19.08 20.59
N ALA A 3 -1.40 18.30 20.15
CA ALA A 3 -1.36 17.68 18.84
C ALA A 3 -2.69 17.86 18.10
N GLU A 4 -2.61 18.24 16.83
CA GLU A 4 -3.79 18.45 16.03
C GLU A 4 -3.59 17.93 14.60
N GLU A 5 -4.64 18.00 13.79
CA GLU A 5 -4.56 17.54 12.41
C GLU A 5 -5.36 18.45 11.49
N GLU A 6 -4.86 18.64 10.27
CA GLU A 6 -5.54 19.50 9.30
C GLU A 6 -5.22 19.04 7.87
N LEU A 7 -6.02 19.50 6.92
CA LEU A 7 -5.83 19.14 5.52
C LEU A 7 -5.83 20.39 4.64
N VAL A 8 -5.08 20.33 3.54
CA VAL A 8 -5.00 21.46 2.61
C VAL A 8 -4.99 20.97 1.17
N GLU A 9 -5.53 21.79 0.27
CA GLU A 9 -5.59 21.44 -1.14
C GLU A 9 -4.27 21.80 -1.84
N ALA A 10 -3.69 20.82 -2.53
CA ALA A 10 -2.44 21.02 -3.24
C ALA A 10 -2.11 19.82 -4.13
N ASP A 11 -1.09 19.98 -4.96
CA ASP A 11 -0.67 18.91 -5.86
C ASP A 11 -0.37 17.63 -5.09
N GLU A 12 -0.16 16.54 -5.82
CA GLU A 12 0.15 15.26 -5.20
C GLU A 12 0.52 14.22 -6.25
N ALA A 13 1.04 13.08 -5.79
CA ALA A 13 1.43 12.01 -6.70
C ALA A 13 0.31 11.64 -7.65
N GLY A 14 -0.69 10.91 -7.13
CA GLY A 14 -1.81 10.51 -7.95
C GLY A 14 -1.58 9.17 -8.64
N SER A 15 -0.99 9.22 -9.83
CA SER A 15 -0.72 8.00 -10.58
C SER A 15 0.78 7.69 -10.60
N VAL A 16 1.53 8.39 -9.76
CA VAL A 16 2.97 8.18 -9.67
C VAL A 16 3.31 7.07 -8.69
N TYR A 17 3.02 7.29 -7.42
CA TYR A 17 3.30 6.31 -6.37
C TYR A 17 2.39 5.10 -6.52
N ALA A 18 1.23 5.30 -7.14
CA ALA A 18 0.27 4.22 -7.35
C ALA A 18 0.94 3.01 -7.99
N GLY A 19 1.99 3.26 -8.77
CA GLY A 19 2.70 2.18 -9.42
C GLY A 19 3.28 1.19 -8.44
N ILE A 20 3.60 1.66 -7.24
CA ILE A 20 4.18 0.81 -6.21
C ILE A 20 3.08 0.05 -5.45
N LEU A 21 1.89 0.63 -5.41
CA LEU A 21 0.76 0.01 -4.73
C LEU A 21 0.44 -1.36 -5.33
N SER A 22 0.64 -1.47 -6.65
CA SER A 22 0.37 -2.73 -7.35
C SER A 22 0.99 -3.90 -6.62
N TYR A 23 2.13 -3.65 -5.97
CA TYR A 23 2.84 -4.71 -5.24
C TYR A 23 2.04 -5.14 -4.02
N GLY A 24 1.67 -4.17 -3.19
CA GLY A 24 0.90 -4.48 -1.98
C GLY A 24 -0.50 -4.93 -2.30
N VAL A 25 -1.23 -4.14 -3.08
CA VAL A 25 -2.60 -4.47 -3.45
C VAL A 25 -2.64 -5.73 -4.31
N GLY A 26 -1.86 -5.74 -5.38
CA GLY A 26 -1.83 -6.88 -6.27
C GLY A 26 -1.58 -8.18 -5.54
N PHE A 27 -0.59 -8.17 -4.64
CA PHE A 27 -0.25 -9.35 -3.87
C PHE A 27 -1.39 -9.72 -2.91
N PHE A 28 -2.09 -8.72 -2.43
CA PHE A 28 -3.20 -8.94 -1.50
C PHE A 28 -4.29 -9.78 -2.16
N LEU A 29 -4.73 -9.35 -3.34
CA LEU A 29 -5.77 -10.07 -4.06
C LEU A 29 -5.31 -11.47 -4.45
N PHE A 30 -4.11 -11.56 -5.02
CA PHE A 30 -3.56 -12.84 -5.44
C PHE A 30 -3.36 -13.76 -4.24
N ILE A 31 -2.99 -13.17 -3.11
CA ILE A 31 -2.77 -13.94 -1.88
C ILE A 31 -4.09 -14.40 -1.28
N LEU A 32 -5.12 -13.57 -1.42
CA LEU A 32 -6.44 -13.90 -0.89
C LEU A 32 -7.02 -15.13 -1.56
N VAL A 33 -6.93 -15.17 -2.89
CA VAL A 33 -7.44 -16.30 -3.66
C VAL A 33 -6.49 -17.50 -3.56
N VAL A 34 -5.20 -17.22 -3.54
CA VAL A 34 -4.20 -18.28 -3.43
C VAL A 34 -4.21 -18.93 -2.05
N ALA A 35 -4.08 -18.09 -1.03
CA ALA A 35 -4.09 -18.58 0.35
C ALA A 35 -5.40 -19.29 0.68
N ALA A 36 -6.51 -18.69 0.26
CA ALA A 36 -7.82 -19.26 0.51
C ALA A 36 -7.92 -20.68 -0.05
N VAL A 37 -7.55 -20.83 -1.32
CA VAL A 37 -7.60 -22.13 -1.97
C VAL A 37 -6.62 -23.11 -1.33
N THR A 38 -5.36 -22.71 -1.25
CA THR A 38 -4.32 -23.55 -0.65
C THR A 38 -4.69 -23.95 0.77
N LEU A 39 -5.25 -23.01 1.52
CA LEU A 39 -5.66 -23.27 2.90
C LEU A 39 -6.88 -24.18 2.95
N CYS A 40 -7.80 -23.98 2.01
CA CYS A 40 -9.01 -24.79 1.94
C CYS A 40 -8.69 -26.22 1.53
N ARG A 41 -7.79 -26.37 0.57
CA ARG A 41 -7.40 -27.69 0.08
C ARG A 41 -6.65 -28.46 1.16
N LEU A 42 -6.07 -27.73 2.11
CA LEU A 42 -5.31 -28.34 3.19
C LEU A 42 -6.13 -29.42 3.88
N ARG A 43 -7.34 -29.06 4.30
CA ARG A 43 -8.23 -30.00 4.98
C ARG A 43 -8.38 -31.28 4.17
N LEU B 1 21.45 41.96 12.57
CA LEU B 1 20.28 41.49 13.31
C LEU B 1 18.99 41.90 12.60
N PRO B 2 18.74 41.28 11.44
CA PRO B 2 17.53 41.57 10.64
C PRO B 2 16.26 41.06 11.31
N ALA B 3 16.38 39.95 12.03
CA ALA B 3 15.24 39.36 12.72
C ALA B 3 14.13 39.00 11.74
N GLU B 4 14.52 38.52 10.56
CA GLU B 4 13.56 38.14 9.53
C GLU B 4 13.64 36.64 9.24
N GLU B 5 12.50 36.04 8.90
CA GLU B 5 12.45 34.62 8.60
C GLU B 5 11.59 34.36 7.36
N GLU B 6 12.00 33.40 6.55
CA GLU B 6 11.26 33.04 5.34
C GLU B 6 10.77 31.61 5.40
N LEU B 7 9.52 31.40 5.00
CA LEU B 7 8.92 30.07 5.01
C LEU B 7 8.41 29.70 3.63
N VAL B 8 8.52 28.42 3.27
CA VAL B 8 8.07 27.94 1.98
C VAL B 8 7.09 26.78 2.14
N GLU B 9 5.94 26.87 1.45
CA GLU B 9 4.92 25.84 1.53
C GLU B 9 5.39 24.57 0.81
N ALA B 10 4.97 23.43 1.31
CA ALA B 10 5.33 22.14 0.72
C ALA B 10 4.17 21.16 0.79
N ASP B 11 3.94 20.45 -0.32
CA ASP B 11 2.86 19.47 -0.38
C ASP B 11 3.35 18.09 0.04
N GLU B 12 2.46 17.32 0.67
CA GLU B 12 2.81 15.98 1.13
C GLU B 12 2.16 14.92 0.26
N ALA B 13 2.98 14.19 -0.49
CA ALA B 13 2.48 13.15 -1.38
C ALA B 13 3.15 11.81 -1.07
N GLY B 14 3.91 11.77 0.01
CA GLY B 14 4.59 10.55 0.40
C GLY B 14 4.19 10.06 1.79
N SER B 15 3.65 10.98 2.59
CA SER B 15 3.22 10.64 3.94
C SER B 15 1.70 10.62 4.05
N VAL B 16 1.04 10.99 2.96
CA VAL B 16 -0.42 11.02 2.93
C VAL B 16 -0.98 9.68 2.46
N TYR B 17 -0.71 9.34 1.20
CA TYR B 17 -1.19 8.09 0.63
C TYR B 17 -0.50 6.90 1.27
N ALA B 18 0.70 7.13 1.80
CA ALA B 18 1.47 6.07 2.44
C ALA B 18 0.63 5.34 3.47
N GLY B 19 -0.33 6.04 4.07
CA GLY B 19 -1.19 5.43 5.06
C GLY B 19 -1.96 4.23 4.52
N ILE B 20 -2.23 4.26 3.23
CA ILE B 20 -2.97 3.17 2.59
C ILE B 20 -2.04 2.02 2.22
N LEU B 21 -0.77 2.34 1.99
CA LEU B 21 0.22 1.33 1.64
C LEU B 21 0.34 0.28 2.73
N SER B 22 0.16 0.70 3.97
CA SER B 22 0.26 -0.20 5.11
C SER B 22 -0.57 -1.46 4.87
N TYR B 23 -1.68 -1.31 4.15
CA TYR B 23 -2.55 -2.43 3.85
C TYR B 23 -1.88 -3.43 2.91
N GLY B 24 -1.38 -2.92 1.79
CA GLY B 24 -0.72 -3.78 0.82
C GLY B 24 0.61 -4.29 1.33
N VAL B 25 1.48 -3.38 1.77
CA VAL B 25 2.79 -3.75 2.28
C VAL B 25 2.67 -4.56 3.56
N GLY B 26 1.93 -4.04 4.53
CA GLY B 26 1.75 -4.73 5.79
C GLY B 26 1.27 -6.16 5.60
N PHE B 27 0.28 -6.34 4.75
CA PHE B 27 -0.28 -7.66 4.48
C PHE B 27 0.76 -8.54 3.78
N PHE B 28 1.60 -7.92 2.96
CA PHE B 28 2.62 -8.66 2.22
C PHE B 28 3.60 -9.34 3.19
N LEU B 29 4.12 -8.57 4.14
CA LEU B 29 5.06 -9.10 5.11
C LEU B 29 4.40 -10.15 5.99
N PHE B 30 3.22 -9.82 6.53
CA PHE B 30 2.48 -10.74 7.39
C PHE B 30 2.12 -12.01 6.63
N ILE B 31 1.81 -11.86 5.34
CA ILE B 31 1.43 -12.99 4.51
C ILE B 31 2.64 -13.85 4.18
N LEU B 32 3.80 -13.21 4.02
CA LEU B 32 5.03 -13.91 3.70
C LEU B 32 5.42 -14.86 4.82
N VAL B 33 5.37 -14.36 6.05
CA VAL B 33 5.72 -15.17 7.22
C VAL B 33 4.61 -16.16 7.55
N VAL B 34 3.37 -15.71 7.38
CA VAL B 34 2.20 -16.56 7.67
C VAL B 34 2.07 -17.67 6.64
N ALA B 35 2.05 -17.30 5.37
CA ALA B 35 1.93 -18.28 4.29
C ALA B 35 3.10 -19.25 4.29
N ALA B 36 4.30 -18.72 4.49
CA ALA B 36 5.51 -19.55 4.52
C ALA B 36 5.41 -20.63 5.59
N VAL B 37 5.06 -20.21 6.81
CA VAL B 37 4.93 -21.14 7.92
C VAL B 37 3.79 -22.13 7.68
N THR B 38 2.60 -21.60 7.41
CA THR B 38 1.43 -22.44 7.16
C THR B 38 1.69 -23.42 6.02
N LEU B 39 2.36 -22.94 4.98
CA LEU B 39 2.67 -23.78 3.82
C LEU B 39 3.75 -24.80 4.17
N CYS B 40 4.74 -24.38 4.95
CA CYS B 40 5.82 -25.27 5.35
C CYS B 40 5.31 -26.36 6.27
N ARG B 41 4.45 -25.99 7.21
CA ARG B 41 3.89 -26.94 8.16
C ARG B 41 2.98 -27.94 7.45
N LEU B 42 2.48 -27.55 6.28
CA LEU B 42 1.59 -28.41 5.50
C LEU B 42 2.19 -29.80 5.32
N ARG B 43 3.52 -29.86 5.24
CA ARG B 43 4.22 -31.12 5.07
C ARG B 43 3.84 -32.11 6.16
N LEU A 1 -4.72 20.80 23.00
CA LEU A 1 -4.24 21.66 21.91
C LEU A 1 -4.91 21.28 20.60
N PRO A 2 -4.90 22.23 19.64
CA PRO A 2 -5.50 22.02 18.31
C PRO A 2 -4.70 21.02 17.48
N ALA A 3 -5.28 20.62 16.34
CA ALA A 3 -4.63 19.68 15.45
C ALA A 3 -4.13 20.36 14.18
N GLU A 4 -3.49 19.60 13.31
CA GLU A 4 -2.96 20.14 12.07
C GLU A 4 -3.33 19.25 10.88
N GLU A 5 -4.26 19.73 10.06
CA GLU A 5 -4.71 18.98 8.89
C GLU A 5 -3.86 19.33 7.67
N GLU A 6 -3.73 18.36 6.76
CA GLU A 6 -2.95 18.56 5.55
C GLU A 6 -3.77 18.20 4.31
N LEU A 7 -3.78 19.10 3.33
CA LEU A 7 -4.53 18.89 2.10
C LEU A 7 -3.83 19.56 0.92
N VAL A 8 -3.91 18.93 -0.25
CA VAL A 8 -3.29 19.47 -1.46
C VAL A 8 -4.04 19.02 -2.70
N GLU A 9 -3.63 19.55 -3.85
CA GLU A 9 -4.27 19.20 -5.12
C GLU A 9 -3.79 17.84 -5.62
N ALA A 10 -2.58 17.46 -5.19
CA ALA A 10 -2.02 16.18 -5.60
C ALA A 10 -1.79 16.12 -7.11
N ASP A 11 -1.18 17.17 -7.65
CA ASP A 11 -0.89 17.23 -9.07
C ASP A 11 0.10 16.17 -9.49
N GLU A 12 -0.36 15.21 -10.30
CA GLU A 12 0.51 14.12 -10.76
C GLU A 12 1.08 13.35 -9.59
N ALA A 13 0.34 13.31 -8.48
CA ALA A 13 0.78 12.61 -7.29
C ALA A 13 -0.16 11.44 -6.98
N GLY A 14 -0.72 10.84 -8.03
CA GLY A 14 -1.62 9.72 -7.83
C GLY A 14 -1.28 8.54 -8.74
N SER A 15 -0.99 8.83 -10.01
CA SER A 15 -0.65 7.80 -10.96
C SER A 15 0.85 7.50 -10.94
N VAL A 16 1.57 8.20 -10.08
CA VAL A 16 3.01 8.01 -9.95
C VAL A 16 3.34 6.95 -8.91
N TYR A 17 3.02 7.24 -7.66
CA TYR A 17 3.28 6.32 -6.57
C TYR A 17 2.40 5.07 -6.68
N ALA A 18 1.25 5.23 -7.34
CA ALA A 18 0.32 4.13 -7.52
C ALA A 18 1.03 2.89 -8.08
N GLY A 19 2.08 3.12 -8.86
CA GLY A 19 2.83 2.01 -9.44
C GLY A 19 3.40 1.09 -8.39
N ILE A 20 3.66 1.63 -7.20
CA ILE A 20 4.21 0.83 -6.10
C ILE A 20 3.11 0.08 -5.37
N LEU A 21 1.90 0.63 -5.41
CA LEU A 21 0.75 0.01 -4.74
C LEU A 21 0.44 -1.35 -5.35
N SER A 22 0.66 -1.47 -6.67
CA SER A 22 0.39 -2.73 -7.37
C SER A 22 1.03 -3.90 -6.63
N TYR A 23 2.16 -3.66 -5.98
CA TYR A 23 2.87 -4.69 -5.24
C TYR A 23 2.07 -5.12 -4.01
N GLY A 24 1.69 -4.16 -3.18
CA GLY A 24 0.94 -4.46 -1.99
C GLY A 24 -0.48 -4.92 -2.30
N VAL A 25 -1.20 -4.12 -3.08
CA VAL A 25 -2.57 -4.44 -3.45
C VAL A 25 -2.61 -5.70 -4.32
N GLY A 26 -1.83 -5.71 -5.39
CA GLY A 26 -1.80 -6.85 -6.28
C GLY A 26 -1.55 -8.16 -5.54
N PHE A 27 -0.56 -8.15 -4.65
CA PHE A 27 -0.22 -9.33 -3.87
C PHE A 27 -1.36 -9.71 -2.92
N PHE A 28 -2.06 -8.69 -2.43
CA PHE A 28 -3.17 -8.91 -1.51
C PHE A 28 -4.27 -9.75 -2.16
N LEU A 29 -4.69 -9.34 -3.35
CA LEU A 29 -5.73 -10.04 -4.08
C LEU A 29 -5.27 -11.44 -4.47
N PHE A 30 -4.08 -11.53 -5.04
CA PHE A 30 -3.52 -12.81 -5.45
C PHE A 30 -3.33 -13.74 -4.26
N ILE A 31 -2.97 -13.16 -3.12
CA ILE A 31 -2.74 -13.92 -1.90
C ILE A 31 -4.07 -14.38 -1.30
N LEU A 32 -5.10 -13.56 -1.44
CA LEU A 32 -6.42 -13.88 -0.91
C LEU A 32 -7.00 -15.12 -1.60
N VAL A 33 -6.90 -15.15 -2.92
CA VAL A 33 -7.41 -16.27 -3.70
C VAL A 33 -6.48 -17.48 -3.58
N VAL A 34 -5.18 -17.21 -3.56
CA VAL A 34 -4.18 -18.27 -3.46
C VAL A 34 -4.20 -18.90 -2.08
N ALA A 35 -4.07 -18.08 -1.04
CA ALA A 35 -4.09 -18.57 0.33
C ALA A 35 -5.40 -19.26 0.66
N ALA A 36 -6.51 -18.69 0.18
CA ALA A 36 -7.82 -19.25 0.42
C ALA A 36 -7.92 -20.67 -0.12
N VAL A 37 -7.54 -20.84 -1.38
CA VAL A 37 -7.59 -22.15 -2.03
C VAL A 37 -6.69 -23.15 -1.31
N THR A 38 -5.42 -22.79 -1.15
CA THR A 38 -4.45 -23.65 -0.48
C THR A 38 -4.90 -23.98 0.94
N LEU A 39 -5.30 -22.96 1.68
CA LEU A 39 -5.76 -23.15 3.05
C LEU A 39 -7.00 -24.03 3.10
N CYS A 40 -7.87 -23.85 2.11
CA CYS A 40 -9.11 -24.62 2.03
C CYS A 40 -8.81 -26.08 1.70
N ARG A 41 -7.94 -26.29 0.73
CA ARG A 41 -7.57 -27.63 0.30
C ARG A 41 -6.47 -28.21 1.19
N LEU A 42 -6.09 -27.44 2.22
CA LEU A 42 -5.05 -27.87 3.14
C LEU A 42 -5.54 -29.01 4.02
N ARG A 43 -6.79 -28.92 4.45
CA ARG A 43 -7.39 -29.95 5.31
C ARG A 43 -7.63 -31.24 4.51
N LEU B 1 -15.59 33.89 7.26
CA LEU B 1 -14.66 33.25 8.20
C LEU B 1 -13.32 33.97 8.22
N PRO B 2 -13.30 35.16 8.84
CA PRO B 2 -12.08 35.98 8.96
C PRO B 2 -11.05 35.35 9.88
N ALA B 3 -10.32 34.37 9.38
CA ALA B 3 -9.30 33.69 10.17
C ALA B 3 -8.02 33.51 9.37
N GLU B 4 -6.92 33.29 10.08
CA GLU B 4 -5.62 33.10 9.43
C GLU B 4 -5.44 31.65 8.98
N GLU B 5 -4.71 31.46 7.89
CA GLU B 5 -4.46 30.12 7.35
C GLU B 5 -3.11 30.07 6.65
N GLU B 6 -2.68 28.85 6.32
CA GLU B 6 -1.40 28.66 5.64
C GLU B 6 -1.41 27.37 4.82
N LEU B 7 -1.10 27.49 3.54
CA LEU B 7 -1.08 26.35 2.64
C LEU B 7 0.32 25.76 2.54
N VAL B 8 0.41 24.46 2.29
CA VAL B 8 1.69 23.78 2.17
C VAL B 8 1.60 22.60 1.21
N GLU B 9 2.49 22.58 0.22
CA GLU B 9 2.50 21.50 -0.76
C GLU B 9 3.77 20.67 -0.64
N ALA B 10 4.34 20.64 0.56
CA ALA B 10 5.55 19.87 0.81
C ALA B 10 5.26 18.39 0.98
N ASP B 11 4.05 18.09 1.44
CA ASP B 11 3.64 16.70 1.64
C ASP B 11 3.88 15.87 0.38
N GLU B 12 3.28 16.28 -0.73
CA GLU B 12 3.43 15.57 -1.99
C GLU B 12 3.13 14.09 -1.82
N ALA B 13 1.98 13.79 -1.23
CA ALA B 13 1.58 12.40 -1.02
C ALA B 13 2.65 11.63 -0.27
N GLY B 14 3.01 12.12 0.92
CA GLY B 14 4.02 11.45 1.72
C GLY B 14 3.44 10.59 2.82
N SER B 15 3.07 11.22 3.93
CA SER B 15 2.49 10.50 5.06
C SER B 15 0.99 10.38 4.91
N VAL B 16 0.46 10.87 3.79
CA VAL B 16 -0.96 10.82 3.53
C VAL B 16 -1.34 9.54 2.78
N TYR B 17 -0.85 9.40 1.56
CA TYR B 17 -1.13 8.22 0.75
C TYR B 17 -0.45 6.99 1.34
N ALA B 18 0.69 7.19 1.98
CA ALA B 18 1.43 6.09 2.59
C ALA B 18 0.55 5.29 3.54
N GLY B 19 -0.44 5.96 4.12
CA GLY B 19 -1.34 5.31 5.05
C GLY B 19 -2.07 4.14 4.42
N ILE B 20 -2.28 4.21 3.11
CA ILE B 20 -2.97 3.15 2.38
C ILE B 20 -2.02 2.02 2.03
N LEU B 21 -0.73 2.34 1.94
CA LEU B 21 0.29 1.35 1.61
C LEU B 21 0.40 0.29 2.71
N SER B 22 0.22 0.73 3.96
CA SER B 22 0.31 -0.17 5.10
C SER B 22 -0.53 -1.43 4.86
N TYR B 23 -1.62 -1.27 4.14
CA TYR B 23 -2.51 -2.39 3.85
C TYR B 23 -1.83 -3.39 2.91
N GLY B 24 -1.35 -2.90 1.78
CA GLY B 24 -0.68 -3.76 0.82
C GLY B 24 0.65 -4.28 1.34
N VAL B 25 1.51 -3.37 1.77
CA VAL B 25 2.82 -3.74 2.29
C VAL B 25 2.70 -4.56 3.57
N GLY B 26 1.96 -4.03 4.54
CA GLY B 26 1.77 -4.72 5.79
C GLY B 26 1.29 -6.15 5.60
N PHE B 27 0.30 -6.33 4.74
CA PHE B 27 -0.25 -7.66 4.47
C PHE B 27 0.78 -8.53 3.78
N PHE B 28 1.62 -7.92 2.96
CA PHE B 28 2.65 -8.65 2.23
C PHE B 28 3.62 -9.33 3.20
N LEU B 29 4.15 -8.56 4.14
CA LEU B 29 5.08 -9.10 5.12
C LEU B 29 4.42 -10.15 6.00
N PHE B 30 3.24 -9.82 6.53
CA PHE B 30 2.50 -10.74 7.38
C PHE B 30 2.13 -12.01 6.62
N ILE B 31 1.82 -11.85 5.33
CA ILE B 31 1.45 -12.98 4.50
C ILE B 31 2.66 -13.84 4.17
N LEU B 32 3.82 -13.20 4.00
CA LEU B 32 5.05 -13.90 3.68
C LEU B 32 5.43 -14.85 4.81
N VAL B 33 5.38 -14.36 6.04
CA VAL B 33 5.73 -15.18 7.21
C VAL B 33 4.62 -16.16 7.54
N VAL B 34 3.37 -15.72 7.37
CA VAL B 34 2.21 -16.56 7.66
C VAL B 34 2.09 -17.68 6.62
N ALA B 35 2.06 -17.30 5.35
CA ALA B 35 1.95 -18.27 4.26
C ALA B 35 3.12 -19.25 4.27
N ALA B 36 4.32 -18.71 4.48
CA ALA B 36 5.53 -19.53 4.51
C ALA B 36 5.42 -20.62 5.57
N VAL B 37 5.07 -20.22 6.79
CA VAL B 37 4.93 -21.16 7.90
C VAL B 37 3.81 -22.16 7.63
N THR B 38 2.62 -21.64 7.35
CA THR B 38 1.46 -22.49 7.08
C THR B 38 1.74 -23.45 5.92
N LEU B 39 2.42 -22.95 4.89
CA LEU B 39 2.74 -23.76 3.73
C LEU B 39 3.83 -24.78 4.07
N CYS B 40 4.74 -24.39 4.95
CA CYS B 40 5.83 -25.28 5.36
C CYS B 40 5.31 -26.39 6.28
N ARG B 41 4.42 -26.03 7.19
CA ARG B 41 3.85 -27.00 8.12
C ARG B 41 2.97 -28.01 7.38
N LEU B 42 2.48 -27.62 6.20
CA LEU B 42 1.63 -28.49 5.41
C LEU B 42 2.38 -29.76 5.00
N ARG B 43 3.68 -29.61 4.71
CA ARG B 43 4.50 -30.75 4.31
C ARG B 43 4.95 -31.55 5.53
N LEU A 1 1.32 22.85 23.67
CA LEU A 1 1.69 22.24 22.40
C LEU A 1 0.46 21.72 21.66
N PRO A 2 -0.39 22.64 21.20
CA PRO A 2 -1.62 22.29 20.47
C PRO A 2 -1.33 21.72 19.08
N ALA A 3 -1.78 20.50 18.85
CA ALA A 3 -1.57 19.84 17.56
C ALA A 3 -2.54 20.36 16.51
N GLU A 4 -2.13 20.32 15.25
CA GLU A 4 -2.97 20.79 14.15
C GLU A 4 -2.93 19.82 12.99
N GLU A 5 -3.78 20.06 11.98
CA GLU A 5 -3.84 19.20 10.82
C GLU A 5 -4.65 19.87 9.70
N GLU A 6 -4.40 19.45 8.47
CA GLU A 6 -5.11 20.00 7.31
C GLU A 6 -5.31 18.93 6.24
N LEU A 7 -6.22 19.21 5.31
CA LEU A 7 -6.51 18.28 4.22
C LEU A 7 -5.38 18.27 3.19
N VAL A 8 -5.43 17.31 2.27
CA VAL A 8 -4.42 17.19 1.24
C VAL A 8 -5.04 16.86 -0.11
N GLU A 9 -4.54 17.49 -1.17
CA GLU A 9 -5.06 17.25 -2.51
C GLU A 9 -4.62 15.87 -3.02
N ALA A 10 -5.42 15.31 -3.93
CA ALA A 10 -5.12 14.01 -4.51
C ALA A 10 -4.58 14.14 -5.93
N ASP A 11 -3.89 15.24 -6.18
CA ASP A 11 -3.32 15.50 -7.50
C ASP A 11 -2.00 14.75 -7.67
N GLU A 12 -1.08 14.94 -6.74
CA GLU A 12 0.22 14.29 -6.78
C GLU A 12 0.08 12.78 -6.60
N ALA A 13 1.17 12.06 -6.79
CA ALA A 13 1.17 10.61 -6.65
C ALA A 13 0.06 9.97 -7.47
N GLY A 14 0.01 10.32 -8.76
CA GLY A 14 -1.01 9.76 -9.64
C GLY A 14 -0.65 8.39 -10.15
N SER A 15 0.10 8.35 -11.25
CA SER A 15 0.51 7.08 -11.85
C SER A 15 1.96 6.76 -11.50
N VAL A 16 2.55 7.58 -10.65
CA VAL A 16 3.94 7.39 -10.24
C VAL A 16 4.03 6.51 -9.00
N TYR A 17 3.50 7.01 -7.89
CA TYR A 17 3.53 6.26 -6.63
C TYR A 17 2.61 5.04 -6.71
N ALA A 18 1.53 5.17 -7.48
CA ALA A 18 0.57 4.08 -7.63
C ALA A 18 1.25 2.82 -8.14
N GLY A 19 2.35 3.00 -8.85
CA GLY A 19 3.09 1.86 -9.39
C GLY A 19 3.59 0.93 -8.30
N ILE A 20 3.83 1.48 -7.12
CA ILE A 20 4.32 0.70 -5.98
C ILE A 20 3.17 0.00 -5.27
N LEU A 21 1.98 0.57 -5.39
CA LEU A 21 0.79 -0.01 -4.76
C LEU A 21 0.45 -1.37 -5.35
N SER A 22 0.66 -1.50 -6.66
CA SER A 22 0.38 -2.76 -7.35
C SER A 22 0.99 -3.94 -6.61
N TYR A 23 2.13 -3.69 -5.96
CA TYR A 23 2.82 -4.74 -5.21
C TYR A 23 2.02 -5.16 -3.99
N GLY A 24 1.66 -4.17 -3.16
CA GLY A 24 0.90 -4.46 -1.97
C GLY A 24 -0.52 -4.91 -2.27
N VAL A 25 -1.24 -4.10 -3.06
CA VAL A 25 -2.61 -4.42 -3.43
C VAL A 25 -2.67 -5.68 -4.29
N GLY A 26 -1.90 -5.68 -5.37
CA GLY A 26 -1.88 -6.82 -6.26
C GLY A 26 -1.63 -8.13 -5.52
N PHE A 27 -0.64 -8.13 -4.63
CA PHE A 27 -0.29 -9.32 -3.87
C PHE A 27 -1.42 -9.68 -2.90
N PHE A 28 -2.11 -8.66 -2.41
CA PHE A 28 -3.22 -8.88 -1.47
C PHE A 28 -4.32 -9.72 -2.12
N LEU A 29 -4.76 -9.29 -3.29
CA LEU A 29 -5.81 -10.00 -4.02
C LEU A 29 -5.36 -11.41 -4.40
N PHE A 30 -4.18 -11.50 -4.99
CA PHE A 30 -3.63 -12.79 -5.40
C PHE A 30 -3.43 -13.70 -4.21
N ILE A 31 -3.04 -13.11 -3.08
CA ILE A 31 -2.82 -13.89 -1.86
C ILE A 31 -4.14 -14.34 -1.24
N LEU A 32 -5.15 -13.50 -1.36
CA LEU A 32 -6.48 -13.81 -0.82
C LEU A 32 -7.06 -15.04 -1.49
N VAL A 33 -6.99 -15.08 -2.82
CA VAL A 33 -7.51 -16.21 -3.57
C VAL A 33 -6.59 -17.42 -3.47
N VAL A 34 -5.28 -17.16 -3.48
CA VAL A 34 -4.28 -18.22 -3.39
C VAL A 34 -4.28 -18.85 -2.00
N ALA A 35 -4.14 -18.03 -0.98
CA ALA A 35 -4.13 -18.52 0.40
C ALA A 35 -5.45 -19.20 0.75
N ALA A 36 -6.55 -18.60 0.32
CA ALA A 36 -7.88 -19.15 0.59
C ALA A 36 -7.99 -20.57 0.06
N VAL A 37 -7.63 -20.76 -1.21
CA VAL A 37 -7.69 -22.07 -1.84
C VAL A 37 -6.73 -23.05 -1.18
N THR A 38 -5.45 -22.67 -1.11
CA THR A 38 -4.44 -23.51 -0.51
C THR A 38 -4.81 -23.88 0.92
N LEU A 39 -5.36 -22.92 1.65
CA LEU A 39 -5.76 -23.14 3.04
C LEU A 39 -7.00 -24.03 3.11
N CYS A 40 -7.88 -23.89 2.13
CA CYS A 40 -9.10 -24.69 2.08
C CYS A 40 -8.79 -26.13 1.68
N ARG A 41 -7.86 -26.30 0.74
CA ARG A 41 -7.48 -27.62 0.27
C ARG A 41 -6.79 -28.41 1.38
N LEU A 42 -6.22 -27.70 2.34
CA LEU A 42 -5.52 -28.33 3.45
C LEU A 42 -6.37 -28.29 4.72
N ARG A 43 -7.42 -27.48 4.70
CA ARG A 43 -8.31 -27.35 5.84
C ARG A 43 -8.91 -28.70 6.21
N LEU B 1 -5.16 39.19 -10.94
CA LEU B 1 -3.80 39.02 -10.44
C LEU B 1 -3.55 37.59 -9.99
N PRO B 2 -2.27 37.19 -9.92
CA PRO B 2 -1.88 35.85 -9.50
C PRO B 2 -2.13 35.60 -8.02
N ALA B 3 -2.43 34.35 -7.67
CA ALA B 3 -2.70 33.99 -6.28
C ALA B 3 -1.40 33.80 -5.51
N GLU B 4 -1.50 33.82 -4.18
CA GLU B 4 -0.33 33.64 -3.33
C GLU B 4 -0.34 32.26 -2.66
N GLU B 5 0.70 31.98 -1.89
CA GLU B 5 0.81 30.70 -1.20
C GLU B 5 0.63 30.88 0.31
N GLU B 6 -0.25 30.09 0.90
CA GLU B 6 -0.51 30.15 2.33
C GLU B 6 0.76 29.85 3.13
N LEU B 7 1.25 28.63 3.00
CA LEU B 7 2.46 28.21 3.70
C LEU B 7 3.66 28.20 2.77
N VAL B 8 4.84 27.93 3.33
CA VAL B 8 6.06 27.88 2.55
C VAL B 8 6.33 26.47 2.02
N GLU B 9 5.81 25.47 2.74
CA GLU B 9 6.01 24.08 2.35
C GLU B 9 4.79 23.24 2.73
N ALA B 10 4.40 22.33 1.84
CA ALA B 10 3.25 21.46 2.08
C ALA B 10 3.44 20.10 1.42
N ASP B 11 3.00 19.05 2.10
CA ASP B 11 3.12 17.70 1.59
C ASP B 11 1.83 17.26 0.90
N GLU B 12 1.86 17.21 -0.43
CA GLU B 12 0.70 16.80 -1.21
C GLU B 12 0.58 15.29 -1.27
N ALA B 13 1.71 14.61 -1.13
CA ALA B 13 1.74 13.15 -1.17
C ALA B 13 2.96 12.60 -0.44
N GLY B 14 2.74 12.05 0.74
CA GLY B 14 3.83 11.51 1.52
C GLY B 14 3.36 10.67 2.70
N SER B 15 2.85 11.34 3.73
CA SER B 15 2.35 10.65 4.91
C SER B 15 0.83 10.51 4.87
N VAL B 16 0.23 10.96 3.77
CA VAL B 16 -1.21 10.88 3.60
C VAL B 16 -1.62 9.57 2.94
N TYR B 17 -1.22 9.39 1.70
CA TYR B 17 -1.54 8.18 0.95
C TYR B 17 -0.81 6.97 1.54
N ALA B 18 0.34 7.22 2.14
CA ALA B 18 1.14 6.15 2.75
C ALA B 18 0.28 5.30 3.69
N GLY B 19 -0.74 5.91 4.28
CA GLY B 19 -1.61 5.20 5.18
C GLY B 19 -2.30 4.03 4.53
N ILE B 20 -2.50 4.12 3.22
CA ILE B 20 -3.15 3.05 2.47
C ILE B 20 -2.16 1.96 2.09
N LEU B 21 -0.88 2.33 2.01
CA LEU B 21 0.17 1.38 1.67
C LEU B 21 0.30 0.31 2.75
N SER B 22 0.14 0.71 4.00
CA SER B 22 0.26 -0.21 5.14
C SER B 22 -0.57 -1.47 4.88
N TYR B 23 -1.68 -1.32 4.16
CA TYR B 23 -2.55 -2.43 3.86
C TYR B 23 -1.87 -3.42 2.91
N GLY B 24 -1.39 -2.90 1.78
CA GLY B 24 -0.72 -3.75 0.81
C GLY B 24 0.62 -4.26 1.30
N VAL B 25 1.47 -3.33 1.73
CA VAL B 25 2.80 -3.70 2.23
C VAL B 25 2.70 -4.51 3.51
N GLY B 26 1.97 -3.98 4.49
CA GLY B 26 1.81 -4.68 5.74
C GLY B 26 1.32 -6.11 5.57
N PHE B 27 0.32 -6.29 4.72
CA PHE B 27 -0.24 -7.62 4.47
C PHE B 27 0.79 -8.50 3.75
N PHE B 28 1.61 -7.88 2.93
CA PHE B 28 2.63 -8.61 2.17
C PHE B 28 3.62 -9.29 3.13
N LEU B 29 4.15 -8.52 4.06
CA LEU B 29 5.11 -9.05 5.03
C LEU B 29 4.46 -10.10 5.92
N PHE B 30 3.30 -9.77 6.46
CA PHE B 30 2.57 -10.69 7.34
C PHE B 30 2.18 -11.96 6.58
N ILE B 31 1.85 -11.80 5.30
CA ILE B 31 1.46 -12.94 4.48
C ILE B 31 2.68 -13.81 4.13
N LEU B 32 3.82 -13.16 3.95
CA LEU B 32 5.05 -13.87 3.61
C LEU B 32 5.45 -14.82 4.73
N VAL B 33 5.44 -14.32 5.97
CA VAL B 33 5.79 -15.13 7.12
C VAL B 33 4.68 -16.12 7.47
N VAL B 34 3.44 -15.67 7.33
CA VAL B 34 2.29 -16.50 7.62
C VAL B 34 2.14 -17.63 6.60
N ALA B 35 2.10 -17.26 5.33
CA ALA B 35 1.97 -18.24 4.26
C ALA B 35 3.15 -19.19 4.24
N ALA B 36 4.35 -18.67 4.49
CA ALA B 36 5.56 -19.48 4.50
C ALA B 36 5.46 -20.58 5.55
N VAL B 37 5.12 -20.20 6.78
CA VAL B 37 4.99 -21.16 7.86
C VAL B 37 3.91 -22.20 7.56
N THR B 38 2.71 -21.74 7.26
CA THR B 38 1.61 -22.62 6.94
C THR B 38 1.95 -23.54 5.76
N LEU B 39 2.48 -22.95 4.70
CA LEU B 39 2.85 -23.71 3.51
C LEU B 39 3.97 -24.71 3.83
N CYS B 40 4.86 -24.32 4.73
CA CYS B 40 5.97 -25.18 5.12
C CYS B 40 5.49 -26.34 5.98
N ARG B 41 4.63 -26.04 6.95
CA ARG B 41 4.09 -27.05 7.84
C ARG B 41 2.86 -27.73 7.22
N LEU B 42 2.55 -27.35 5.98
CA LEU B 42 1.41 -27.92 5.29
C LEU B 42 1.71 -29.33 4.79
N ARG B 43 2.95 -29.54 4.36
CA ARG B 43 3.37 -30.85 3.86
C ARG B 43 3.73 -31.79 5.01
N LEU A 1 -13.80 30.41 2.65
CA LEU A 1 -14.79 29.42 2.24
C LEU A 1 -14.13 28.24 1.54
N PRO A 2 -14.85 27.11 1.50
CA PRO A 2 -14.35 25.89 0.85
C PRO A 2 -14.28 26.02 -0.66
N ALA A 3 -13.13 25.67 -1.23
CA ALA A 3 -12.95 25.75 -2.68
C ALA A 3 -13.08 24.36 -3.32
N GLU A 4 -13.57 24.34 -4.55
CA GLU A 4 -13.74 23.08 -5.28
C GLU A 4 -12.41 22.59 -5.83
N GLU A 5 -12.26 21.26 -5.90
CA GLU A 5 -11.03 20.67 -6.41
C GLU A 5 -11.32 19.79 -7.63
N GLU A 6 -10.27 19.33 -8.29
CA GLU A 6 -10.41 18.49 -9.47
C GLU A 6 -9.58 17.21 -9.33
N LEU A 7 -10.03 16.14 -9.97
CA LEU A 7 -9.32 14.86 -9.91
C LEU A 7 -8.22 14.80 -10.97
N VAL A 8 -7.05 14.36 -10.55
CA VAL A 8 -5.91 14.25 -11.47
C VAL A 8 -4.95 13.16 -11.01
N GLU A 9 -4.65 12.23 -11.91
CA GLU A 9 -3.74 11.13 -11.60
C GLU A 9 -2.47 11.23 -12.43
N ALA A 10 -2.04 12.46 -12.72
CA ALA A 10 -0.84 12.68 -13.51
C ALA A 10 0.26 13.30 -12.66
N ASP A 11 -0.08 14.35 -11.91
CA ASP A 11 0.89 15.02 -11.05
C ASP A 11 0.51 14.86 -9.58
N GLU A 12 1.37 15.37 -8.70
CA GLU A 12 1.12 15.28 -7.26
C GLU A 12 1.07 13.83 -6.81
N ALA A 13 1.96 13.00 -7.37
CA ALA A 13 2.01 11.59 -7.02
C ALA A 13 0.73 10.88 -7.42
N GLY A 14 0.41 10.94 -8.71
CA GLY A 14 -0.80 10.29 -9.21
C GLY A 14 -0.53 8.88 -9.72
N SER A 15 0.25 8.78 -10.79
CA SER A 15 0.57 7.48 -11.38
C SER A 15 2.01 7.08 -11.05
N VAL A 16 2.65 7.87 -10.20
CA VAL A 16 4.03 7.60 -9.80
C VAL A 16 4.09 6.70 -8.57
N TYR A 17 3.59 7.22 -7.45
CA TYR A 17 3.58 6.47 -6.21
C TYR A 17 2.59 5.31 -6.27
N ALA A 18 1.52 5.49 -7.04
CA ALA A 18 0.51 4.46 -7.20
C ALA A 18 1.11 3.19 -7.80
N GLY A 19 2.21 3.35 -8.53
CA GLY A 19 2.85 2.21 -9.16
C GLY A 19 3.38 1.21 -8.14
N ILE A 20 3.67 1.70 -6.93
CA ILE A 20 4.18 0.84 -5.88
C ILE A 20 3.06 0.10 -5.17
N LEU A 21 1.85 0.66 -5.26
CA LEU A 21 0.68 0.06 -4.62
C LEU A 21 0.36 -1.29 -5.26
N SER A 22 0.55 -1.38 -6.57
CA SER A 22 0.27 -2.61 -7.31
C SER A 22 0.91 -3.81 -6.61
N TYR A 23 2.05 -3.58 -5.98
CA TYR A 23 2.77 -4.64 -5.29
C TYR A 23 1.99 -5.11 -4.06
N GLY A 24 1.64 -4.15 -3.20
CA GLY A 24 0.90 -4.48 -1.99
C GLY A 24 -0.51 -4.94 -2.30
N VAL A 25 -1.25 -4.14 -3.05
CA VAL A 25 -2.63 -4.47 -3.41
C VAL A 25 -2.68 -5.73 -4.27
N GLY A 26 -1.91 -5.73 -5.35
CA GLY A 26 -1.89 -6.87 -6.24
C GLY A 26 -1.63 -8.17 -5.52
N PHE A 27 -0.63 -8.17 -4.63
CA PHE A 27 -0.29 -9.36 -3.87
C PHE A 27 -1.42 -9.73 -2.90
N PHE A 28 -2.12 -8.72 -2.40
CA PHE A 28 -3.22 -8.94 -1.48
C PHE A 28 -4.32 -9.78 -2.12
N LEU A 29 -4.76 -9.36 -3.30
CA LEU A 29 -5.81 -10.07 -4.02
C LEU A 29 -5.35 -11.47 -4.41
N PHE A 30 -4.17 -11.56 -4.99
CA PHE A 30 -3.62 -12.85 -5.41
C PHE A 30 -3.41 -13.77 -4.21
N ILE A 31 -3.03 -13.18 -3.08
CA ILE A 31 -2.80 -13.94 -1.86
C ILE A 31 -4.12 -14.40 -1.24
N LEU A 32 -5.15 -13.56 -1.38
CA LEU A 32 -6.46 -13.88 -0.84
C LEU A 32 -7.04 -15.12 -1.50
N VAL A 33 -6.97 -15.16 -2.83
CA VAL A 33 -7.49 -16.29 -3.59
C VAL A 33 -6.56 -17.49 -3.50
N VAL A 34 -5.27 -17.22 -3.49
CA VAL A 34 -4.27 -18.28 -3.39
C VAL A 34 -4.27 -18.92 -2.01
N ALA A 35 -4.13 -18.09 -0.98
CA ALA A 35 -4.13 -18.57 0.39
C ALA A 35 -5.44 -19.25 0.75
N ALA A 36 -6.54 -18.68 0.27
CA ALA A 36 -7.86 -19.24 0.53
C ALA A 36 -7.97 -20.67 0.00
N VAL A 37 -7.61 -20.85 -1.26
CA VAL A 37 -7.67 -22.16 -1.89
C VAL A 37 -6.76 -23.16 -1.18
N THR A 38 -5.49 -22.79 -1.04
CA THR A 38 -4.52 -23.66 -0.38
C THR A 38 -4.95 -23.98 1.05
N LEU A 39 -5.35 -22.95 1.78
CA LEU A 39 -5.80 -23.13 3.17
C LEU A 39 -7.05 -23.99 3.22
N CYS A 40 -7.91 -23.85 2.23
CA CYS A 40 -9.15 -24.61 2.17
C CYS A 40 -8.87 -26.07 1.84
N ARG A 41 -8.01 -26.30 0.86
CA ARG A 41 -7.65 -27.65 0.45
C ARG A 41 -6.51 -28.20 1.29
N LEU A 42 -6.12 -27.44 2.32
CA LEU A 42 -5.04 -27.84 3.20
C LEU A 42 -5.52 -28.86 4.22
N ARG A 43 -6.75 -28.68 4.70
CA ARG A 43 -7.33 -29.58 5.69
C ARG A 43 -7.93 -30.82 5.01
N LEU B 1 -3.72 45.61 7.08
CA LEU B 1 -2.37 45.06 7.13
C LEU B 1 -2.27 43.95 8.18
N PRO B 2 -2.95 42.82 7.92
CA PRO B 2 -2.96 41.67 8.84
C PRO B 2 -1.60 40.97 8.88
N ALA B 3 -1.31 40.34 10.01
CA ALA B 3 -0.05 39.62 10.18
C ALA B 3 0.10 38.52 9.14
N GLU B 4 1.32 38.35 8.63
CA GLU B 4 1.59 37.34 7.62
C GLU B 4 1.69 35.95 8.26
N GLU B 5 1.43 34.92 7.46
CA GLU B 5 1.49 33.55 7.94
C GLU B 5 1.81 32.58 6.81
N GLU B 6 2.18 31.36 7.16
CA GLU B 6 2.51 30.33 6.17
C GLU B 6 1.58 29.14 6.30
N LEU B 7 0.63 29.03 5.38
CA LEU B 7 -0.33 27.93 5.38
C LEU B 7 -0.70 27.53 3.96
N VAL B 8 -0.19 26.37 3.52
CA VAL B 8 -0.48 25.87 2.19
C VAL B 8 -1.98 25.74 1.95
N GLU B 9 -2.70 25.36 2.99
CA GLU B 9 -4.15 25.19 2.90
C GLU B 9 -4.51 24.29 1.72
N ALA B 10 -3.84 23.15 1.64
CA ALA B 10 -4.09 22.19 0.56
C ALA B 10 -3.50 20.83 0.90
N ASP B 11 -4.07 19.78 0.32
CA ASP B 11 -3.60 18.42 0.55
C ASP B 11 -2.45 18.07 -0.39
N GLU B 12 -1.56 17.19 0.07
CA GLU B 12 -0.42 16.77 -0.74
C GLU B 12 0.00 15.34 -0.38
N ALA B 13 0.80 14.74 -1.26
CA ALA B 13 1.27 13.38 -1.03
C ALA B 13 2.27 13.32 0.12
N GLY B 14 2.53 12.11 0.61
CA GLY B 14 3.46 11.95 1.71
C GLY B 14 2.96 10.97 2.75
N SER B 15 2.35 11.50 3.81
CA SER B 15 1.83 10.67 4.88
C SER B 15 0.33 10.41 4.69
N VAL B 16 -0.20 10.89 3.58
CA VAL B 16 -1.62 10.72 3.28
C VAL B 16 -1.85 9.43 2.48
N TYR B 17 -1.32 9.39 1.27
CA TYR B 17 -1.47 8.22 0.41
C TYR B 17 -0.68 7.04 0.95
N ALA B 18 0.43 7.33 1.63
CA ALA B 18 1.27 6.29 2.21
C ALA B 18 0.50 5.47 3.23
N GLY B 19 -0.54 6.07 3.80
CA GLY B 19 -1.34 5.37 4.79
C GLY B 19 -2.05 4.16 4.21
N ILE B 20 -2.29 4.18 2.91
CA ILE B 20 -2.97 3.07 2.24
C ILE B 20 -1.99 1.95 1.91
N LEU B 21 -0.71 2.30 1.81
CA LEU B 21 0.33 1.33 1.51
C LEU B 21 0.45 0.29 2.63
N SER B 22 0.29 0.76 3.87
CA SER B 22 0.39 -0.12 5.03
C SER B 22 -0.45 -1.38 4.83
N TYR B 23 -1.57 -1.23 4.13
CA TYR B 23 -2.47 -2.35 3.87
C TYR B 23 -1.81 -3.37 2.94
N GLY B 24 -1.34 -2.90 1.79
CA GLY B 24 -0.70 -3.78 0.83
C GLY B 24 0.63 -4.30 1.33
N VAL B 25 1.51 -3.40 1.74
CA VAL B 25 2.83 -3.78 2.24
C VAL B 25 2.72 -4.58 3.52
N GLY B 26 1.99 -4.04 4.50
CA GLY B 26 1.81 -4.74 5.77
C GLY B 26 1.33 -6.17 5.58
N PHE B 27 0.33 -6.35 4.74
CA PHE B 27 -0.23 -7.68 4.48
C PHE B 27 0.79 -8.56 3.78
N PHE B 28 1.63 -7.95 2.95
CA PHE B 28 2.65 -8.68 2.21
C PHE B 28 3.63 -9.36 3.17
N LEU B 29 4.16 -8.59 4.10
CA LEU B 29 5.11 -9.12 5.08
C LEU B 29 4.45 -10.18 5.96
N PHE B 30 3.28 -9.84 6.50
CA PHE B 30 2.55 -10.76 7.36
C PHE B 30 2.17 -12.03 6.60
N ILE B 31 1.85 -11.87 5.33
CA ILE B 31 1.47 -13.01 4.49
C ILE B 31 2.67 -13.87 4.14
N LEU B 32 3.82 -13.22 3.98
CA LEU B 32 5.05 -13.92 3.64
C LEU B 32 5.45 -14.89 4.75
N VAL B 33 5.42 -14.39 5.99
CA VAL B 33 5.78 -15.20 7.14
C VAL B 33 4.67 -16.18 7.49
N VAL B 34 3.42 -15.74 7.35
CA VAL B 34 2.27 -16.58 7.63
C VAL B 34 2.13 -17.70 6.61
N ALA B 35 2.09 -17.32 5.33
CA ALA B 35 1.97 -18.30 4.25
C ALA B 35 3.14 -19.25 4.23
N ALA B 36 4.34 -18.73 4.49
CA ALA B 36 5.55 -19.54 4.50
C ALA B 36 5.46 -20.65 5.56
N VAL B 37 5.10 -20.27 6.78
CA VAL B 37 4.98 -21.22 7.87
C VAL B 37 3.91 -22.26 7.56
N THR B 38 2.71 -21.80 7.25
CA THR B 38 1.60 -22.69 6.94
C THR B 38 1.94 -23.60 5.76
N LEU B 39 2.48 -23.01 4.70
CA LEU B 39 2.84 -23.77 3.50
C LEU B 39 3.96 -24.76 3.82
N CYS B 40 4.85 -24.37 4.72
CA CYS B 40 5.96 -25.23 5.10
C CYS B 40 5.48 -26.39 5.97
N ARG B 41 4.62 -26.09 6.93
CA ARG B 41 4.09 -27.10 7.83
C ARG B 41 2.84 -27.75 7.23
N LEU B 42 2.55 -27.41 5.98
CA LEU B 42 1.39 -27.96 5.29
C LEU B 42 1.66 -29.38 4.80
N ARG B 43 2.89 -29.63 4.36
CA ARG B 43 3.28 -30.95 3.87
C ARG B 43 3.09 -32.00 4.95
N LEU A 1 -21.03 16.61 -34.31
CA LEU A 1 -19.96 15.60 -34.25
C LEU A 1 -19.15 15.74 -32.97
N PRO A 2 -19.76 15.38 -31.84
CA PRO A 2 -19.11 15.45 -30.53
C PRO A 2 -18.00 14.42 -30.37
N ALA A 3 -17.11 14.65 -29.41
CA ALA A 3 -16.00 13.73 -29.16
C ALA A 3 -15.45 13.91 -27.76
N GLU A 4 -14.68 12.93 -27.29
CA GLU A 4 -14.09 12.97 -25.96
C GLU A 4 -13.11 14.13 -25.84
N GLU A 5 -12.54 14.31 -24.65
CA GLU A 5 -11.58 15.37 -24.40
C GLU A 5 -10.35 14.85 -23.68
N GLU A 6 -9.18 15.33 -24.09
CA GLU A 6 -7.93 14.91 -23.47
C GLU A 6 -7.31 16.05 -22.68
N LEU A 7 -6.77 15.71 -21.50
CA LEU A 7 -6.15 16.71 -20.63
C LEU A 7 -4.81 16.20 -20.12
N VAL A 8 -3.83 17.11 -20.04
CA VAL A 8 -2.51 16.76 -19.57
C VAL A 8 -2.17 17.50 -18.27
N GLU A 9 -1.33 16.89 -17.45
CA GLU A 9 -0.93 17.49 -16.18
C GLU A 9 0.56 17.30 -15.93
N ALA A 10 1.17 18.26 -15.25
CA ALA A 10 2.60 18.20 -14.95
C ALA A 10 2.91 17.00 -14.05
N ASP A 11 4.19 16.82 -13.75
CA ASP A 11 4.62 15.71 -12.90
C ASP A 11 4.19 15.93 -11.46
N GLU A 12 3.31 15.06 -10.97
CA GLU A 12 2.82 15.17 -9.60
C GLU A 12 2.39 13.80 -9.08
N ALA A 13 2.02 13.75 -7.80
CA ALA A 13 1.59 12.51 -7.17
C ALA A 13 0.31 11.98 -7.82
N GLY A 14 0.42 10.84 -8.48
CA GLY A 14 -0.73 10.25 -9.13
C GLY A 14 -0.45 8.86 -9.65
N SER A 15 0.34 8.77 -10.72
CA SER A 15 0.68 7.48 -11.31
C SER A 15 2.11 7.08 -10.96
N VAL A 16 2.74 7.88 -10.10
CA VAL A 16 4.11 7.60 -9.68
C VAL A 16 4.14 6.72 -8.43
N TYR A 17 3.63 7.25 -7.34
CA TYR A 17 3.60 6.51 -6.07
C TYR A 17 2.60 5.36 -6.15
N ALA A 18 1.54 5.55 -6.92
CA ALA A 18 0.52 4.53 -7.09
C ALA A 18 1.09 3.26 -7.71
N GLY A 19 2.20 3.42 -8.44
CA GLY A 19 2.82 2.28 -9.08
C GLY A 19 3.35 1.26 -8.09
N ILE A 20 3.65 1.73 -6.88
CA ILE A 20 4.16 0.86 -5.83
C ILE A 20 3.03 0.12 -5.12
N LEU A 21 1.83 0.69 -5.19
CA LEU A 21 0.67 0.08 -4.56
C LEU A 21 0.33 -1.26 -5.22
N SER A 22 0.52 -1.34 -6.53
CA SER A 22 0.22 -2.56 -7.27
C SER A 22 0.87 -3.77 -6.60
N TYR A 23 2.03 -3.55 -5.98
CA TYR A 23 2.75 -4.62 -5.30
C TYR A 23 1.98 -5.09 -4.07
N GLY A 24 1.63 -4.15 -3.21
CA GLY A 24 0.90 -4.49 -2.00
C GLY A 24 -0.51 -4.95 -2.29
N VAL A 25 -1.26 -4.14 -3.03
CA VAL A 25 -2.63 -4.47 -3.38
C VAL A 25 -2.69 -5.73 -4.25
N GLY A 26 -1.93 -5.73 -5.33
CA GLY A 26 -1.91 -6.89 -6.22
C GLY A 26 -1.66 -8.18 -5.49
N PHE A 27 -0.65 -8.18 -4.62
CA PHE A 27 -0.30 -9.38 -3.86
C PHE A 27 -1.43 -9.75 -2.88
N PHE A 28 -2.13 -8.73 -2.38
CA PHE A 28 -3.22 -8.94 -1.45
C PHE A 28 -4.33 -9.78 -2.09
N LEU A 29 -4.77 -9.36 -3.27
CA LEU A 29 -5.83 -10.07 -3.99
C LEU A 29 -5.37 -11.47 -4.38
N PHE A 30 -4.18 -11.56 -4.97
CA PHE A 30 -3.64 -12.85 -5.38
C PHE A 30 -3.43 -13.77 -4.19
N ILE A 31 -3.04 -13.18 -3.06
CA ILE A 31 -2.82 -13.96 -1.84
C ILE A 31 -4.12 -14.41 -1.22
N LEU A 32 -5.16 -13.57 -1.35
CA LEU A 32 -6.47 -13.89 -0.80
C LEU A 32 -7.05 -15.12 -1.46
N VAL A 33 -6.98 -15.16 -2.79
CA VAL A 33 -7.50 -16.28 -3.55
C VAL A 33 -6.58 -17.49 -3.46
N VAL A 34 -5.28 -17.23 -3.47
CA VAL A 34 -4.28 -18.29 -3.38
C VAL A 34 -4.29 -18.93 -1.99
N ALA A 35 -4.13 -18.10 -0.96
CA ALA A 35 -4.13 -18.58 0.42
C ALA A 35 -5.44 -19.27 0.76
N ALA A 36 -6.54 -18.68 0.33
CA ALA A 36 -7.87 -19.23 0.60
C ALA A 36 -7.98 -20.65 0.06
N VAL A 37 -7.63 -20.84 -1.20
CA VAL A 37 -7.70 -22.14 -1.84
C VAL A 37 -6.76 -23.13 -1.17
N THR A 38 -5.48 -22.76 -1.08
CA THR A 38 -4.47 -23.61 -0.46
C THR A 38 -4.87 -23.97 0.97
N LEU A 39 -5.39 -22.99 1.70
CA LEU A 39 -5.81 -23.20 3.08
C LEU A 39 -7.07 -24.05 3.14
N CYS A 40 -7.94 -23.90 2.15
CA CYS A 40 -9.17 -24.67 2.09
C CYS A 40 -8.90 -26.13 1.75
N ARG A 41 -8.22 -26.35 0.63
CA ARG A 41 -7.90 -27.70 0.19
C ARG A 41 -6.91 -28.36 1.14
N LEU A 42 -6.30 -27.56 2.01
CA LEU A 42 -5.34 -28.06 2.98
C LEU A 42 -6.01 -28.97 4.00
N ARG A 43 -6.91 -28.38 4.79
CA ARG A 43 -7.63 -29.13 5.81
C ARG A 43 -8.59 -30.14 5.17
N LEU B 1 -4.90 37.35 0.34
CA LEU B 1 -5.85 36.26 0.54
C LEU B 1 -6.06 35.96 2.02
N PRO B 2 -7.18 35.30 2.35
CA PRO B 2 -7.52 34.95 3.72
C PRO B 2 -6.60 33.86 4.29
N ALA B 3 -6.09 34.09 5.49
CA ALA B 3 -5.20 33.12 6.13
C ALA B 3 -6.00 32.05 6.88
N GLU B 4 -5.36 30.92 7.12
CA GLU B 4 -6.02 29.81 7.83
C GLU B 4 -5.77 29.91 9.33
N GLU B 5 -6.48 29.08 10.09
CA GLU B 5 -6.34 29.07 11.54
C GLU B 5 -4.95 28.61 11.95
N GLU B 6 -4.52 27.48 11.38
CA GLU B 6 -3.20 26.93 11.70
C GLU B 6 -2.09 27.82 11.13
N LEU B 7 -0.84 27.45 11.40
CA LEU B 7 0.30 28.20 10.92
C LEU B 7 0.56 27.92 9.44
N VAL B 8 0.55 26.65 9.08
CA VAL B 8 0.78 26.24 7.70
C VAL B 8 0.02 24.96 7.37
N GLU B 9 -0.18 24.72 6.07
CA GLU B 9 -0.88 23.52 5.62
C GLU B 9 -0.63 23.27 4.14
N ALA B 10 -0.78 22.01 3.72
CA ALA B 10 -0.58 21.64 2.33
C ALA B 10 -1.06 20.22 2.06
N ASP B 11 -1.59 19.99 0.87
CA ASP B 11 -2.08 18.67 0.49
C ASP B 11 -1.08 17.96 -0.42
N GLU B 12 -0.60 16.80 0.04
CA GLU B 12 0.37 16.01 -0.72
C GLU B 12 0.16 14.53 -0.50
N ALA B 13 0.99 13.71 -1.15
CA ALA B 13 0.90 12.26 -1.02
C ALA B 13 2.01 11.73 -0.14
N GLY B 14 2.39 12.51 0.87
CA GLY B 14 3.44 12.08 1.77
C GLY B 14 2.97 11.07 2.79
N SER B 15 2.20 11.53 3.78
CA SER B 15 1.69 10.65 4.82
C SER B 15 0.20 10.36 4.60
N VAL B 16 -0.33 10.86 3.49
CA VAL B 16 -1.74 10.66 3.16
C VAL B 16 -1.93 9.39 2.34
N TYR B 17 -1.38 9.38 1.13
CA TYR B 17 -1.49 8.22 0.25
C TYR B 17 -0.68 7.05 0.78
N ALA B 18 0.42 7.35 1.47
CA ALA B 18 1.27 6.32 2.04
C ALA B 18 0.53 5.50 3.10
N GLY B 19 -0.51 6.10 3.67
CA GLY B 19 -1.29 5.42 4.69
C GLY B 19 -2.00 4.19 4.14
N ILE B 20 -2.27 4.20 2.84
CA ILE B 20 -2.96 3.09 2.20
C ILE B 20 -1.98 1.96 1.88
N LEU B 21 -0.71 2.30 1.76
CA LEU B 21 0.33 1.31 1.45
C LEU B 21 0.47 0.30 2.58
N SER B 22 0.32 0.78 3.81
CA SER B 22 0.44 -0.09 4.98
C SER B 22 -0.41 -1.35 4.81
N TYR B 23 -1.53 -1.21 4.12
CA TYR B 23 -2.44 -2.33 3.88
C TYR B 23 -1.79 -3.36 2.96
N GLY B 24 -1.33 -2.90 1.80
CA GLY B 24 -0.70 -3.79 0.84
C GLY B 24 0.64 -4.31 1.33
N VAL B 25 1.52 -3.41 1.73
CA VAL B 25 2.84 -3.78 2.23
C VAL B 25 2.74 -4.60 3.51
N GLY B 26 2.01 -4.07 4.49
CA GLY B 26 1.84 -4.76 5.76
C GLY B 26 1.36 -6.18 5.57
N PHE B 27 0.35 -6.37 4.74
CA PHE B 27 -0.21 -7.69 4.49
C PHE B 27 0.81 -8.58 3.78
N PHE B 28 1.64 -7.96 2.94
CA PHE B 28 2.66 -8.69 2.20
C PHE B 28 3.64 -9.37 3.15
N LEU B 29 4.19 -8.60 4.08
CA LEU B 29 5.13 -9.13 5.06
C LEU B 29 4.48 -10.18 5.95
N PHE B 30 3.31 -9.86 6.49
CA PHE B 30 2.58 -10.78 7.35
C PHE B 30 2.21 -12.05 6.60
N ILE B 31 1.88 -11.88 5.32
CA ILE B 31 1.48 -13.02 4.48
C ILE B 31 2.70 -13.88 4.13
N LEU B 32 3.84 -13.23 3.96
CA LEU B 32 5.07 -13.94 3.62
C LEU B 32 5.48 -14.89 4.72
N VAL B 33 5.45 -14.41 5.96
CA VAL B 33 5.81 -15.22 7.12
C VAL B 33 4.70 -16.20 7.47
N VAL B 34 3.46 -15.75 7.33
CA VAL B 34 2.30 -16.59 7.63
C VAL B 34 2.16 -17.72 6.61
N ALA B 35 2.12 -17.34 5.33
CA ALA B 35 1.99 -18.31 4.25
C ALA B 35 3.16 -19.28 4.24
N ALA B 36 4.36 -18.74 4.43
CA ALA B 36 5.57 -19.55 4.44
C ALA B 36 5.49 -20.66 5.50
N VAL B 37 5.13 -20.27 6.72
CA VAL B 37 5.01 -21.22 7.81
C VAL B 37 3.89 -22.22 7.55
N THR B 38 2.69 -21.71 7.30
CA THR B 38 1.54 -22.55 7.04
C THR B 38 1.81 -23.50 5.87
N LEU B 39 2.47 -22.99 4.83
CA LEU B 39 2.78 -23.80 3.66
C LEU B 39 3.88 -24.81 3.98
N CYS B 40 4.88 -24.38 4.72
CA CYS B 40 5.98 -25.26 5.10
C CYS B 40 5.49 -26.41 5.98
N ARG B 41 4.82 -26.06 7.06
CA ARG B 41 4.29 -27.06 7.99
C ARG B 41 3.20 -27.89 7.32
N LEU B 42 2.71 -27.42 6.18
CA LEU B 42 1.66 -28.13 5.45
C LEU B 42 2.08 -29.55 5.14
N ARG B 43 3.26 -29.70 4.55
CA ARG B 43 3.78 -31.02 4.20
C ARG B 43 4.24 -31.78 5.44
N LEU A 1 22.57 21.55 -21.62
CA LEU A 1 21.33 21.32 -20.88
C LEU A 1 21.63 20.71 -19.52
N PRO A 2 22.18 21.52 -18.60
CA PRO A 2 22.51 21.08 -17.24
C PRO A 2 21.27 20.79 -16.40
N ALA A 3 21.27 19.65 -15.72
CA ALA A 3 20.15 19.26 -14.89
C ALA A 3 20.06 20.14 -13.64
N GLU A 4 18.85 20.43 -13.21
CA GLU A 4 18.63 21.26 -12.03
C GLU A 4 17.50 20.70 -11.16
N GLU A 5 17.49 21.09 -9.89
CA GLU A 5 16.47 20.63 -8.96
C GLU A 5 16.20 21.68 -7.89
N GLU A 6 14.96 21.71 -7.40
CA GLU A 6 14.58 22.66 -6.36
C GLU A 6 13.66 22.01 -5.33
N LEU A 7 13.36 22.74 -4.27
CA LEU A 7 12.49 22.23 -3.21
C LEU A 7 11.50 23.31 -2.75
N VAL A 8 10.22 23.07 -3.00
CA VAL A 8 9.19 24.02 -2.62
C VAL A 8 7.92 23.29 -2.17
N GLU A 9 7.04 24.03 -1.50
CA GLU A 9 5.78 23.45 -1.01
C GLU A 9 4.89 23.03 -2.17
N ALA A 10 4.40 21.79 -2.12
CA ALA A 10 3.53 21.27 -3.17
C ALA A 10 2.86 19.97 -2.73
N ASP A 11 2.09 19.38 -3.63
CA ASP A 11 1.39 18.14 -3.33
C ASP A 11 0.96 17.43 -4.62
N GLU A 12 1.61 16.30 -4.91
CA GLU A 12 1.30 15.53 -6.12
C GLU A 12 1.51 14.05 -5.87
N ALA A 13 0.42 13.30 -5.86
CA ALA A 13 0.48 11.86 -5.64
C ALA A 13 -0.78 11.17 -6.15
N GLY A 14 -0.76 10.81 -7.44
CA GLY A 14 -1.92 10.15 -8.04
C GLY A 14 -1.54 8.87 -8.74
N SER A 15 -1.11 9.00 -9.99
CA SER A 15 -0.72 7.83 -10.79
C SER A 15 0.77 7.56 -10.66
N VAL A 16 1.43 8.34 -9.82
CA VAL A 16 2.87 8.18 -9.59
C VAL A 16 3.15 7.21 -8.46
N TYR A 17 2.76 7.57 -7.25
CA TYR A 17 2.97 6.73 -6.08
C TYR A 17 2.08 5.50 -6.14
N ALA A 18 0.93 5.63 -6.80
CA ALA A 18 0.00 4.51 -6.92
C ALA A 18 0.66 3.31 -7.59
N GLY A 19 1.67 3.57 -8.39
CA GLY A 19 2.38 2.49 -9.07
C GLY A 19 3.02 1.52 -8.10
N ILE A 20 3.33 1.99 -6.90
CA ILE A 20 3.95 1.15 -5.88
C ILE A 20 2.90 0.33 -5.14
N LEU A 21 1.67 0.83 -5.13
CA LEU A 21 0.57 0.13 -4.46
C LEU A 21 0.27 -1.20 -5.14
N SER A 22 0.44 -1.24 -6.46
CA SER A 22 0.19 -2.45 -7.23
C SER A 22 0.87 -3.66 -6.58
N TYR A 23 2.02 -3.42 -5.97
CA TYR A 23 2.77 -4.49 -5.32
C TYR A 23 2.01 -5.01 -4.10
N GLY A 24 1.64 -4.11 -3.20
CA GLY A 24 0.91 -4.49 -2.00
C GLY A 24 -0.48 -4.99 -2.31
N VAL A 25 -1.25 -4.18 -3.05
CA VAL A 25 -2.61 -4.54 -3.40
C VAL A 25 -2.65 -5.80 -4.27
N GLY A 26 -1.84 -5.80 -5.33
CA GLY A 26 -1.79 -6.94 -6.22
C GLY A 26 -1.55 -8.24 -5.48
N PHE A 27 -0.55 -8.24 -4.60
CA PHE A 27 -0.22 -9.43 -3.84
C PHE A 27 -1.35 -9.81 -2.90
N PHE A 28 -2.08 -8.81 -2.41
CA PHE A 28 -3.20 -9.03 -1.50
C PHE A 28 -4.27 -9.88 -2.18
N LEU A 29 -4.69 -9.45 -3.36
CA LEU A 29 -5.72 -10.17 -4.11
C LEU A 29 -5.25 -11.57 -4.48
N PHE A 30 -4.05 -11.66 -5.05
CA PHE A 30 -3.48 -12.93 -5.45
C PHE A 30 -3.30 -13.85 -4.24
N ILE A 31 -2.94 -13.27 -3.11
CA ILE A 31 -2.73 -14.03 -1.89
C ILE A 31 -4.06 -14.49 -1.30
N LEU A 32 -5.09 -13.67 -1.45
CA LEU A 32 -6.42 -14.00 -0.94
C LEU A 32 -6.97 -15.25 -1.62
N VAL A 33 -6.87 -15.28 -2.95
CA VAL A 33 -7.36 -16.41 -3.72
C VAL A 33 -6.43 -17.61 -3.61
N VAL A 34 -5.12 -17.34 -3.57
CA VAL A 34 -4.12 -18.38 -3.45
C VAL A 34 -4.15 -19.03 -2.07
N ALA A 35 -4.05 -18.19 -1.04
CA ALA A 35 -4.06 -18.67 0.34
C ALA A 35 -5.37 -19.39 0.65
N ALA A 36 -6.48 -18.80 0.21
CA ALA A 36 -7.80 -19.38 0.44
C ALA A 36 -7.89 -20.79 -0.13
N VAL A 37 -7.49 -20.94 -1.39
CA VAL A 37 -7.53 -22.25 -2.04
C VAL A 37 -6.56 -23.21 -1.38
N THR A 38 -5.30 -22.82 -1.28
CA THR A 38 -4.28 -23.65 -0.67
C THR A 38 -4.68 -24.06 0.75
N LEU A 39 -5.24 -23.12 1.50
CA LEU A 39 -5.66 -23.37 2.87
C LEU A 39 -6.89 -24.27 2.90
N CYS A 40 -7.82 -24.03 1.99
CA CYS A 40 -9.05 -24.81 1.91
C CYS A 40 -8.73 -26.26 1.51
N ARG A 41 -7.85 -26.42 0.53
CA ARG A 41 -7.47 -27.75 0.06
C ARG A 41 -6.70 -28.50 1.13
N LEU A 42 -6.10 -27.77 2.06
CA LEU A 42 -5.33 -28.37 3.14
C LEU A 42 -6.26 -29.04 4.16
N ARG A 43 -7.46 -28.49 4.30
CA ARG A 43 -8.44 -29.04 5.23
C ARG A 43 -8.86 -30.45 4.83
N LEU B 1 -10.12 36.54 -0.63
CA LEU B 1 -10.24 35.48 -1.62
C LEU B 1 -9.46 35.83 -2.89
N PRO B 2 -8.13 35.77 -2.80
CA PRO B 2 -7.24 36.08 -3.93
C PRO B 2 -7.31 35.02 -5.02
N ALA B 3 -7.51 35.47 -6.26
CA ALA B 3 -7.59 34.56 -7.40
C ALA B 3 -6.30 34.57 -8.20
N GLU B 4 -5.60 33.43 -8.22
CA GLU B 4 -4.35 33.31 -8.95
C GLU B 4 -4.14 31.88 -9.44
N GLU B 5 -3.18 31.70 -10.32
CA GLU B 5 -2.87 30.39 -10.88
C GLU B 5 -1.44 29.97 -10.55
N GLU B 6 -1.30 28.94 -9.73
CA GLU B 6 0.01 28.45 -9.33
C GLU B 6 0.05 26.92 -9.35
N LEU B 7 1.09 26.38 -9.97
CA LEU B 7 1.25 24.92 -10.07
C LEU B 7 2.73 24.54 -10.06
N VAL B 8 3.02 23.38 -9.49
CA VAL B 8 4.40 22.90 -9.43
C VAL B 8 4.58 21.64 -10.26
N GLU B 9 5.76 21.48 -10.84
CA GLU B 9 6.06 20.31 -11.68
C GLU B 9 6.41 19.11 -10.81
N ALA B 10 7.29 19.33 -9.84
CA ALA B 10 7.73 18.27 -8.95
C ALA B 10 6.54 17.69 -8.16
N ASP B 11 6.72 16.49 -7.64
CA ASP B 11 5.67 15.82 -6.86
C ASP B 11 5.95 15.93 -5.37
N GLU B 12 4.92 15.73 -4.56
CA GLU B 12 5.05 15.80 -3.11
C GLU B 12 3.96 14.97 -2.42
N ALA B 13 4.28 14.47 -1.24
CA ALA B 13 3.33 13.66 -0.48
C ALA B 13 3.81 13.45 0.95
N GLY B 14 3.24 14.20 1.89
CA GLY B 14 3.63 14.09 3.28
C GLY B 14 3.06 12.85 3.93
N SER B 15 3.57 11.69 3.54
CA SER B 15 3.10 10.42 4.09
C SER B 15 1.59 10.32 4.01
N VAL B 16 1.00 10.99 3.02
CA VAL B 16 -0.44 10.98 2.84
C VAL B 16 -0.91 9.69 2.16
N TYR B 17 -0.49 9.50 0.92
CA TYR B 17 -0.86 8.31 0.16
C TYR B 17 -0.16 7.07 0.72
N ALA B 18 1.01 7.28 1.31
CA ALA B 18 1.77 6.18 1.89
C ALA B 18 0.96 5.44 2.95
N GLY B 19 0.02 6.16 3.57
CA GLY B 19 -0.81 5.56 4.59
C GLY B 19 -1.62 4.39 4.07
N ILE B 20 -1.91 4.40 2.78
CA ILE B 20 -2.69 3.34 2.15
C ILE B 20 -1.81 2.13 1.82
N LEU B 21 -0.51 2.37 1.66
CA LEU B 21 0.43 1.31 1.34
C LEU B 21 0.55 0.33 2.50
N SER B 22 0.42 0.83 3.72
CA SER B 22 0.51 -0.01 4.91
C SER B 22 -0.37 -1.25 4.77
N TYR B 23 -1.49 -1.10 4.08
CA TYR B 23 -2.41 -2.20 3.87
C TYR B 23 -1.80 -3.27 2.98
N GLY B 24 -1.33 -2.85 1.81
CA GLY B 24 -0.71 -3.78 0.88
C GLY B 24 0.61 -4.34 1.40
N VAL B 25 1.51 -3.44 1.78
CA VAL B 25 2.82 -3.84 2.30
C VAL B 25 2.67 -4.65 3.58
N GLY B 26 1.91 -4.12 4.53
CA GLY B 26 1.72 -4.81 5.80
C GLY B 26 1.25 -6.23 5.61
N PHE B 27 0.23 -6.42 4.76
CA PHE B 27 -0.31 -7.74 4.50
C PHE B 27 0.73 -8.63 3.82
N PHE B 28 1.59 -8.02 3.01
CA PHE B 28 2.62 -8.76 2.29
C PHE B 28 3.57 -9.44 3.28
N LEU B 29 4.10 -8.65 4.22
CA LEU B 29 5.02 -9.18 5.22
C LEU B 29 4.34 -10.24 6.09
N PHE B 30 3.16 -9.90 6.60
CA PHE B 30 2.41 -10.82 7.45
C PHE B 30 2.05 -12.10 6.68
N ILE B 31 1.75 -11.93 5.40
CA ILE B 31 1.39 -13.07 4.56
C ILE B 31 2.61 -13.94 4.24
N LEU B 32 3.76 -13.28 4.09
CA LEU B 32 5.01 -13.99 3.79
C LEU B 32 5.38 -14.94 4.92
N VAL B 33 5.32 -14.45 6.15
CA VAL B 33 5.65 -15.25 7.32
C VAL B 33 4.53 -16.24 7.64
N VAL B 34 3.29 -15.80 7.45
CA VAL B 34 2.13 -16.65 7.72
C VAL B 34 2.02 -17.76 6.69
N ALA B 35 2.01 -17.39 5.42
CA ALA B 35 1.91 -18.36 4.33
C ALA B 35 3.08 -19.34 4.36
N ALA B 36 4.28 -18.80 4.56
CA ALA B 36 5.48 -19.63 4.61
C ALA B 36 5.37 -20.71 5.69
N VAL B 37 4.99 -20.29 6.90
CA VAL B 37 4.85 -21.23 8.01
C VAL B 37 3.71 -22.22 7.75
N THR B 38 2.53 -21.68 7.47
CA THR B 38 1.36 -22.52 7.21
C THR B 38 1.64 -23.50 6.08
N LEU B 39 2.32 -23.03 5.04
CA LEU B 39 2.64 -23.87 3.89
C LEU B 39 3.71 -24.89 4.25
N CYS B 40 4.74 -24.45 4.97
CA CYS B 40 5.82 -25.33 5.38
C CYS B 40 5.30 -26.43 6.30
N ARG B 41 4.46 -26.05 7.25
CA ARG B 41 3.89 -27.01 8.19
C ARG B 41 2.96 -27.99 7.49
N LEU B 42 2.45 -27.58 6.33
CA LEU B 42 1.54 -28.43 5.56
C LEU B 42 2.31 -29.53 4.84
N ARG B 43 3.52 -29.21 4.38
CA ARG B 43 4.36 -30.17 3.68
C ARG B 43 4.93 -31.20 4.65
N LEU A 1 9.70 23.18 -23.88
CA LEU A 1 9.80 24.16 -22.81
C LEU A 1 10.95 23.81 -21.86
N PRO A 2 12.18 23.99 -22.34
CA PRO A 2 13.39 23.70 -21.56
C PRO A 2 13.59 24.71 -20.43
N ALA A 3 13.36 24.26 -19.20
CA ALA A 3 13.51 25.12 -18.03
C ALA A 3 14.58 24.57 -17.08
N GLU A 4 15.01 25.40 -16.14
CA GLU A 4 16.02 25.00 -15.18
C GLU A 4 15.49 23.90 -14.26
N GLU A 5 16.35 23.43 -13.35
CA GLU A 5 15.97 22.38 -12.42
C GLU A 5 15.68 22.96 -11.04
N GLU A 6 14.39 23.04 -10.69
CA GLU A 6 13.99 23.59 -9.40
C GLU A 6 13.33 22.51 -8.54
N LEU A 7 12.96 22.88 -7.32
CA LEU A 7 12.32 21.94 -6.40
C LEU A 7 11.48 22.68 -5.37
N VAL A 8 10.19 22.37 -5.34
CA VAL A 8 9.27 23.01 -4.40
C VAL A 8 8.34 21.97 -3.76
N GLU A 9 7.57 22.43 -2.77
CA GLU A 9 6.64 21.54 -2.08
C GLU A 9 5.36 21.34 -2.89
N ALA A 10 4.71 20.20 -2.67
CA ALA A 10 3.46 19.90 -3.39
C ALA A 10 2.86 18.59 -2.88
N ASP A 11 1.70 18.23 -3.44
CA ASP A 11 1.02 17.00 -3.04
C ASP A 11 0.65 16.18 -4.27
N GLU A 12 1.57 16.10 -5.23
CA GLU A 12 1.32 15.34 -6.46
C GLU A 12 1.40 13.84 -6.19
N ALA A 13 0.23 13.23 -5.98
CA ALA A 13 0.17 11.80 -5.71
C ALA A 13 -1.11 11.20 -6.29
N GLY A 14 -1.02 10.69 -7.51
CA GLY A 14 -2.18 10.09 -8.15
C GLY A 14 -1.83 8.82 -8.91
N SER A 15 -1.09 8.98 -10.00
CA SER A 15 -0.69 7.84 -10.83
C SER A 15 0.80 7.58 -10.70
N VAL A 16 1.46 8.34 -9.84
CA VAL A 16 2.90 8.20 -9.63
C VAL A 16 3.18 7.20 -8.50
N TYR A 17 2.77 7.57 -7.28
CA TYR A 17 2.99 6.71 -6.12
C TYR A 17 2.10 5.48 -6.18
N ALA A 18 0.94 5.62 -6.83
CA ALA A 18 0.01 4.51 -6.97
C ALA A 18 0.66 3.30 -7.63
N GLY A 19 1.70 3.57 -8.43
CA GLY A 19 2.40 2.50 -9.10
C GLY A 19 3.04 1.51 -8.14
N ILE A 20 3.36 1.99 -6.93
CA ILE A 20 3.97 1.15 -5.92
C ILE A 20 2.93 0.32 -5.19
N LEU A 21 1.69 0.80 -5.19
CA LEU A 21 0.60 0.11 -4.52
C LEU A 21 0.30 -1.23 -5.19
N SER A 22 0.49 -1.27 -6.50
CA SER A 22 0.25 -2.49 -7.27
C SER A 22 0.91 -3.70 -6.61
N TYR A 23 2.06 -3.46 -5.98
CA TYR A 23 2.80 -4.51 -5.31
C TYR A 23 2.04 -5.03 -4.09
N GLY A 24 1.66 -4.11 -3.21
CA GLY A 24 0.92 -4.50 -2.02
C GLY A 24 -0.47 -4.98 -2.33
N VAL A 25 -1.23 -4.18 -3.08
CA VAL A 25 -2.59 -4.54 -3.44
C VAL A 25 -2.62 -5.80 -4.31
N GLY A 26 -1.81 -5.80 -5.37
CA GLY A 26 -1.75 -6.94 -6.26
C GLY A 26 -1.51 -8.24 -5.51
N PHE A 27 -0.51 -8.23 -4.63
CA PHE A 27 -0.18 -9.42 -3.86
C PHE A 27 -1.33 -9.81 -2.93
N PHE A 28 -2.05 -8.81 -2.45
CA PHE A 28 -3.18 -9.04 -1.54
C PHE A 28 -4.25 -9.88 -2.22
N LEU A 29 -4.67 -9.46 -3.41
CA LEU A 29 -5.69 -10.17 -4.17
C LEU A 29 -5.21 -11.58 -4.53
N PHE A 30 -4.01 -11.67 -5.08
CA PHE A 30 -3.44 -12.94 -5.49
C PHE A 30 -3.27 -13.86 -4.27
N ILE A 31 -2.91 -13.27 -3.14
CA ILE A 31 -2.71 -14.03 -1.92
C ILE A 31 -4.04 -14.49 -1.33
N LEU A 32 -5.07 -13.67 -1.49
CA LEU A 32 -6.40 -13.99 -0.98
C LEU A 32 -6.95 -15.24 -1.67
N VAL A 33 -6.85 -15.27 -2.99
CA VAL A 33 -7.34 -16.41 -3.77
C VAL A 33 -6.41 -17.60 -3.63
N VAL A 34 -5.10 -17.33 -3.60
CA VAL A 34 -4.10 -18.38 -3.47
C VAL A 34 -4.14 -19.02 -2.09
N ALA A 35 -4.04 -18.18 -1.06
CA ALA A 35 -4.06 -18.66 0.32
C ALA A 35 -5.38 -19.36 0.64
N ALA A 36 -6.47 -18.80 0.13
CA ALA A 36 -7.80 -19.36 0.36
C ALA A 36 -7.88 -20.79 -0.17
N VAL A 37 -7.48 -20.98 -1.42
CA VAL A 37 -7.50 -22.30 -2.04
C VAL A 37 -6.61 -23.28 -1.29
N THR A 38 -5.35 -22.91 -1.13
CA THR A 38 -4.38 -23.75 -0.44
C THR A 38 -4.85 -24.07 0.97
N LEU A 39 -5.29 -23.04 1.70
CA LEU A 39 -5.76 -23.21 3.06
C LEU A 39 -7.01 -24.10 3.10
N CYS A 40 -7.85 -23.97 2.07
CA CYS A 40 -9.08 -24.76 1.99
C CYS A 40 -8.76 -26.22 1.68
N ARG A 41 -7.87 -26.44 0.72
CA ARG A 41 -7.48 -27.79 0.33
C ARG A 41 -6.35 -28.31 1.22
N LEU A 42 -6.01 -27.53 2.24
CA LEU A 42 -4.94 -27.92 3.17
C LEU A 42 -5.44 -28.94 4.19
N ARG A 43 -6.70 -28.79 4.59
CA ARG A 43 -7.30 -29.69 5.56
C ARG A 43 -7.84 -30.95 4.88
N LEU B 1 -1.63 37.06 -5.57
CA LEU B 1 -0.33 37.19 -6.23
C LEU B 1 -0.45 36.91 -7.72
N PRO B 2 -1.11 37.84 -8.44
CA PRO B 2 -1.30 37.72 -9.89
C PRO B 2 -0.01 37.92 -10.66
N ALA B 3 0.52 36.83 -11.21
CA ALA B 3 1.76 36.88 -11.98
C ALA B 3 1.95 35.59 -12.78
N GLU B 4 2.84 35.65 -13.77
CA GLU B 4 3.12 34.49 -14.62
C GLU B 4 3.84 33.41 -13.83
N GLU B 5 3.57 32.15 -14.17
CA GLU B 5 4.19 31.02 -13.50
C GLU B 5 4.75 30.03 -14.50
N GLU B 6 5.98 29.58 -14.25
CA GLU B 6 6.63 28.62 -15.15
C GLU B 6 6.45 27.19 -14.65
N LEU B 7 6.69 26.23 -15.53
CA LEU B 7 6.54 24.82 -15.18
C LEU B 7 7.70 24.34 -14.32
N VAL B 8 7.39 23.71 -13.21
CA VAL B 8 8.40 23.20 -12.29
C VAL B 8 7.95 21.91 -11.61
N GLU B 9 8.90 21.02 -11.33
CA GLU B 9 8.59 19.76 -10.69
C GLU B 9 7.87 19.99 -9.36
N ALA B 10 6.79 19.24 -9.14
CA ALA B 10 6.00 19.36 -7.92
C ALA B 10 6.22 18.15 -7.02
N ASP B 11 6.29 18.40 -5.71
CA ASP B 11 6.50 17.33 -4.74
C ASP B 11 5.35 16.31 -4.80
N GLU B 12 5.35 15.38 -3.86
CA GLU B 12 4.32 14.35 -3.80
C GLU B 12 3.72 14.24 -2.41
N ALA B 13 2.85 13.25 -2.21
CA ALA B 13 2.22 13.04 -0.92
C ALA B 13 3.25 12.99 0.21
N GLY B 14 4.04 11.93 0.23
CA GLY B 14 5.06 11.78 1.25
C GLY B 14 4.61 10.90 2.39
N SER B 15 3.60 11.36 3.13
CA SER B 15 3.07 10.62 4.26
C SER B 15 1.55 10.55 4.21
N VAL B 16 0.98 11.01 3.10
CA VAL B 16 -0.47 11.00 2.92
C VAL B 16 -0.93 9.71 2.26
N TYR B 17 -0.52 9.52 1.01
CA TYR B 17 -0.90 8.32 0.27
C TYR B 17 -0.19 7.09 0.82
N ALA B 18 0.98 7.29 1.40
CA ALA B 18 1.76 6.20 1.97
C ALA B 18 0.95 5.46 3.03
N GLY B 19 -0.01 6.15 3.63
CA GLY B 19 -0.84 5.54 4.65
C GLY B 19 -1.65 4.38 4.12
N ILE B 20 -1.93 4.39 2.82
CA ILE B 20 -2.71 3.33 2.19
C ILE B 20 -1.83 2.13 1.86
N LEU B 21 -0.52 2.38 1.72
CA LEU B 21 0.42 1.31 1.40
C LEU B 21 0.52 0.32 2.55
N SER B 22 0.37 0.81 3.78
CA SER B 22 0.44 -0.05 4.96
C SER B 22 -0.43 -1.28 4.78
N TYR B 23 -1.54 -1.12 4.08
CA TYR B 23 -2.46 -2.24 3.84
C TYR B 23 -1.83 -3.29 2.94
N GLY B 24 -1.34 -2.86 1.78
CA GLY B 24 -0.71 -3.78 0.85
C GLY B 24 0.60 -4.33 1.38
N VAL B 25 1.50 -3.43 1.78
CA VAL B 25 2.80 -3.83 2.30
C VAL B 25 2.65 -4.64 3.58
N GLY B 26 1.89 -4.10 4.54
CA GLY B 26 1.68 -4.79 5.80
C GLY B 26 1.21 -6.22 5.60
N PHE B 27 0.20 -6.40 4.76
CA PHE B 27 -0.33 -7.73 4.50
C PHE B 27 0.71 -8.61 3.82
N PHE B 28 1.57 -8.01 3.01
CA PHE B 28 2.61 -8.73 2.30
C PHE B 28 3.56 -9.41 3.28
N LEU B 29 4.07 -8.64 4.24
CA LEU B 29 4.99 -9.16 5.24
C LEU B 29 4.31 -10.21 6.11
N PHE B 30 3.13 -9.89 6.60
CA PHE B 30 2.37 -10.81 7.44
C PHE B 30 2.01 -12.09 6.68
N ILE B 31 1.73 -11.93 5.39
CA ILE B 31 1.37 -13.06 4.55
C ILE B 31 2.60 -13.92 4.23
N LEU B 32 3.75 -13.26 4.09
CA LEU B 32 4.99 -13.97 3.80
C LEU B 32 5.36 -14.92 4.92
N VAL B 33 5.29 -14.43 6.16
CA VAL B 33 5.62 -15.24 7.33
C VAL B 33 4.50 -16.23 7.63
N VAL B 34 3.26 -15.79 7.46
CA VAL B 34 2.10 -16.64 7.71
C VAL B 34 2.00 -17.75 6.69
N ALA B 35 1.99 -17.38 5.41
CA ALA B 35 1.90 -18.34 4.33
C ALA B 35 3.07 -19.31 4.35
N ALA B 36 4.27 -18.78 4.60
CA ALA B 36 5.47 -19.59 4.65
C ALA B 36 5.36 -20.70 5.69
N VAL B 37 4.96 -20.31 6.90
CA VAL B 37 4.81 -21.26 8.00
C VAL B 37 3.71 -22.27 7.69
N THR B 38 2.51 -21.76 7.39
CA THR B 38 1.38 -22.62 7.07
C THR B 38 1.70 -23.56 5.92
N LEU B 39 2.39 -23.03 4.91
CA LEU B 39 2.75 -23.83 3.74
C LEU B 39 3.84 -24.84 4.09
N CYS B 40 4.76 -24.44 4.97
CA CYS B 40 5.85 -25.31 5.38
C CYS B 40 5.33 -26.45 6.27
N ARG B 41 4.41 -26.12 7.16
CA ARG B 41 3.84 -27.11 8.07
C ARG B 41 3.00 -28.13 7.29
N LEU B 42 2.54 -27.72 6.12
CA LEU B 42 1.72 -28.60 5.27
C LEU B 42 2.55 -29.76 4.74
N ARG B 43 3.80 -29.49 4.40
CA ARG B 43 4.70 -30.51 3.89
C ARG B 43 5.30 -31.35 5.03
N LEU A 1 1.79 16.14 28.11
CA LEU A 1 0.45 16.33 27.56
C LEU A 1 0.51 16.54 26.06
N PRO A 2 0.88 15.48 25.32
CA PRO A 2 0.98 15.54 23.85
C PRO A 2 -0.38 15.65 23.18
N ALA A 3 -0.39 15.56 21.86
CA ALA A 3 -1.63 15.66 21.10
C ALA A 3 -1.42 15.23 19.65
N GLU A 4 -2.50 14.89 18.97
CA GLU A 4 -2.43 14.47 17.57
C GLU A 4 -3.68 14.93 16.80
N GLU A 5 -3.48 15.26 15.53
CA GLU A 5 -4.57 15.71 14.68
C GLU A 5 -4.32 15.37 13.22
N GLU A 6 -5.35 15.50 12.39
CA GLU A 6 -5.23 15.21 10.97
C GLU A 6 -5.34 16.48 10.14
N LEU A 7 -4.94 16.39 8.87
CA LEU A 7 -4.98 17.53 7.97
C LEU A 7 -5.19 17.09 6.53
N VAL A 8 -5.39 18.05 5.63
CA VAL A 8 -5.59 17.76 4.23
C VAL A 8 -4.64 18.55 3.35
N GLU A 9 -4.31 17.99 2.19
CA GLU A 9 -3.40 18.66 1.26
C GLU A 9 -3.85 18.45 -0.19
N ALA A 10 -3.28 19.22 -1.10
CA ALA A 10 -3.63 19.13 -2.52
C ALA A 10 -3.40 17.71 -3.03
N ASP A 11 -3.70 17.49 -4.31
CA ASP A 11 -3.53 16.18 -4.92
C ASP A 11 -2.22 16.11 -5.71
N GLU A 12 -1.35 15.19 -5.32
CA GLU A 12 -0.07 15.03 -6.00
C GLU A 12 0.47 13.61 -5.80
N ALA A 13 1.39 13.21 -6.67
CA ALA A 13 1.99 11.88 -6.60
C ALA A 13 0.91 10.80 -6.53
N GLY A 14 -0.09 10.90 -7.39
CA GLY A 14 -1.17 9.93 -7.40
C GLY A 14 -0.92 8.81 -8.39
N SER A 15 -0.38 9.15 -9.56
CA SER A 15 -0.09 8.16 -10.59
C SER A 15 1.38 7.77 -10.57
N VAL A 16 2.14 8.37 -9.66
CA VAL A 16 3.57 8.08 -9.53
C VAL A 16 3.81 6.93 -8.56
N TYR A 17 3.49 7.15 -7.29
CA TYR A 17 3.67 6.14 -6.27
C TYR A 17 2.71 4.99 -6.45
N ALA A 18 1.57 5.27 -7.10
CA ALA A 18 0.56 4.25 -7.35
C ALA A 18 1.18 3.01 -8.00
N GLY A 19 2.27 3.22 -8.74
CA GLY A 19 2.92 2.12 -9.41
C GLY A 19 3.46 1.08 -8.43
N ILE A 20 3.78 1.52 -7.23
CA ILE A 20 4.30 0.63 -6.19
C ILE A 20 3.17 -0.08 -5.47
N LEU A 21 2.01 0.55 -5.42
CA LEU A 21 0.84 -0.03 -4.76
C LEU A 21 0.50 -1.39 -5.35
N SER A 22 0.70 -1.54 -6.66
CA SER A 22 0.41 -2.79 -7.35
C SER A 22 1.02 -3.97 -6.60
N TYR A 23 2.16 -3.72 -5.95
CA TYR A 23 2.85 -4.77 -5.21
C TYR A 23 2.05 -5.18 -3.97
N GLY A 24 1.68 -4.19 -3.15
CA GLY A 24 0.91 -4.48 -1.95
C GLY A 24 -0.50 -4.93 -2.26
N VAL A 25 -1.21 -4.12 -3.05
CA VAL A 25 -2.59 -4.44 -3.42
C VAL A 25 -2.65 -5.70 -4.28
N GLY A 26 -1.87 -5.70 -5.36
CA GLY A 26 -1.85 -6.85 -6.26
C GLY A 26 -1.61 -8.15 -5.52
N PHE A 27 -0.61 -8.15 -4.63
CA PHE A 27 -0.27 -9.34 -3.86
C PHE A 27 -1.40 -9.70 -2.90
N PHE A 28 -2.09 -8.69 -2.40
CA PHE A 28 -3.20 -8.91 -1.47
C PHE A 28 -4.31 -9.74 -2.12
N LEU A 29 -4.74 -9.31 -3.30
CA LEU A 29 -5.79 -10.03 -4.02
C LEU A 29 -5.33 -11.43 -4.41
N PHE A 30 -4.15 -11.52 -5.00
CA PHE A 30 -3.60 -12.81 -5.41
C PHE A 30 -3.40 -13.73 -4.22
N ILE A 31 -3.01 -13.15 -3.08
CA ILE A 31 -2.79 -13.91 -1.87
C ILE A 31 -4.11 -14.37 -1.25
N LEU A 32 -5.14 -13.53 -1.38
CA LEU A 32 -6.46 -13.85 -0.84
C LEU A 32 -7.03 -15.09 -1.51
N VAL A 33 -6.97 -15.12 -2.84
CA VAL A 33 -7.48 -16.25 -3.60
C VAL A 33 -6.55 -17.45 -3.51
N VAL A 34 -5.25 -17.18 -3.51
CA VAL A 34 -4.25 -18.24 -3.41
C VAL A 34 -4.26 -18.89 -2.03
N ALA A 35 -4.12 -18.07 -1.00
CA ALA A 35 -4.11 -18.55 0.38
C ALA A 35 -5.44 -19.23 0.72
N ALA A 36 -6.53 -18.66 0.24
CA ALA A 36 -7.86 -19.22 0.51
C ALA A 36 -7.97 -20.64 -0.02
N VAL A 37 -7.60 -20.82 -1.29
CA VAL A 37 -7.66 -22.14 -1.90
C VAL A 37 -6.75 -23.14 -1.19
N THR A 38 -5.48 -22.77 -1.05
CA THR A 38 -4.51 -23.63 -0.38
C THR A 38 -4.95 -23.95 1.04
N LEU A 39 -5.36 -22.92 1.78
CA LEU A 39 -5.81 -23.09 3.15
C LEU A 39 -7.06 -23.96 3.22
N CYS A 40 -7.92 -23.82 2.20
CA CYS A 40 -9.16 -24.58 2.15
C CYS A 40 -8.87 -26.04 1.82
N ARG A 41 -8.01 -26.27 0.85
CA ARG A 41 -7.66 -27.62 0.43
C ARG A 41 -6.50 -28.16 1.27
N LEU A 42 -6.12 -27.41 2.30
CA LEU A 42 -5.02 -27.81 3.19
C LEU A 42 -5.49 -28.87 4.18
N ARG A 43 -6.77 -28.85 4.51
CA ARG A 43 -7.34 -29.81 5.45
C ARG A 43 -7.37 -31.21 4.84
N LEU B 1 32.85 36.07 5.83
CA LEU B 1 32.63 35.38 4.56
C LEU B 1 31.29 34.65 4.56
N PRO B 2 30.20 35.43 4.56
CA PRO B 2 28.84 34.87 4.56
C PRO B 2 28.49 34.19 3.23
N ALA B 3 28.03 32.95 3.31
CA ALA B 3 27.65 32.19 2.12
C ALA B 3 26.16 31.85 2.13
N GLU B 4 25.53 31.95 0.97
CA GLU B 4 24.10 31.64 0.84
C GLU B 4 23.81 30.22 1.34
N GLU B 5 23.17 30.13 2.50
CA GLU B 5 22.82 28.84 3.08
C GLU B 5 21.40 28.84 3.62
N GLU B 6 20.55 28.00 3.03
CA GLU B 6 19.15 27.92 3.45
C GLU B 6 18.58 26.53 3.16
N LEU B 7 17.78 26.01 4.08
CA LEU B 7 17.18 24.70 3.92
C LEU B 7 15.66 24.77 4.10
N VAL B 8 14.93 24.34 3.08
CA VAL B 8 13.47 24.35 3.13
C VAL B 8 12.90 22.96 2.89
N GLU B 9 11.89 22.60 3.68
CA GLU B 9 11.25 21.29 3.54
C GLU B 9 9.74 21.42 3.50
N ALA B 10 9.12 20.73 2.55
CA ALA B 10 7.67 20.77 2.40
C ALA B 10 7.15 19.47 1.76
N ASP B 11 6.38 18.71 2.52
CA ASP B 11 5.81 17.46 2.03
C ASP B 11 4.30 17.54 1.97
N GLU B 12 3.75 17.47 0.75
CA GLU B 12 2.31 17.53 0.55
C GLU B 12 1.79 16.20 0.01
N ALA B 13 2.63 15.49 -0.72
CA ALA B 13 2.24 14.21 -1.29
C ALA B 13 3.28 13.13 -0.96
N GLY B 14 2.95 12.27 -0.01
CA GLY B 14 3.86 11.20 0.38
C GLY B 14 3.48 10.57 1.70
N SER B 15 2.95 11.37 2.62
CA SER B 15 2.54 10.87 3.93
C SER B 15 1.03 10.74 4.01
N VAL B 16 0.35 11.05 2.91
CA VAL B 16 -1.10 10.97 2.86
C VAL B 16 -1.55 9.58 2.39
N TYR B 17 -1.24 9.26 1.14
CA TYR B 17 -1.61 7.97 0.57
C TYR B 17 -0.82 6.83 1.23
N ALA B 18 0.35 7.16 1.75
CA ALA B 18 1.20 6.17 2.41
C ALA B 18 0.42 5.41 3.46
N GLY B 19 -0.60 6.04 4.04
CA GLY B 19 -1.41 5.40 5.05
C GLY B 19 -2.13 4.17 4.53
N ILE B 20 -2.42 4.17 3.24
CA ILE B 20 -3.12 3.04 2.61
C ILE B 20 -2.13 1.93 2.26
N LEU B 21 -0.89 2.30 2.01
CA LEU B 21 0.15 1.33 1.66
C LEU B 21 0.29 0.26 2.75
N SER B 22 0.11 0.68 4.00
CA SER B 22 0.22 -0.24 5.12
C SER B 22 -0.59 -1.50 4.88
N TYR B 23 -1.69 -1.36 4.15
CA TYR B 23 -2.57 -2.48 3.85
C TYR B 23 -1.88 -3.46 2.90
N GLY B 24 -1.39 -2.95 1.77
CA GLY B 24 -0.72 -3.79 0.80
C GLY B 24 0.62 -4.30 1.31
N VAL B 25 1.47 -3.37 1.74
CA VAL B 25 2.79 -3.74 2.25
C VAL B 25 2.69 -4.55 3.54
N GLY B 26 1.95 -4.01 4.50
CA GLY B 26 1.78 -4.70 5.77
C GLY B 26 1.30 -6.14 5.59
N PHE B 27 0.31 -6.32 4.73
CA PHE B 27 -0.24 -7.65 4.48
C PHE B 27 0.78 -8.53 3.77
N PHE B 28 1.61 -7.91 2.94
CA PHE B 28 2.64 -8.64 2.20
C PHE B 28 3.62 -9.32 3.15
N LEU B 29 4.15 -8.55 4.09
CA LEU B 29 5.10 -9.08 5.07
C LEU B 29 4.45 -10.13 5.95
N PHE B 30 3.27 -9.80 6.49
CA PHE B 30 2.54 -10.72 7.35
C PHE B 30 2.17 -12.00 6.60
N ILE B 31 1.85 -11.84 5.32
CA ILE B 31 1.47 -12.97 4.48
C ILE B 31 2.68 -13.82 4.14
N LEU B 32 3.83 -13.18 3.97
CA LEU B 32 5.05 -13.88 3.63
C LEU B 32 5.45 -14.84 4.76
N VAL B 33 5.43 -14.35 5.98
CA VAL B 33 5.78 -15.16 7.15
C VAL B 33 4.68 -16.14 7.49
N VAL B 34 3.44 -15.70 7.34
CA VAL B 34 2.28 -16.54 7.63
C VAL B 34 2.14 -17.66 6.61
N ALA B 35 2.10 -17.29 5.33
CA ALA B 35 1.98 -18.26 4.25
C ALA B 35 3.16 -19.22 4.25
N ALA B 36 4.35 -18.69 4.49
CA ALA B 36 5.56 -19.50 4.52
C ALA B 36 5.46 -20.61 5.55
N VAL B 37 5.12 -20.24 6.78
CA VAL B 37 4.99 -21.19 7.86
C VAL B 37 3.91 -22.23 7.55
N THR B 38 2.71 -21.77 7.24
CA THR B 38 1.60 -22.66 6.92
C THR B 38 1.93 -23.56 5.75
N LEU B 39 2.48 -22.97 4.69
CA LEU B 39 2.85 -23.73 3.50
C LEU B 39 3.96 -24.73 3.81
N CYS B 40 4.85 -24.34 4.72
CA CYS B 40 5.97 -25.21 5.12
C CYS B 40 5.47 -26.37 5.96
N ARG B 41 4.60 -26.07 6.93
CA ARG B 41 4.06 -27.09 7.82
C ARG B 41 2.81 -27.72 7.21
N LEU B 42 2.52 -27.38 5.96
CA LEU B 42 1.36 -27.91 5.27
C LEU B 42 1.61 -29.34 4.79
N ARG B 43 2.84 -29.61 4.36
CA ARG B 43 3.21 -30.93 3.88
C ARG B 43 3.19 -31.94 5.01
N LEU A 1 -6.62 17.62 28.80
CA LEU A 1 -7.11 16.39 28.17
C LEU A 1 -6.52 16.25 26.77
N PRO A 2 -6.54 15.01 26.26
CA PRO A 2 -6.02 14.69 24.93
C PRO A 2 -6.90 15.26 23.81
N ALA A 3 -6.44 15.11 22.57
CA ALA A 3 -7.20 15.60 21.42
C ALA A 3 -6.89 14.78 20.18
N GLU A 4 -7.66 15.00 19.12
CA GLU A 4 -7.48 14.28 17.87
C GLU A 4 -6.70 15.14 16.86
N GLU A 5 -6.46 14.57 15.68
CA GLU A 5 -5.74 15.28 14.63
C GLU A 5 -6.43 15.13 13.29
N GLU A 6 -5.99 15.90 12.31
CA GLU A 6 -6.57 15.85 10.97
C GLU A 6 -5.58 16.35 9.92
N LEU A 7 -5.89 16.10 8.65
CA LEU A 7 -5.03 16.51 7.56
C LEU A 7 -5.84 17.15 6.44
N VAL A 8 -5.14 17.77 5.48
CA VAL A 8 -5.80 18.42 4.36
C VAL A 8 -5.86 17.49 3.14
N GLU A 9 -6.88 17.68 2.31
CA GLU A 9 -7.05 16.85 1.11
C GLU A 9 -6.26 17.44 -0.06
N ALA A 10 -5.24 16.72 -0.51
CA ALA A 10 -4.43 17.16 -1.62
C ALA A 10 -3.70 15.98 -2.26
N ASP A 11 -3.67 15.96 -3.59
CA ASP A 11 -3.00 14.89 -4.33
C ASP A 11 -2.44 15.41 -5.65
N GLU A 12 -1.13 15.33 -5.79
CA GLU A 12 -0.46 15.80 -7.01
C GLU A 12 0.21 14.64 -7.74
N ALA A 13 0.55 13.59 -6.99
CA ALA A 13 1.19 12.42 -7.57
C ALA A 13 0.34 11.82 -8.67
N GLY A 14 0.67 12.13 -9.92
CA GLY A 14 -0.09 11.61 -11.05
C GLY A 14 0.17 10.13 -11.27
N SER A 15 -0.50 9.29 -10.49
CA SER A 15 -0.34 7.85 -10.61
C SER A 15 1.15 7.46 -10.57
N VAL A 16 1.94 8.27 -9.88
CA VAL A 16 3.37 8.01 -9.77
C VAL A 16 3.65 6.91 -8.76
N TYR A 17 3.33 7.17 -7.50
CA TYR A 17 3.55 6.20 -6.44
C TYR A 17 2.61 5.01 -6.58
N ALA A 18 1.47 5.25 -7.22
CA ALA A 18 0.48 4.20 -7.43
C ALA A 18 1.12 2.96 -8.04
N GLY A 19 2.18 3.17 -8.81
CA GLY A 19 2.87 2.05 -9.44
C GLY A 19 3.41 1.05 -8.44
N ILE A 20 3.72 1.53 -7.25
CA ILE A 20 4.26 0.67 -6.19
C ILE A 20 3.14 -0.05 -5.45
N LEU A 21 1.96 0.57 -5.43
CA LEU A 21 0.80 -0.02 -4.76
C LEU A 21 0.46 -1.38 -5.35
N SER A 22 0.66 -1.51 -6.66
CA SER A 22 0.36 -2.77 -7.35
C SER A 22 0.99 -3.95 -6.61
N TYR A 23 2.13 -3.70 -5.96
CA TYR A 23 2.82 -4.74 -5.22
C TYR A 23 2.03 -5.17 -3.99
N GLY A 24 1.67 -4.18 -3.16
CA GLY A 24 0.91 -4.47 -1.96
C GLY A 24 -0.51 -4.92 -2.26
N VAL A 25 -1.23 -4.12 -3.05
CA VAL A 25 -2.60 -4.44 -3.40
C VAL A 25 -2.66 -5.70 -4.27
N GLY A 26 -1.89 -5.70 -5.35
CA GLY A 26 -1.88 -6.84 -6.25
C GLY A 26 -1.62 -8.15 -5.51
N PHE A 27 -0.63 -8.14 -4.62
CA PHE A 27 -0.28 -9.33 -3.85
C PHE A 27 -1.41 -9.70 -2.89
N PHE A 28 -2.10 -8.68 -2.39
CA PHE A 28 -3.21 -8.91 -1.46
C PHE A 28 -4.31 -9.73 -2.09
N LEU A 29 -4.75 -9.32 -3.28
CA LEU A 29 -5.80 -10.02 -4.00
C LEU A 29 -5.34 -11.43 -4.39
N PHE A 30 -4.16 -11.52 -4.98
CA PHE A 30 -3.61 -12.80 -5.40
C PHE A 30 -3.41 -13.73 -4.21
N ILE A 31 -3.01 -13.14 -3.07
CA ILE A 31 -2.79 -13.91 -1.86
C ILE A 31 -4.10 -14.37 -1.24
N LEU A 32 -5.14 -13.54 -1.36
CA LEU A 32 -6.45 -13.86 -0.82
C LEU A 32 -7.02 -15.10 -1.50
N VAL A 33 -6.95 -15.13 -2.83
CA VAL A 33 -7.47 -16.26 -3.59
C VAL A 33 -6.54 -17.46 -3.49
N VAL A 34 -5.23 -17.19 -3.48
CA VAL A 34 -4.23 -18.25 -3.40
C VAL A 34 -4.24 -18.89 -2.02
N ALA A 35 -4.10 -18.06 -0.99
CA ALA A 35 -4.08 -18.55 0.39
C ALA A 35 -5.39 -19.26 0.73
N ALA A 36 -6.50 -18.66 0.31
CA ALA A 36 -7.82 -19.23 0.58
C ALA A 36 -7.93 -20.65 0.01
N VAL A 37 -7.57 -20.80 -1.26
CA VAL A 37 -7.63 -22.10 -1.91
C VAL A 37 -6.66 -23.08 -1.28
N THR A 38 -5.39 -22.68 -1.22
CA THR A 38 -4.35 -23.53 -0.63
C THR A 38 -4.71 -23.93 0.80
N LEU A 39 -5.26 -22.99 1.56
CA LEU A 39 -5.65 -23.24 2.93
C LEU A 39 -6.88 -24.14 2.99
N CYS A 40 -7.83 -23.89 2.11
CA CYS A 40 -9.06 -24.69 2.04
C CYS A 40 -8.76 -26.13 1.64
N ARG A 41 -7.90 -26.29 0.64
CA ARG A 41 -7.53 -27.61 0.15
C ARG A 41 -6.75 -28.38 1.22
N LEU A 42 -6.12 -27.65 2.13
CA LEU A 42 -5.34 -28.27 3.20
C LEU A 42 -6.24 -28.94 4.22
N ARG A 43 -7.48 -28.46 4.32
CA ARG A 43 -8.44 -29.01 5.26
C ARG A 43 -9.22 -30.16 4.63
N LEU B 1 12.83 39.83 -5.10
CA LEU B 1 13.35 39.82 -3.74
C LEU B 1 12.93 38.56 -2.99
N PRO B 2 13.47 37.41 -3.42
CA PRO B 2 13.17 36.12 -2.80
C PRO B 2 13.75 36.00 -1.40
N ALA B 3 13.28 34.99 -0.65
CA ALA B 3 13.76 34.77 0.71
C ALA B 3 14.56 33.46 0.79
N GLU B 4 15.83 33.58 1.17
CA GLU B 4 16.69 32.42 1.30
C GLU B 4 16.08 31.37 2.22
N GLU B 5 15.97 30.14 1.73
CA GLU B 5 15.39 29.05 2.51
C GLU B 5 15.72 27.70 1.88
N GLU B 6 15.69 26.65 2.71
CA GLU B 6 15.99 25.31 2.23
C GLU B 6 14.85 24.78 1.34
N LEU B 7 13.70 24.56 1.95
CA LEU B 7 12.54 24.06 1.21
C LEU B 7 11.23 24.59 1.82
N VAL B 8 10.16 24.53 1.05
CA VAL B 8 8.86 24.99 1.51
C VAL B 8 7.73 24.18 0.88
N GLU B 9 7.04 23.40 1.70
CA GLU B 9 5.94 22.58 1.23
C GLU B 9 4.98 22.22 2.37
N ALA B 10 3.70 22.49 2.17
CA ALA B 10 2.70 22.19 3.18
C ALA B 10 2.27 20.72 3.13
N ASP B 11 1.63 20.34 2.03
CA ASP B 11 1.17 18.97 1.86
C ASP B 11 1.55 18.44 0.48
N GLU B 12 1.69 17.12 0.38
CA GLU B 12 2.04 16.49 -0.89
C GLU B 12 2.03 14.98 -0.77
N ALA B 13 1.82 14.30 -1.90
CA ALA B 13 1.78 12.85 -1.92
C ALA B 13 3.02 12.26 -1.26
N GLY B 14 2.85 11.78 -0.02
CA GLY B 14 3.97 11.20 0.70
C GLY B 14 3.53 10.50 1.98
N SER B 15 3.14 11.28 2.97
CA SER B 15 2.70 10.73 4.25
C SER B 15 1.18 10.63 4.30
N VAL B 16 0.52 11.01 3.21
CA VAL B 16 -0.93 10.96 3.12
C VAL B 16 -1.40 9.61 2.59
N TYR B 17 -1.07 9.33 1.34
CA TYR B 17 -1.47 8.08 0.70
C TYR B 17 -0.73 6.89 1.33
N ALA B 18 0.45 7.17 1.88
CA ALA B 18 1.26 6.13 2.52
C ALA B 18 0.44 5.34 3.53
N GLY B 19 -0.55 6.01 4.12
CA GLY B 19 -1.40 5.35 5.10
C GLY B 19 -2.12 4.14 4.54
N ILE B 20 -2.39 4.17 3.24
CA ILE B 20 -3.08 3.07 2.58
C ILE B 20 -2.11 1.96 2.22
N LEU B 21 -0.85 2.32 2.00
CA LEU B 21 0.18 1.34 1.65
C LEU B 21 0.31 0.28 2.73
N SER B 22 0.15 0.70 3.98
CA SER B 22 0.25 -0.22 5.12
C SER B 22 -0.57 -1.48 4.88
N TYR B 23 -1.67 -1.34 4.15
CA TYR B 23 -2.55 -2.47 3.86
C TYR B 23 -1.86 -3.45 2.90
N GLY B 24 -1.38 -2.94 1.78
CA GLY B 24 -0.72 -3.78 0.80
C GLY B 24 0.62 -4.29 1.30
N VAL B 25 1.48 -3.37 1.73
CA VAL B 25 2.80 -3.73 2.23
C VAL B 25 2.70 -4.54 3.51
N GLY B 26 1.97 -4.01 4.49
CA GLY B 26 1.80 -4.70 5.76
C GLY B 26 1.32 -6.13 5.57
N PHE B 27 0.32 -6.32 4.73
CA PHE B 27 -0.23 -7.65 4.48
C PHE B 27 0.80 -8.53 3.77
N PHE B 28 1.63 -7.91 2.93
CA PHE B 28 2.65 -8.63 2.19
C PHE B 28 3.63 -9.32 3.14
N LEU B 29 4.17 -8.54 4.08
CA LEU B 29 5.12 -9.07 5.06
C LEU B 29 4.47 -10.12 5.93
N PHE B 30 3.30 -9.80 6.48
CA PHE B 30 2.58 -10.72 7.35
C PHE B 30 2.19 -11.99 6.60
N ILE B 31 1.87 -11.83 5.32
CA ILE B 31 1.49 -12.97 4.48
C ILE B 31 2.70 -13.82 4.14
N LEU B 32 3.84 -13.18 3.96
CA LEU B 32 5.07 -13.88 3.63
C LEU B 32 5.47 -14.84 4.74
N VAL B 33 5.45 -14.34 5.98
CA VAL B 33 5.80 -15.15 7.14
C VAL B 33 4.70 -16.13 7.48
N VAL B 34 3.45 -15.70 7.34
CA VAL B 34 2.30 -16.53 7.63
C VAL B 34 2.16 -17.65 6.61
N ALA B 35 2.12 -17.28 5.33
CA ALA B 35 1.99 -18.26 4.25
C ALA B 35 3.17 -19.22 4.25
N ALA B 36 4.36 -18.70 4.46
CA ALA B 36 5.57 -19.51 4.48
C ALA B 36 5.48 -20.60 5.54
N VAL B 37 5.14 -20.20 6.76
CA VAL B 37 5.01 -21.15 7.86
C VAL B 37 3.90 -22.16 7.60
N THR B 38 2.70 -21.66 7.32
CA THR B 38 1.55 -22.51 7.06
C THR B 38 1.84 -23.47 5.90
N LEU B 39 2.41 -22.93 4.82
CA LEU B 39 2.73 -23.74 3.65
C LEU B 39 3.80 -24.78 3.99
N CYS B 40 4.71 -24.41 4.87
CA CYS B 40 5.78 -25.31 5.28
C CYS B 40 5.25 -26.43 6.17
N ARG B 41 4.41 -26.06 7.13
CA ARG B 41 3.82 -27.03 8.05
C ARG B 41 2.55 -27.63 7.48
N LEU B 42 2.26 -27.30 6.22
CA LEU B 42 1.07 -27.81 5.55
C LEU B 42 1.27 -29.26 5.12
N ARG B 43 2.49 -29.60 4.73
CA ARG B 43 2.80 -30.96 4.31
C ARG B 43 2.49 -31.97 5.40
N LEU A 1 4.47 15.43 27.13
CA LEU A 1 3.08 15.77 26.90
C LEU A 1 2.79 15.92 25.41
N PRO A 2 2.75 14.78 24.69
CA PRO A 2 2.49 14.77 23.25
C PRO A 2 1.05 15.14 22.92
N ALA A 3 0.79 15.45 21.65
CA ALA A 3 -0.54 15.81 21.20
C ALA A 3 -0.70 15.58 19.70
N GLU A 4 -1.94 15.65 19.23
CA GLU A 4 -2.23 15.45 17.82
C GLU A 4 -2.01 16.74 17.02
N GLU A 5 -2.20 16.66 15.72
CA GLU A 5 -2.02 17.82 14.85
C GLU A 5 -2.82 17.67 13.56
N GLU A 6 -3.43 18.77 13.12
CA GLU A 6 -4.23 18.76 11.90
C GLU A 6 -3.44 19.31 10.72
N LEU A 7 -3.80 18.87 9.52
CA LEU A 7 -3.13 19.31 8.31
C LEU A 7 -4.11 19.43 7.14
N VAL A 8 -3.93 20.45 6.32
CA VAL A 8 -4.79 20.67 5.17
C VAL A 8 -4.79 19.47 4.24
N GLU A 9 -5.52 19.56 3.13
CA GLU A 9 -5.60 18.48 2.16
C GLU A 9 -4.84 18.84 0.89
N ALA A 10 -3.74 18.13 0.64
CA ALA A 10 -2.93 18.37 -0.55
C ALA A 10 -2.16 17.11 -0.95
N ASP A 11 -2.59 16.49 -2.04
CA ASP A 11 -1.93 15.27 -2.53
C ASP A 11 -1.61 15.40 -4.02
N GLU A 12 -0.33 15.49 -4.34
CA GLU A 12 0.11 15.60 -5.72
C GLU A 12 0.23 14.23 -6.37
N ALA A 13 1.07 13.38 -5.81
CA ALA A 13 1.27 12.03 -6.33
C ALA A 13 -0.05 11.32 -6.51
N GLY A 14 -0.51 11.22 -7.76
CA GLY A 14 -1.76 10.55 -8.04
C GLY A 14 -1.56 9.22 -8.75
N SER A 15 -0.85 9.25 -9.87
CA SER A 15 -0.60 8.04 -10.64
C SER A 15 0.89 7.71 -10.66
N VAL A 16 1.65 8.37 -9.78
CA VAL A 16 3.09 8.14 -9.69
C VAL A 16 3.41 7.02 -8.72
N TYR A 17 3.12 7.25 -7.44
CA TYR A 17 3.39 6.26 -6.41
C TYR A 17 2.46 5.06 -6.55
N ALA A 18 1.30 5.28 -7.17
CA ALA A 18 0.33 4.22 -7.38
C ALA A 18 0.98 3.00 -8.02
N GLY A 19 2.03 3.23 -8.79
CA GLY A 19 2.73 2.14 -9.46
C GLY A 19 3.30 1.14 -8.47
N ILE A 20 3.63 1.61 -7.27
CA ILE A 20 4.19 0.75 -6.24
C ILE A 20 3.09 0.01 -5.48
N LEU A 21 1.91 0.60 -5.44
CA LEU A 21 0.77 -0.01 -4.75
C LEU A 21 0.43 -1.36 -5.35
N SER A 22 0.62 -1.49 -6.66
CA SER A 22 0.33 -2.74 -7.35
C SER A 22 0.96 -3.92 -6.63
N TYR A 23 2.10 -3.67 -5.99
CA TYR A 23 2.80 -4.73 -5.24
C TYR A 23 2.02 -5.14 -4.02
N GLY A 24 1.66 -4.17 -3.18
CA GLY A 24 0.91 -4.46 -1.99
C GLY A 24 -0.51 -4.92 -2.28
N VAL A 25 -1.24 -4.12 -3.06
CA VAL A 25 -2.61 -4.45 -3.41
C VAL A 25 -2.67 -5.71 -4.28
N GLY A 26 -1.90 -5.71 -5.36
CA GLY A 26 -1.88 -6.85 -6.25
C GLY A 26 -1.62 -8.15 -5.52
N PHE A 27 -0.63 -8.15 -4.63
CA PHE A 27 -0.29 -9.34 -3.85
C PHE A 27 -1.42 -9.71 -2.90
N PHE A 28 -2.11 -8.69 -2.39
CA PHE A 28 -3.21 -8.91 -1.47
C PHE A 28 -4.32 -9.75 -2.11
N LEU A 29 -4.75 -9.33 -3.28
CA LEU A 29 -5.80 -10.04 -4.01
C LEU A 29 -5.35 -11.44 -4.39
N PHE A 30 -4.16 -11.53 -4.99
CA PHE A 30 -3.61 -12.81 -5.41
C PHE A 30 -3.41 -13.74 -4.21
N ILE A 31 -3.02 -13.15 -3.08
CA ILE A 31 -2.79 -13.92 -1.86
C ILE A 31 -4.11 -14.38 -1.26
N LEU A 32 -5.15 -13.55 -1.38
CA LEU A 32 -6.46 -13.87 -0.84
C LEU A 32 -7.03 -15.11 -1.52
N VAL A 33 -6.96 -15.14 -2.85
CA VAL A 33 -7.48 -16.27 -3.61
C VAL A 33 -6.54 -17.47 -3.51
N VAL A 34 -5.25 -17.20 -3.50
CA VAL A 34 -4.24 -18.25 -3.41
C VAL A 34 -4.25 -18.90 -2.03
N ALA A 35 -4.11 -18.08 -1.00
CA ALA A 35 -4.10 -18.56 0.38
C ALA A 35 -5.40 -19.27 0.72
N ALA A 36 -6.52 -18.66 0.34
CA ALA A 36 -7.83 -19.23 0.59
C ALA A 36 -7.94 -20.63 0.02
N VAL A 37 -7.59 -20.78 -1.25
CA VAL A 37 -7.64 -22.07 -1.93
C VAL A 37 -6.65 -23.05 -1.33
N THR A 38 -5.37 -22.65 -1.29
CA THR A 38 -4.32 -23.49 -0.74
C THR A 38 -4.65 -23.93 0.68
N LEU A 39 -5.21 -23.01 1.46
CA LEU A 39 -5.58 -23.31 2.84
C LEU A 39 -6.79 -24.25 2.90
N CYS A 40 -7.69 -24.10 1.94
CA CYS A 40 -8.89 -24.93 1.87
C CYS A 40 -8.54 -26.34 1.41
N ARG A 41 -7.63 -26.44 0.46
CA ARG A 41 -7.20 -27.72 -0.08
C ARG A 41 -6.47 -28.54 0.98
N LEU A 42 -5.89 -27.84 1.96
CA LEU A 42 -5.15 -28.49 3.04
C LEU A 42 -5.96 -28.52 4.32
N ARG A 43 -7.07 -27.77 4.34
CA ARG A 43 -7.93 -27.71 5.50
C ARG A 43 -8.36 -29.11 5.94
N LEU B 1 23.79 34.40 -20.75
CA LEU B 1 22.50 34.03 -21.32
C LEU B 1 21.41 33.99 -20.26
N PRO B 2 20.15 34.10 -20.69
CA PRO B 2 18.99 34.08 -19.78
C PRO B 2 18.77 32.71 -19.17
N ALA B 3 18.51 32.68 -17.86
CA ALA B 3 18.27 31.43 -17.16
C ALA B 3 16.79 31.12 -17.07
N GLU B 4 16.46 29.87 -16.78
CA GLU B 4 15.06 29.44 -16.68
C GLU B 4 14.92 28.31 -15.66
N GLU B 5 13.94 28.45 -14.77
CA GLU B 5 13.70 27.45 -13.75
C GLU B 5 12.20 27.28 -13.50
N GLU B 6 11.74 26.03 -13.48
CA GLU B 6 10.33 25.74 -13.25
C GLU B 6 10.16 24.43 -12.48
N LEU B 7 9.38 24.47 -11.41
CA LEU B 7 9.14 23.29 -10.60
C LEU B 7 7.93 23.49 -9.69
N VAL B 8 7.31 22.38 -9.28
CA VAL B 8 6.15 22.45 -8.41
C VAL B 8 6.45 21.85 -7.03
N GLU B 9 5.80 22.38 -6.01
CA GLU B 9 6.01 21.90 -4.64
C GLU B 9 4.67 21.67 -3.95
N ALA B 10 4.67 20.77 -2.97
CA ALA B 10 3.46 20.45 -2.21
C ALA B 10 3.78 20.21 -0.74
N ASP B 11 2.75 20.30 0.10
CA ASP B 11 2.92 20.09 1.53
C ASP B 11 3.44 18.68 1.82
N GLU B 12 2.62 17.68 1.51
CA GLU B 12 3.00 16.29 1.74
C GLU B 12 2.24 15.36 0.80
N ALA B 13 2.96 14.69 -0.09
CA ALA B 13 2.36 13.77 -1.04
C ALA B 13 2.94 12.36 -0.90
N GLY B 14 3.67 12.15 0.19
CA GLY B 14 4.27 10.84 0.43
C GLY B 14 3.84 10.25 1.76
N SER B 15 3.52 11.11 2.72
CA SER B 15 3.10 10.66 4.03
C SER B 15 1.57 10.61 4.14
N VAL B 16 0.90 10.99 3.05
CA VAL B 16 -0.55 11.00 3.01
C VAL B 16 -1.09 9.66 2.53
N TYR B 17 -0.81 9.34 1.27
CA TYR B 17 -1.27 8.08 0.68
C TYR B 17 -0.56 6.89 1.31
N ALA B 18 0.63 7.14 1.84
CA ALA B 18 1.41 6.08 2.48
C ALA B 18 0.58 5.32 3.51
N GLY B 19 -0.39 6.02 4.10
CA GLY B 19 -1.25 5.38 5.09
C GLY B 19 -2.00 4.20 4.53
N ILE B 20 -2.28 4.22 3.24
CA ILE B 20 -2.99 3.14 2.58
C ILE B 20 -2.05 1.99 2.22
N LEU B 21 -0.78 2.33 1.99
CA LEU B 21 0.22 1.33 1.64
C LEU B 21 0.35 0.28 2.73
N SER B 22 0.18 0.70 3.97
CA SER B 22 0.28 -0.21 5.12
C SER B 22 -0.54 -1.48 4.87
N TYR B 23 -1.65 -1.32 4.16
CA TYR B 23 -2.52 -2.45 3.86
C TYR B 23 -1.85 -3.44 2.91
N GLY B 24 -1.37 -2.92 1.79
CA GLY B 24 -0.71 -3.78 0.81
C GLY B 24 0.63 -4.29 1.32
N VAL B 25 1.49 -3.37 1.75
CA VAL B 25 2.81 -3.75 2.25
C VAL B 25 2.70 -4.56 3.54
N GLY B 26 1.97 -4.02 4.50
CA GLY B 26 1.80 -4.72 5.77
C GLY B 26 1.32 -6.15 5.59
N PHE B 27 0.32 -6.33 4.73
CA PHE B 27 -0.23 -7.65 4.48
C PHE B 27 0.80 -8.54 3.77
N PHE B 28 1.62 -7.92 2.94
CA PHE B 28 2.64 -8.64 2.20
C PHE B 28 3.63 -9.33 3.14
N LEU B 29 4.16 -8.56 4.09
CA LEU B 29 5.11 -9.09 5.06
C LEU B 29 4.46 -10.14 5.95
N PHE B 30 3.29 -9.81 6.49
CA PHE B 30 2.55 -10.72 7.35
C PHE B 30 2.18 -12.00 6.60
N ILE B 31 1.86 -11.84 5.32
CA ILE B 31 1.47 -12.98 4.49
C ILE B 31 2.68 -13.84 4.14
N LEU B 32 3.83 -13.20 3.97
CA LEU B 32 5.06 -13.90 3.64
C LEU B 32 5.46 -14.86 4.76
N VAL B 33 5.42 -14.36 5.99
CA VAL B 33 5.78 -15.17 7.15
C VAL B 33 4.67 -16.15 7.50
N VAL B 34 3.43 -15.70 7.34
CA VAL B 34 2.28 -16.55 7.63
C VAL B 34 2.13 -17.66 6.61
N ALA B 35 2.08 -17.30 5.34
CA ALA B 35 1.96 -18.27 4.25
C ALA B 35 3.12 -19.25 4.25
N ALA B 36 4.34 -18.72 4.40
CA ALA B 36 5.53 -19.54 4.42
C ALA B 36 5.45 -20.61 5.51
N VAL B 37 5.12 -20.19 6.73
CA VAL B 37 5.00 -21.12 7.84
C VAL B 37 3.83 -22.08 7.64
N THR B 38 2.64 -21.53 7.42
CA THR B 38 1.45 -22.34 7.21
C THR B 38 1.67 -23.34 6.09
N LEU B 39 2.33 -22.91 5.02
CA LEU B 39 2.60 -23.76 3.88
C LEU B 39 3.64 -24.83 4.23
N CYS B 40 4.59 -24.46 5.07
CA CYS B 40 5.64 -25.38 5.48
C CYS B 40 5.09 -26.43 6.46
N ARG B 41 4.20 -25.99 7.34
CA ARG B 41 3.61 -26.89 8.32
C ARG B 41 2.71 -27.92 7.65
N LEU B 42 2.23 -27.59 6.45
CA LEU B 42 1.36 -28.48 5.70
C LEU B 42 2.15 -29.63 5.11
N ARG B 43 3.44 -29.41 4.88
CA ARG B 43 4.31 -30.43 4.31
C ARG B 43 4.22 -31.73 5.12
N LEU A 1 5.77 16.55 24.58
CA LEU A 1 4.34 16.74 24.39
C LEU A 1 4.03 17.21 22.97
N PRO A 2 4.23 16.31 21.99
CA PRO A 2 3.99 16.62 20.58
C PRO A 2 2.50 16.76 20.27
N ALA A 3 2.20 17.25 19.08
CA ALA A 3 0.81 17.43 18.66
C ALA A 3 0.66 17.23 17.15
N GLU A 4 -0.55 16.87 16.73
CA GLU A 4 -0.83 16.63 15.31
C GLU A 4 -1.45 17.86 14.68
N GLU A 5 -1.70 17.79 13.37
CA GLU A 5 -2.29 18.90 12.63
C GLU A 5 -3.07 18.40 11.43
N GLU A 6 -3.84 19.30 10.82
CA GLU A 6 -4.65 18.95 9.66
C GLU A 6 -3.81 18.95 8.38
N LEU A 7 -4.39 18.50 7.28
CA LEU A 7 -3.70 18.45 6.00
C LEU A 7 -4.30 19.45 5.02
N VAL A 8 -3.68 19.59 3.85
CA VAL A 8 -4.16 20.50 2.83
C VAL A 8 -4.85 19.75 1.70
N GLU A 9 -5.40 20.50 0.75
CA GLU A 9 -6.10 19.90 -0.39
C GLU A 9 -5.32 20.14 -1.69
N ALA A 10 -4.79 19.07 -2.25
CA ALA A 10 -4.02 19.16 -3.50
C ALA A 10 -4.00 17.81 -4.22
N ASP A 11 -3.43 17.81 -5.41
CA ASP A 11 -3.34 16.59 -6.22
C ASP A 11 -1.90 16.29 -6.60
N GLU A 12 -1.28 15.35 -5.91
CA GLU A 12 0.11 14.97 -6.18
C GLU A 12 0.34 13.49 -5.90
N ALA A 13 1.32 12.91 -6.58
CA ALA A 13 1.64 11.50 -6.41
C ALA A 13 0.44 10.62 -6.74
N GLY A 14 -0.28 10.98 -7.79
CA GLY A 14 -1.44 10.20 -8.20
C GLY A 14 -1.07 8.90 -8.87
N SER A 15 -0.73 8.97 -10.16
CA SER A 15 -0.35 7.78 -10.91
C SER A 15 1.13 7.46 -10.73
N VAL A 16 1.79 8.24 -9.88
CA VAL A 16 3.21 8.04 -9.61
C VAL A 16 3.42 7.09 -8.44
N TYR A 17 2.99 7.52 -7.27
CA TYR A 17 3.14 6.71 -6.06
C TYR A 17 2.23 5.48 -6.12
N ALA A 18 1.10 5.63 -6.81
CA ALA A 18 0.14 4.53 -6.94
C ALA A 18 0.80 3.31 -7.58
N GLY A 19 1.81 3.55 -8.39
CA GLY A 19 2.51 2.45 -9.06
C GLY A 19 3.12 1.48 -8.07
N ILE A 20 3.42 1.96 -6.88
CA ILE A 20 4.01 1.12 -5.84
C ILE A 20 2.95 0.30 -5.11
N LEU A 21 1.72 0.81 -5.11
CA LEU A 21 0.61 0.13 -4.45
C LEU A 21 0.30 -1.19 -5.14
N SER A 22 0.47 -1.23 -6.46
CA SER A 22 0.21 -2.44 -7.23
C SER A 22 0.87 -3.65 -6.58
N TYR A 23 2.03 -3.43 -5.98
CA TYR A 23 2.76 -4.50 -5.33
C TYR A 23 2.02 -5.03 -4.10
N GLY A 24 1.66 -4.11 -3.22
CA GLY A 24 0.92 -4.50 -2.01
C GLY A 24 -0.47 -4.99 -2.32
N VAL A 25 -1.24 -4.18 -3.06
CA VAL A 25 -2.60 -4.54 -3.41
C VAL A 25 -2.64 -5.80 -4.28
N GLY A 26 -1.84 -5.79 -5.34
CA GLY A 26 -1.79 -6.94 -6.23
C GLY A 26 -1.54 -8.24 -5.49
N PHE A 27 -0.54 -8.24 -4.61
CA PHE A 27 -0.22 -9.43 -3.84
C PHE A 27 -1.35 -9.80 -2.90
N PHE A 28 -2.07 -8.80 -2.42
CA PHE A 28 -3.19 -9.03 -1.50
C PHE A 28 -4.27 -9.87 -2.18
N LEU A 29 -4.69 -9.45 -3.36
CA LEU A 29 -5.72 -10.17 -4.11
C LEU A 29 -5.25 -11.57 -4.47
N PHE A 30 -4.06 -11.66 -5.05
CA PHE A 30 -3.49 -12.94 -5.44
C PHE A 30 -3.31 -13.86 -4.23
N ILE A 31 -2.95 -13.27 -3.10
CA ILE A 31 -2.74 -14.03 -1.88
C ILE A 31 -4.07 -14.48 -1.29
N LEU A 32 -5.10 -13.66 -1.43
CA LEU A 32 -6.42 -13.97 -0.92
C LEU A 32 -6.98 -15.22 -1.60
N VAL A 33 -6.89 -15.26 -2.92
CA VAL A 33 -7.38 -16.40 -3.69
C VAL A 33 -6.45 -17.59 -3.56
N VAL A 34 -5.15 -17.32 -3.54
CA VAL A 34 -4.15 -18.37 -3.42
C VAL A 34 -4.17 -19.01 -2.04
N ALA A 35 -4.06 -18.17 -1.01
CA ALA A 35 -4.08 -18.66 0.36
C ALA A 35 -5.39 -19.35 0.69
N ALA A 36 -6.50 -18.77 0.22
CA ALA A 36 -7.82 -19.33 0.47
C ALA A 36 -7.91 -20.76 -0.07
N VAL A 37 -7.51 -20.94 -1.33
CA VAL A 37 -7.56 -22.25 -1.96
C VAL A 37 -6.61 -23.22 -1.26
N THR A 38 -5.34 -22.83 -1.16
CA THR A 38 -4.34 -23.67 -0.51
C THR A 38 -4.76 -24.03 0.91
N LEU A 39 -5.31 -23.06 1.62
CA LEU A 39 -5.75 -23.28 3.00
C LEU A 39 -6.99 -24.16 3.04
N CYS A 40 -7.89 -23.96 2.09
CA CYS A 40 -9.12 -24.73 2.01
C CYS A 40 -8.82 -26.19 1.66
N ARG A 41 -7.91 -26.38 0.72
CA ARG A 41 -7.54 -27.72 0.28
C ARG A 41 -6.82 -28.48 1.39
N LEU A 42 -6.25 -27.73 2.33
CA LEU A 42 -5.53 -28.33 3.45
C LEU A 42 -6.49 -28.98 4.43
N ARG A 43 -7.37 -28.17 5.03
CA ARG A 43 -8.35 -28.67 5.98
C ARG A 43 -9.38 -29.57 5.29
N LEU B 1 17.95 36.64 -21.04
CA LEU B 1 16.95 37.69 -20.98
C LEU B 1 17.33 38.75 -19.95
N PRO B 2 16.82 39.98 -20.16
CA PRO B 2 17.09 41.10 -19.25
C PRO B 2 16.41 40.94 -17.90
N ALA B 3 15.24 40.32 -17.92
CA ALA B 3 14.48 40.09 -16.69
C ALA B 3 14.23 38.61 -16.46
N GLU B 4 14.00 38.23 -15.20
CA GLU B 4 13.75 36.85 -14.85
C GLU B 4 13.10 36.74 -13.47
N GLU B 5 12.66 35.54 -13.12
CA GLU B 5 12.02 35.30 -11.83
C GLU B 5 12.28 33.87 -11.35
N GLU B 6 12.07 33.65 -10.06
CA GLU B 6 12.28 32.32 -9.47
C GLU B 6 11.31 32.09 -8.31
N LEU B 7 10.81 30.86 -8.20
CA LEU B 7 9.89 30.50 -7.14
C LEU B 7 9.87 29.00 -6.92
N VAL B 8 9.27 28.57 -5.80
CA VAL B 8 9.18 27.16 -5.48
C VAL B 8 7.96 26.86 -4.62
N GLU B 9 7.14 25.92 -5.05
CA GLU B 9 5.93 25.55 -4.32
C GLU B 9 5.64 24.06 -4.49
N ALA B 10 5.19 23.43 -3.40
CA ALA B 10 4.86 22.01 -3.42
C ALA B 10 3.64 21.71 -2.56
N ASP B 11 2.97 20.60 -2.86
CA ASP B 11 1.79 20.21 -2.11
C ASP B 11 2.12 19.13 -1.08
N GLU B 12 1.11 18.70 -0.33
CA GLU B 12 1.30 17.66 0.69
C GLU B 12 1.20 16.27 0.08
N ALA B 13 2.35 15.67 -0.22
CA ALA B 13 2.39 14.34 -0.81
C ALA B 13 3.57 13.54 -0.25
N GLY B 14 3.25 12.43 0.42
CA GLY B 14 4.29 11.59 0.98
C GLY B 14 3.78 10.73 2.12
N SER B 15 3.24 11.37 3.16
CA SER B 15 2.73 10.66 4.31
C SER B 15 1.21 10.52 4.23
N VAL B 16 0.63 11.00 3.13
CA VAL B 16 -0.80 10.93 2.92
C VAL B 16 -1.20 9.63 2.21
N TYR B 17 -0.75 9.50 0.97
CA TYR B 17 -1.06 8.31 0.17
C TYR B 17 -0.33 7.09 0.73
N ALA B 18 0.82 7.32 1.33
CA ALA B 18 1.62 6.24 1.91
C ALA B 18 0.82 5.47 2.96
N GLY B 19 -0.13 6.15 3.58
CA GLY B 19 -0.95 5.52 4.59
C GLY B 19 -1.74 4.34 4.06
N ILE B 20 -2.00 4.35 2.76
CA ILE B 20 -2.75 3.28 2.11
C ILE B 20 -1.85 2.10 1.79
N LEU B 21 -0.55 2.36 1.63
CA LEU B 21 0.41 1.32 1.33
C LEU B 21 0.53 0.33 2.49
N SER B 22 0.40 0.83 3.71
CA SER B 22 0.48 0.00 4.90
C SER B 22 -0.38 -1.25 4.76
N TYR B 23 -1.51 -1.10 4.06
CA TYR B 23 -2.42 -2.22 3.86
C TYR B 23 -1.80 -3.28 2.96
N GLY B 24 -1.33 -2.85 1.79
CA GLY B 24 -0.71 -3.78 0.86
C GLY B 24 0.61 -4.33 1.38
N VAL B 25 1.51 -3.43 1.77
CA VAL B 25 2.82 -3.83 2.28
C VAL B 25 2.67 -4.64 3.57
N GLY B 26 1.93 -4.10 4.53
CA GLY B 26 1.73 -4.79 5.79
C GLY B 26 1.25 -6.21 5.60
N PHE B 27 0.24 -6.40 4.76
CA PHE B 27 -0.30 -7.72 4.49
C PHE B 27 0.73 -8.62 3.82
N PHE B 28 1.59 -8.00 3.00
CA PHE B 28 2.62 -8.74 2.29
C PHE B 28 3.58 -9.42 3.26
N LEU B 29 4.10 -8.63 4.21
CA LEU B 29 5.03 -9.16 5.21
C LEU B 29 4.35 -10.22 6.08
N PHE B 30 3.17 -9.88 6.59
CA PHE B 30 2.42 -10.80 7.44
C PHE B 30 2.06 -12.08 6.68
N ILE B 31 1.76 -11.93 5.40
CA ILE B 31 1.39 -13.06 4.56
C ILE B 31 2.62 -13.92 4.23
N LEU B 32 3.76 -13.27 4.08
CA LEU B 32 5.01 -13.96 3.78
C LEU B 32 5.39 -14.93 4.91
N VAL B 33 5.33 -14.43 6.13
CA VAL B 33 5.67 -15.24 7.29
C VAL B 33 4.55 -16.22 7.62
N VAL B 34 3.31 -15.78 7.45
CA VAL B 34 2.15 -16.63 7.72
C VAL B 34 2.04 -17.75 6.69
N ALA B 35 2.02 -17.37 5.41
CA ALA B 35 1.92 -18.35 4.33
C ALA B 35 3.10 -19.31 4.35
N ALA B 36 4.29 -18.77 4.62
CA ALA B 36 5.50 -19.59 4.67
C ALA B 36 5.39 -20.70 5.70
N VAL B 37 5.00 -20.32 6.93
CA VAL B 37 4.85 -21.28 8.00
C VAL B 37 3.79 -22.32 7.67
N THR B 38 2.59 -21.85 7.34
CA THR B 38 1.48 -22.72 7.01
C THR B 38 1.84 -23.64 5.84
N LEU B 39 2.41 -23.06 4.80
CA LEU B 39 2.81 -23.82 3.61
C LEU B 39 3.91 -24.82 3.96
N CYS B 40 4.80 -24.43 4.85
CA CYS B 40 5.89 -25.29 5.27
C CYS B 40 5.38 -26.46 6.11
N ARG B 41 4.50 -26.15 7.06
CA ARG B 41 3.94 -27.18 7.94
C ARG B 41 2.72 -27.83 7.29
N LEU B 42 2.45 -27.47 6.04
CA LEU B 42 1.31 -28.01 5.31
C LEU B 42 1.64 -29.39 4.75
N ARG B 43 2.88 -29.56 4.31
CA ARG B 43 3.32 -30.83 3.74
C ARG B 43 3.39 -31.91 4.82
N LEU A 1 -15.62 20.83 28.74
CA LEU A 1 -15.06 21.93 27.97
C LEU A 1 -15.05 21.59 26.47
N PRO A 2 -14.95 22.62 25.64
CA PRO A 2 -14.93 22.46 24.18
C PRO A 2 -13.63 21.84 23.69
N ALA A 3 -13.67 21.25 22.49
CA ALA A 3 -12.50 20.61 21.92
C ALA A 3 -12.58 20.59 20.39
N GLU A 4 -11.45 20.83 19.74
CA GLU A 4 -11.40 20.84 18.28
C GLU A 4 -9.99 20.51 17.78
N GLU A 5 -9.88 20.22 16.49
CA GLU A 5 -8.59 19.89 15.89
C GLU A 5 -8.55 20.31 14.43
N GLU A 6 -7.36 20.21 13.83
CA GLU A 6 -7.18 20.59 12.43
C GLU A 6 -6.15 19.71 11.75
N LEU A 7 -6.02 19.86 10.44
CA LEU A 7 -5.06 19.06 9.67
C LEU A 7 -4.76 19.73 8.33
N VAL A 8 -3.76 19.20 7.64
CA VAL A 8 -3.37 19.75 6.33
C VAL A 8 -3.62 18.74 5.22
N GLU A 9 -3.36 19.15 3.98
CA GLU A 9 -3.56 18.28 2.83
C GLU A 9 -2.29 18.20 1.99
N ALA A 10 -2.32 17.35 0.97
CA ALA A 10 -1.17 17.17 0.08
C ALA A 10 -1.59 17.21 -1.37
N ASP A 11 -0.61 17.16 -2.26
CA ASP A 11 -0.87 17.19 -3.70
C ASP A 11 0.10 16.30 -4.45
N GLU A 12 -0.09 16.19 -5.77
CA GLU A 12 0.77 15.36 -6.60
C GLU A 12 0.80 13.92 -6.11
N ALA A 13 1.68 13.12 -6.68
CA ALA A 13 1.81 11.72 -6.29
C ALA A 13 0.53 10.95 -6.60
N GLY A 14 0.07 11.03 -7.84
CA GLY A 14 -1.14 10.34 -8.24
C GLY A 14 -0.86 9.01 -8.91
N SER A 15 -0.42 9.06 -10.16
CA SER A 15 -0.12 7.86 -10.92
C SER A 15 1.35 7.45 -10.73
N VAL A 16 2.06 8.21 -9.90
CA VAL A 16 3.47 7.92 -9.63
C VAL A 16 3.62 6.98 -8.46
N TYR A 17 3.20 7.45 -7.28
CA TYR A 17 3.30 6.64 -6.06
C TYR A 17 2.34 5.46 -6.12
N ALA A 18 1.23 5.63 -6.82
CA ALA A 18 0.24 4.57 -6.96
C ALA A 18 0.84 3.33 -7.61
N GLY A 19 1.89 3.54 -8.40
CA GLY A 19 2.55 2.43 -9.07
C GLY A 19 3.14 1.43 -8.09
N ILE A 20 3.45 1.89 -6.88
CA ILE A 20 4.03 1.03 -5.86
C ILE A 20 2.95 0.24 -5.14
N LEU A 21 1.73 0.76 -5.16
CA LEU A 21 0.60 0.10 -4.51
C LEU A 21 0.29 -1.24 -5.17
N SER A 22 0.46 -1.29 -6.49
CA SER A 22 0.20 -2.50 -7.26
C SER A 22 0.85 -3.70 -6.59
N TYR A 23 2.02 -3.49 -5.98
CA TYR A 23 2.75 -4.55 -5.32
C TYR A 23 2.00 -5.06 -4.10
N GLY A 24 1.63 -4.13 -3.21
CA GLY A 24 0.91 -4.50 -2.01
C GLY A 24 -0.49 -4.98 -2.30
N VAL A 25 -1.25 -4.18 -3.05
CA VAL A 25 -2.62 -4.53 -3.39
C VAL A 25 -2.67 -5.79 -4.26
N GLY A 26 -1.88 -5.79 -5.33
CA GLY A 26 -1.84 -6.93 -6.22
C GLY A 26 -1.59 -8.23 -5.48
N PHE A 27 -0.59 -8.22 -4.60
CA PHE A 27 -0.26 -9.42 -3.84
C PHE A 27 -1.39 -9.79 -2.88
N PHE A 28 -2.10 -8.78 -2.39
CA PHE A 28 -3.22 -9.01 -1.48
C PHE A 28 -4.30 -9.85 -2.13
N LEU A 29 -4.73 -9.43 -3.32
CA LEU A 29 -5.77 -10.15 -4.06
C LEU A 29 -5.30 -11.54 -4.44
N PHE A 30 -4.10 -11.63 -5.02
CA PHE A 30 -3.54 -12.91 -5.43
C PHE A 30 -3.36 -13.83 -4.23
N ILE A 31 -2.98 -13.25 -3.09
CA ILE A 31 -2.77 -14.02 -1.88
C ILE A 31 -4.10 -14.48 -1.28
N LEU A 32 -5.12 -13.64 -1.41
CA LEU A 32 -6.44 -13.96 -0.89
C LEU A 32 -7.01 -15.21 -1.57
N VAL A 33 -6.93 -15.24 -2.90
CA VAL A 33 -7.43 -16.38 -3.66
C VAL A 33 -6.50 -17.57 -3.55
N VAL A 34 -5.19 -17.30 -3.53
CA VAL A 34 -4.19 -18.36 -3.43
C VAL A 34 -4.21 -19.00 -2.05
N ALA A 35 -4.10 -18.17 -1.02
CA ALA A 35 -4.10 -18.66 0.36
C ALA A 35 -5.41 -19.37 0.68
N ALA A 36 -6.53 -18.77 0.25
CA ALA A 36 -7.85 -19.33 0.50
C ALA A 36 -7.95 -20.75 -0.07
N VAL A 37 -7.52 -20.91 -1.32
CA VAL A 37 -7.57 -22.21 -1.97
C VAL A 37 -6.60 -23.19 -1.32
N THR A 38 -5.33 -22.81 -1.23
CA THR A 38 -4.32 -23.64 -0.63
C THR A 38 -4.70 -24.04 0.80
N LEU A 39 -5.25 -23.10 1.54
CA LEU A 39 -5.67 -23.34 2.92
C LEU A 39 -6.91 -24.23 2.96
N CYS A 40 -7.93 -23.84 2.21
CA CYS A 40 -9.18 -24.61 2.16
C CYS A 40 -8.91 -26.04 1.72
N ARG A 41 -7.99 -26.20 0.78
CA ARG A 41 -7.65 -27.53 0.27
C ARG A 41 -6.54 -28.16 1.10
N LEU A 42 -6.03 -27.41 2.08
CA LEU A 42 -4.96 -27.90 2.94
C LEU A 42 -5.43 -29.08 3.79
N ARG A 43 -6.75 -29.14 4.01
CA ARG A 43 -7.32 -30.21 4.81
C ARG A 43 -7.08 -31.57 4.14
N LEU B 1 36.55 32.89 -1.21
CA LEU B 1 35.53 31.98 -0.70
C LEU B 1 34.44 31.74 -1.73
N PRO B 2 34.79 31.05 -2.82
CA PRO B 2 33.86 30.74 -3.91
C PRO B 2 32.80 29.72 -3.48
N ALA B 3 31.54 30.15 -3.47
CA ALA B 3 30.45 29.28 -3.08
C ALA B 3 29.30 29.38 -4.08
N GLU B 4 28.37 28.42 -4.01
CA GLU B 4 27.22 28.40 -4.90
C GLU B 4 26.06 27.64 -4.28
N GLU B 5 24.87 28.22 -4.35
CA GLU B 5 23.68 27.60 -3.79
C GLU B 5 22.50 27.72 -4.76
N GLU B 6 21.43 26.97 -4.48
CA GLU B 6 20.24 26.99 -5.32
C GLU B 6 18.99 26.75 -4.49
N LEU B 7 17.85 27.21 -5.01
CA LEU B 7 16.58 27.05 -4.32
C LEU B 7 15.92 25.72 -4.69
N VAL B 8 15.50 24.97 -3.68
CA VAL B 8 14.85 23.68 -3.89
C VAL B 8 13.79 23.41 -2.84
N GLU B 9 12.56 23.16 -3.28
CA GLU B 9 11.45 22.89 -2.36
C GLU B 9 10.83 21.54 -2.67
N ALA B 10 10.52 20.79 -1.62
CA ALA B 10 9.91 19.47 -1.77
C ALA B 10 8.62 19.37 -0.95
N ASP B 11 7.49 19.30 -1.65
CA ASP B 11 6.20 19.20 -0.98
C ASP B 11 5.21 18.42 -1.86
N GLU B 12 4.75 17.28 -1.34
CA GLU B 12 3.81 16.45 -2.07
C GLU B 12 3.34 15.28 -1.21
N ALA B 13 2.40 14.50 -1.73
CA ALA B 13 1.86 13.36 -1.02
C ALA B 13 2.97 12.45 -0.50
N GLY B 14 3.20 12.48 0.80
CA GLY B 14 4.24 11.66 1.40
C GLY B 14 3.71 10.78 2.51
N SER B 15 2.95 11.37 3.43
CA SER B 15 2.39 10.62 4.55
C SER B 15 0.88 10.45 4.39
N VAL B 16 0.35 10.94 3.28
CA VAL B 16 -1.08 10.84 2.99
C VAL B 16 -1.40 9.55 2.25
N TYR B 17 -0.91 9.44 1.02
CA TYR B 17 -1.14 8.26 0.20
C TYR B 17 -0.39 7.06 0.75
N ALA B 18 0.74 7.31 1.39
CA ALA B 18 1.55 6.24 1.97
C ALA B 18 0.77 5.48 3.03
N GLY B 19 -0.23 6.13 3.61
CA GLY B 19 -1.04 5.49 4.63
C GLY B 19 -1.81 4.30 4.11
N ILE B 20 -2.08 4.29 2.81
CA ILE B 20 -2.81 3.21 2.18
C ILE B 20 -1.89 2.04 1.85
N LEU B 21 -0.59 2.34 1.71
CA LEU B 21 0.40 1.31 1.41
C LEU B 21 0.51 0.31 2.55
N SER B 22 0.37 0.80 3.77
CA SER B 22 0.47 -0.06 4.95
C SER B 22 -0.39 -1.31 4.79
N TYR B 23 -1.52 -1.16 4.10
CA TYR B 23 -2.43 -2.27 3.88
C TYR B 23 -1.80 -3.32 2.96
N GLY B 24 -1.33 -2.87 1.80
CA GLY B 24 -0.71 -3.78 0.85
C GLY B 24 0.61 -4.33 1.35
N VAL B 25 1.51 -3.43 1.75
CA VAL B 25 2.83 -3.83 2.25
C VAL B 25 2.69 -4.64 3.53
N GLY B 26 1.96 -4.10 4.50
CA GLY B 26 1.77 -4.80 5.76
C GLY B 26 1.29 -6.23 5.57
N PHE B 27 0.28 -6.41 4.73
CA PHE B 27 -0.26 -7.74 4.47
C PHE B 27 0.76 -8.61 3.77
N PHE B 28 1.61 -8.00 2.95
CA PHE B 28 2.65 -8.73 2.23
C PHE B 28 3.61 -9.41 3.19
N LEU B 29 4.14 -8.64 4.13
CA LEU B 29 5.07 -9.17 5.13
C LEU B 29 4.40 -10.23 6.01
N PHE B 30 3.23 -9.89 6.53
CA PHE B 30 2.48 -10.81 7.39
C PHE B 30 2.12 -12.08 6.63
N ILE B 31 1.80 -11.93 5.35
CA ILE B 31 1.44 -13.07 4.52
C ILE B 31 2.66 -13.92 4.18
N LEU B 32 3.80 -13.27 4.03
CA LEU B 32 5.05 -13.97 3.71
C LEU B 32 5.43 -14.93 4.83
N VAL B 33 5.38 -14.43 6.06
CA VAL B 33 5.73 -15.24 7.22
C VAL B 33 4.61 -16.23 7.55
N VAL B 34 3.37 -15.79 7.39
CA VAL B 34 2.21 -16.63 7.67
C VAL B 34 2.09 -17.76 6.64
N ALA B 35 2.07 -17.38 5.36
CA ALA B 35 1.96 -18.35 4.28
C ALA B 35 3.12 -19.32 4.30
N ALA B 36 4.33 -18.79 4.49
CA ALA B 36 5.53 -19.61 4.53
C ALA B 36 5.43 -20.70 5.60
N VAL B 37 5.06 -20.29 6.81
CA VAL B 37 4.93 -21.22 7.92
C VAL B 37 3.79 -22.21 7.67
N THR B 38 2.61 -21.68 7.41
CA THR B 38 1.43 -22.51 7.15
C THR B 38 1.70 -23.49 6.01
N LEU B 39 2.37 -23.01 4.97
CA LEU B 39 2.68 -23.84 3.81
C LEU B 39 3.75 -24.88 4.16
N CYS B 40 4.79 -24.43 4.87
CA CYS B 40 5.87 -25.31 5.27
C CYS B 40 5.37 -26.42 6.19
N ARG B 41 4.53 -26.05 7.14
CA ARG B 41 3.98 -27.01 8.09
C ARG B 41 3.04 -28.00 7.39
N LEU B 42 2.52 -27.60 6.23
CA LEU B 42 1.63 -28.44 5.46
C LEU B 42 2.40 -29.53 4.72
N ARG B 43 3.60 -29.19 4.25
CA ARG B 43 4.44 -30.13 3.53
C ARG B 43 5.25 -30.98 4.51
#